data_8CLG
#
_entry.id   8CLG
#
_cell.length_a   106.760
_cell.length_b   160.760
_cell.length_c   180.960
_cell.angle_alpha   90.00
_cell.angle_beta   90.00
_cell.angle_gamma   90.00
#
_symmetry.space_group_name_H-M   'P 21 21 21'
#
loop_
_entity.id
_entity.type
_entity.pdbx_description
1 polymer 'Tubulin alpha-1B chain'
2 polymer 'Tubulin beta-2B chain'
3 polymer Stathmin-4
4 polymer 'Tubulin-Tyrosine Ligase'
5 non-polymer "GUANOSINE-5'-TRIPHOSPHATE"
6 non-polymer 'MAGNESIUM ION'
7 non-polymer 'CALCIUM ION'
8 non-polymer 'EPOTHILONE A'
9 non-polymer N-[(7S)-1,2,3,10-tetramethoxy-9-oxo-6,7-dihydro-5H-benzo[d]heptalen-7-yl]ethanamide
10 non-polymer "GUANOSINE-5'-DIPHOSPHATE"
11 non-polymer 'PHOSPHOMETHYLPHOSPHONIC ACID ADENYLATE ESTER'
12 water water
#
loop_
_entity_poly.entity_id
_entity_poly.type
_entity_poly.pdbx_seq_one_letter_code
_entity_poly.pdbx_strand_id
1 'polypeptide(L)'
;MRECISIHVGQAGVQIGNACWELYCLEHGIQPDGQMPSDKTIGGGDDSFNTFFSETGAGKHVPRAVFVDLEPTVIDEVRT
GTYRQLFHPEQLITGKEDAANNYARGHYTIGKEIIDLVLDRIRKLADQCTGLQGFLVFHSFGGGTGSGFTSLLMERLSVD
YGKKSKLEFSIYPAPQVSTAVVEPYNSILTTHTTLEHSDCAFMVDNEAIYDICRRNLDIERPTYTNLNRLISQIVSSITA
SLRFDGALNVDLTEFQTNLVPYPRIHFPLATYAPVISAEKAYHEQLSVAEITNACFEPANQMVKCDPRHGKYMACCLLYR
GDVVPKDVNAAIATIKTKRSIQFVDWCPTGFKVGINYQPPTVVPGGDLAKVQRAVCMLSNTTAIAEAWARLDHKFDLMYA
KRAFVHWYVGEGMEEGEFSEAREDMAALEKDYEEVGVDSV
;
A,C
2 'polypeptide(L)'
;MREIVHIQAGQCGNQIGAKFWEVISDEHGIDPTGSYHGDSDLQLERINVYYNEATGNKYVPRAILVDLEPGTMDSVRSGP
FGQIFRPDNFVFGQSGAGNNWAKGHYTEGAELVDSVLDVVRKESESCDCLQGFQLTHSLGGGTGSGMGTLLISKIREEYP
DRIMNTFSVMPSPKVSDTVVEPYNATLSVHQLVENTDETYCIDNEALYDICFRTLKLTTPTYGDLNHLVSATMSGVTTCL
RFPGQLNADLRKLAVNMVPFPRLHFFMPGFAPLTSRGSQQYRALTVPELTQQMFDSKNMMAACDPRHGRYLTVAAIFRGR
MSMKEVDEQMLNVQNKNSSYFVEWIPNNVKTAVCDIPPRGLKMSATFIGNSTAIQELFKRISEQFTAMFRRKAFLHWYTG
EGMDEMEFTEAESNMNDLVSEYQQYQDATAD
;
B,D
3 'polypeptide(L)'
;MEVIELNKCTSGQSFEVILKPPSDPSLEEIQKKLEAAEERRKYQEAELLKHLAEKREHEREVIQKAIEENNNFIKMAKEK
LAQKMESNKENREAHLAAMLERLQEKDKHAEEVRKNKELKEEA
;
E
4 'polypeptide(L)'
;MYTFVVRDENSSVYAEVSRLLLATGQWKRLRKDNPRFNLMLGERNRLPFGRLGHEPGLVQLVNYYRGADKLCRKASLVKL
IKTSPELSESCTWFPESYVIYPTNLTDEREVFLAAYNRRREGREGNVWIAKSSAGAKGEGILISSEASELLDFIDEQGQV
HVIQKYLEKPLLLEPGHRKFDIRSWVLVDHLYNIYLYREGVLRTSSEPYNSANFQDKTCHLTNHCIQKEYSKNYGRYEEG
NEMFFEEFNQYLMDALNTTLENSILLQIKHIIRSCLMCIEPAISTKHLHYQSFQLFGFDFMVDEELKVWLIEVNGAPACA
QKLYAELCQGIVDVAISSVFPLAPTSIFIKL
;
F
#
loop_
_chem_comp.id
_chem_comp.type
_chem_comp.name
_chem_comp.formula
ACP non-polymer 'PHOSPHOMETHYLPHOSPHONIC ACID ADENYLATE ESTER' 'C11 H18 N5 O12 P3'
CA non-polymer 'CALCIUM ION' 'Ca 2'
EP non-polymer 'EPOTHILONE A' 'C26 H39 N O6 S'
GDP RNA linking GUANOSINE-5'-DIPHOSPHATE 'C10 H15 N5 O11 P2'
GTP non-polymer GUANOSINE-5'-TRIPHOSPHATE 'C10 H16 N5 O14 P3'
LOC non-polymer N-[(7S)-1,2,3,10-tetramethoxy-9-oxo-6,7-dihydro-5H-benzo[d]heptalen-7-yl]ethanamide 'C22 H25 N O6'
MG non-polymer 'MAGNESIUM ION' 'Mg 2'
#
# COMPACT_ATOMS: atom_id res chain seq x y z
N MET A 1 -24.21 62.19 -31.08
CA MET A 1 -23.77 61.42 -29.89
C MET A 1 -22.70 60.42 -30.29
N ARG A 2 -21.55 60.47 -29.63
CA ARG A 2 -20.53 59.40 -29.86
C ARG A 2 -20.83 58.32 -28.83
N GLU A 3 -21.01 57.07 -29.26
CA GLU A 3 -21.47 56.01 -28.31
C GLU A 3 -20.31 55.22 -27.70
N CYS A 4 -20.53 54.65 -26.52
CA CYS A 4 -19.52 53.86 -25.84
C CYS A 4 -20.07 52.49 -25.50
N ILE A 5 -19.27 51.45 -25.74
CA ILE A 5 -19.71 50.06 -25.60
C ILE A 5 -18.95 49.45 -24.42
N SER A 6 -19.69 48.84 -23.49
CA SER A 6 -19.09 48.21 -22.31
C SER A 6 -19.03 46.71 -22.48
N ILE A 7 -17.87 46.13 -22.19
CA ILE A 7 -17.66 44.70 -22.27
C ILE A 7 -17.28 44.23 -20.87
N HIS A 8 -18.04 43.26 -20.34
CA HIS A 8 -17.82 42.73 -19.00
C HIS A 8 -17.40 41.26 -19.12
N VAL A 9 -16.19 40.95 -18.67
CA VAL A 9 -15.56 39.64 -18.91
C VAL A 9 -15.26 38.92 -17.61
N GLY A 10 -15.74 37.68 -17.50
CA GLY A 10 -15.50 36.87 -16.32
C GLY A 10 -16.41 37.23 -15.17
N GLN A 11 -16.28 36.48 -14.07
CA GLN A 11 -17.13 36.70 -12.91
C GLN A 11 -17.01 38.13 -12.38
N ALA A 12 -15.77 38.60 -12.13
CA ALA A 12 -15.60 39.92 -11.55
C ALA A 12 -16.15 41.01 -12.46
N GLY A 13 -15.86 40.91 -13.77
CA GLY A 13 -16.36 41.89 -14.72
C GLY A 13 -17.88 41.91 -14.79
N VAL A 14 -18.50 40.72 -14.78
CA VAL A 14 -19.95 40.62 -14.87
C VAL A 14 -20.61 41.18 -13.61
N GLN A 15 -20.14 40.80 -12.43
CA GLN A 15 -20.77 41.27 -11.21
C GLN A 15 -20.58 42.78 -11.00
N ILE A 16 -19.39 43.28 -11.33
CA ILE A 16 -19.19 44.72 -11.28
C ILE A 16 -20.08 45.41 -12.31
N GLY A 17 -20.21 44.81 -13.51
CA GLY A 17 -21.10 45.36 -14.52
C GLY A 17 -22.54 45.44 -14.05
N ASN A 18 -23.03 44.38 -13.42
CA ASN A 18 -24.36 44.43 -12.84
C ASN A 18 -24.51 45.64 -11.95
N ALA A 19 -23.58 45.80 -11.01
CA ALA A 19 -23.67 46.91 -10.07
C ALA A 19 -23.66 48.26 -10.78
N CYS A 20 -22.80 48.41 -11.79
CA CYS A 20 -22.68 49.68 -12.51
C CYS A 20 -23.96 50.01 -13.28
N TRP A 21 -24.51 49.04 -14.01
CA TRP A 21 -25.71 49.35 -14.81
C TRP A 21 -26.92 49.60 -13.91
N GLU A 22 -26.97 48.92 -12.76
CA GLU A 22 -28.00 49.25 -11.78
C GLU A 22 -27.88 50.72 -11.41
N LEU A 23 -26.67 51.14 -11.04
CA LEU A 23 -26.44 52.52 -10.63
C LEU A 23 -26.66 53.51 -11.77
N TYR A 24 -26.29 53.16 -13.00
CA TYR A 24 -26.56 54.04 -14.13
C TYR A 24 -28.06 54.27 -14.26
N CYS A 25 -28.85 53.20 -14.18
CA CYS A 25 -30.29 53.34 -14.31
C CYS A 25 -30.84 54.24 -13.21
N LEU A 26 -30.35 54.08 -11.97
CA LEU A 26 -30.80 54.97 -10.91
C LEU A 26 -30.41 56.41 -11.18
N GLU A 27 -29.18 56.63 -11.63
CA GLU A 27 -28.74 58.01 -11.88
C GLU A 27 -29.50 58.68 -13.00
N HIS A 28 -29.92 57.95 -14.02
CA HIS A 28 -30.62 58.58 -15.14
C HIS A 28 -32.11 58.40 -15.03
N GLY A 29 -32.60 57.77 -13.97
CA GLY A 29 -34.02 57.57 -13.83
C GLY A 29 -34.59 56.61 -14.85
N ILE A 30 -33.87 55.52 -15.13
CA ILE A 30 -34.31 54.48 -16.04
C ILE A 30 -34.85 53.34 -15.18
N GLN A 31 -36.08 52.92 -15.47
CA GLN A 31 -36.76 51.87 -14.73
C GLN A 31 -36.14 50.50 -15.05
N PRO A 32 -36.27 49.52 -14.14
CA PRO A 32 -35.81 48.15 -14.47
C PRO A 32 -36.49 47.64 -15.72
N ASP A 33 -37.73 48.10 -15.90
CA ASP A 33 -38.50 47.90 -17.11
C ASP A 33 -37.72 48.32 -18.37
N GLY A 34 -37.00 49.43 -18.31
CA GLY A 34 -36.27 49.95 -19.44
C GLY A 34 -36.89 51.24 -19.92
N GLN A 35 -38.04 51.59 -19.38
CA GLN A 35 -38.71 52.83 -19.68
C GLN A 35 -38.02 53.97 -18.93
N MET A 36 -38.04 55.16 -19.54
CA MET A 36 -37.44 56.36 -18.96
C MET A 36 -38.42 57.51 -19.10
N PRO A 37 -39.31 57.68 -18.12
CA PRO A 37 -40.36 58.71 -18.25
C PRO A 37 -39.82 60.08 -18.65
N SER A 38 -38.72 60.55 -18.05
CA SER A 38 -38.18 61.87 -18.35
C SER A 38 -37.73 62.05 -19.80
N ASP A 39 -37.47 60.96 -20.52
CA ASP A 39 -37.06 61.04 -21.92
C ASP A 39 -38.29 61.24 -22.81
N LYS A 40 -38.43 62.45 -23.36
CA LYS A 40 -39.58 62.79 -24.19
C LYS A 40 -39.38 62.39 -25.65
N THR A 41 -38.13 62.16 -26.06
CA THR A 41 -37.80 61.66 -27.40
C THR A 41 -37.95 60.15 -27.38
N ILE A 42 -38.96 59.64 -28.06
CA ILE A 42 -39.21 58.21 -28.07
C ILE A 42 -38.44 57.60 -29.22
N GLY A 43 -37.76 56.48 -28.94
CA GLY A 43 -37.08 55.76 -30.00
C GLY A 43 -35.82 56.42 -30.55
N GLY A 44 -35.20 57.34 -29.83
CA GLY A 44 -33.98 57.96 -30.31
C GLY A 44 -33.73 59.29 -29.65
N GLY A 45 -32.55 59.84 -29.93
CA GLY A 45 -32.17 61.13 -29.37
C GLY A 45 -30.66 61.31 -29.38
N ASP A 46 -30.26 62.53 -29.02
CA ASP A 46 -28.84 62.91 -28.95
C ASP A 46 -28.46 63.40 -27.56
N ASP A 47 -29.11 62.88 -26.53
CA ASP A 47 -28.81 63.29 -25.18
C ASP A 47 -27.47 62.66 -24.75
N SER A 48 -26.93 63.16 -23.63
CA SER A 48 -25.64 62.65 -23.16
C SER A 48 -25.74 61.19 -22.74
N PHE A 49 -26.87 60.78 -22.19
CA PHE A 49 -27.05 59.41 -21.75
C PHE A 49 -27.13 58.44 -22.91
N ASN A 50 -27.42 58.93 -24.11
CA ASN A 50 -27.47 58.03 -25.24
C ASN A 50 -26.11 57.44 -25.56
N THR A 51 -25.04 57.97 -24.97
CA THR A 51 -23.72 57.35 -25.14
CA THR A 51 -23.72 57.36 -25.12
C THR A 51 -23.68 55.93 -24.59
N PHE A 52 -24.50 55.64 -23.57
CA PHE A 52 -24.50 54.34 -22.91
C PHE A 52 -25.75 53.52 -23.13
N PHE A 53 -26.87 54.15 -23.51
CA PHE A 53 -28.16 53.49 -23.71
C PHE A 53 -28.70 53.72 -25.12
N SER A 54 -29.12 52.64 -25.78
CA SER A 54 -29.88 52.76 -27.01
C SER A 54 -31.38 52.83 -26.71
N GLU A 55 -32.20 53.01 -27.75
CA GLU A 55 -33.63 53.13 -27.56
C GLU A 55 -34.38 52.33 -28.61
N THR A 56 -35.49 51.75 -28.19
CA THR A 56 -36.42 51.03 -29.04
C THR A 56 -37.63 51.88 -29.35
N GLY A 57 -38.35 51.50 -30.40
CA GLY A 57 -39.54 52.25 -30.75
C GLY A 57 -40.58 52.19 -29.67
N ALA A 58 -40.45 51.26 -28.73
CA ALA A 58 -41.36 51.06 -27.62
C ALA A 58 -40.89 51.76 -26.37
N GLY A 59 -39.82 52.55 -26.45
CA GLY A 59 -39.37 53.32 -25.31
C GLY A 59 -38.50 52.55 -24.35
N LYS A 60 -37.97 51.41 -24.76
CA LYS A 60 -37.06 50.66 -23.91
C LYS A 60 -35.65 51.21 -24.10
N HIS A 61 -34.95 51.44 -22.99
CA HIS A 61 -33.59 51.98 -22.99
C HIS A 61 -32.61 50.84 -22.72
N VAL A 62 -31.84 50.47 -23.74
CA VAL A 62 -31.01 49.26 -23.70
C VAL A 62 -29.54 49.58 -23.44
N PRO A 63 -28.93 49.05 -22.40
CA PRO A 63 -27.49 49.27 -22.18
C PRO A 63 -26.67 48.84 -23.39
N ARG A 64 -25.72 49.70 -23.78
CA ARG A 64 -24.76 49.36 -24.84
C ARG A 64 -23.66 48.49 -24.21
N ALA A 65 -24.03 47.24 -23.92
CA ALA A 65 -23.15 46.36 -23.16
C ALA A 65 -23.18 44.93 -23.66
N VAL A 66 -22.10 44.21 -23.36
CA VAL A 66 -21.99 42.77 -23.63
CA VAL A 66 -21.98 42.77 -23.64
C VAL A 66 -21.38 42.10 -22.41
N PHE A 67 -21.92 40.94 -22.04
CA PHE A 67 -21.46 40.15 -20.91
C PHE A 67 -20.94 38.82 -21.43
N VAL A 68 -19.68 38.49 -21.09
CA VAL A 68 -19.07 37.23 -21.52
CA VAL A 68 -19.08 37.24 -21.53
C VAL A 68 -18.57 36.49 -20.30
N ASP A 69 -19.02 35.25 -20.15
CA ASP A 69 -18.38 34.38 -19.18
C ASP A 69 -18.31 32.98 -19.77
N LEU A 70 -17.25 32.25 -19.42
CA LEU A 70 -17.02 30.96 -20.04
C LEU A 70 -17.81 29.86 -19.33
N GLU A 71 -18.44 30.17 -18.20
CA GLU A 71 -19.39 29.28 -17.55
C GLU A 71 -20.63 30.09 -17.22
N PRO A 72 -21.79 29.44 -17.06
CA PRO A 72 -23.06 30.16 -17.08
C PRO A 72 -23.62 30.67 -15.76
N THR A 73 -23.12 30.21 -14.62
CA THR A 73 -23.85 30.46 -13.37
C THR A 73 -23.88 31.94 -13.01
N VAL A 74 -22.87 32.73 -13.39
CA VAL A 74 -22.86 34.15 -13.04
C VAL A 74 -23.76 34.98 -13.97
N ILE A 75 -23.72 34.73 -15.28
CA ILE A 75 -24.60 35.46 -16.17
C ILE A 75 -26.06 35.06 -15.95
N ASP A 76 -26.30 33.82 -15.55
CA ASP A 76 -27.66 33.39 -15.19
C ASP A 76 -28.27 34.36 -14.19
N GLU A 77 -27.45 34.87 -13.28
CA GLU A 77 -27.93 35.80 -12.28
C GLU A 77 -28.42 37.09 -12.90
N VAL A 78 -27.72 37.56 -13.94
CA VAL A 78 -28.18 38.71 -14.70
C VAL A 78 -29.51 38.41 -15.37
N ARG A 79 -29.65 37.20 -15.93
CA ARG A 79 -30.87 36.81 -16.64
C ARG A 79 -32.10 36.77 -15.74
N THR A 80 -31.96 36.17 -14.56
CA THR A 80 -33.08 36.00 -13.64
CA THR A 80 -33.08 36.00 -13.64
C THR A 80 -33.07 37.03 -12.52
N GLY A 81 -32.60 38.24 -12.81
CA GLY A 81 -32.50 39.20 -11.74
C GLY A 81 -33.36 40.43 -11.90
N THR A 82 -33.11 41.44 -11.07
CA THR A 82 -33.92 42.64 -11.07
C THR A 82 -33.94 43.34 -12.43
N TYR A 83 -32.76 43.51 -13.04
CA TYR A 83 -32.67 44.24 -14.31
C TYR A 83 -32.61 43.30 -15.50
N ARG A 84 -33.33 42.18 -15.41
CA ARG A 84 -33.29 41.17 -16.47
C ARG A 84 -33.91 41.71 -17.73
N GLN A 85 -34.90 42.55 -17.59
CA GLN A 85 -35.63 43.08 -18.73
C GLN A 85 -34.83 44.15 -19.47
N LEU A 86 -33.77 44.67 -18.84
CA LEU A 86 -32.93 45.70 -19.44
C LEU A 86 -32.18 45.17 -20.66
N PHE A 87 -31.65 43.96 -20.55
CA PHE A 87 -30.85 43.39 -21.62
C PHE A 87 -31.66 42.40 -22.46
N HIS A 88 -31.21 42.23 -23.62
CA HIS A 88 -31.72 41.19 -24.46
C HIS A 88 -30.69 40.10 -24.72
N PRO A 89 -31.20 38.90 -24.98
CA PRO A 89 -30.36 37.69 -24.99
C PRO A 89 -29.08 37.75 -25.78
N GLU A 90 -29.04 38.44 -26.92
CA GLU A 90 -27.82 38.50 -27.71
C GLU A 90 -26.66 39.09 -26.93
N GLN A 91 -26.94 39.87 -25.89
CA GLN A 91 -25.92 40.56 -25.10
C GLN A 91 -25.24 39.69 -24.05
N LEU A 92 -25.81 38.54 -23.72
CA LEU A 92 -25.26 37.69 -22.67
C LEU A 92 -24.73 36.40 -23.28
N ILE A 93 -23.40 36.28 -23.33
CA ILE A 93 -22.73 35.11 -23.96
C ILE A 93 -22.14 34.23 -22.86
N THR A 94 -22.64 32.99 -22.74
CA THR A 94 -22.15 32.05 -21.71
C THR A 94 -21.50 30.84 -22.40
N GLY A 95 -20.58 30.18 -21.71
CA GLY A 95 -19.95 28.96 -22.25
C GLY A 95 -20.33 27.78 -21.37
N LYS A 96 -19.66 26.65 -21.54
CA LYS A 96 -20.02 25.46 -20.78
C LYS A 96 -19.09 25.23 -19.60
N GLU A 97 -17.76 25.26 -19.81
CA GLU A 97 -16.78 25.08 -18.75
C GLU A 97 -15.80 26.25 -18.79
N ASP A 98 -15.33 26.69 -17.61
CA ASP A 98 -14.51 27.89 -17.49
C ASP A 98 -13.03 27.61 -17.71
N ALA A 99 -12.23 28.65 -17.52
CA ALA A 99 -10.80 28.62 -17.76
C ALA A 99 -9.98 28.09 -16.58
N ALA A 100 -10.66 27.65 -15.50
CA ALA A 100 -10.02 27.01 -14.34
C ALA A 100 -8.87 27.82 -13.73
N ASN A 101 -9.06 29.14 -13.63
CA ASN A 101 -8.02 30.01 -13.09
C ASN A 101 -6.72 29.89 -13.87
N ASN A 102 -6.80 29.56 -15.14
CA ASN A 102 -5.64 29.30 -15.97
C ASN A 102 -5.65 30.26 -17.16
N TYR A 103 -4.72 31.23 -17.15
CA TYR A 103 -4.61 32.20 -18.24
C TYR A 103 -4.55 31.52 -19.60
N ALA A 104 -3.70 30.48 -19.72
CA ALA A 104 -3.53 29.77 -20.99
C ALA A 104 -4.84 29.15 -21.47
N ARG A 105 -5.65 28.64 -20.54
CA ARG A 105 -6.91 28.01 -20.90
C ARG A 105 -7.93 29.05 -21.38
N GLY A 106 -7.90 30.24 -20.81
CA GLY A 106 -8.85 31.26 -21.21
C GLY A 106 -8.42 31.90 -22.52
N HIS A 107 -7.11 32.06 -22.72
CA HIS A 107 -6.59 32.73 -23.90
C HIS A 107 -6.52 31.75 -25.07
N TYR A 108 -5.87 30.61 -24.88
CA TYR A 108 -5.65 29.68 -25.99
C TYR A 108 -6.77 28.66 -26.13
N THR A 109 -6.94 27.79 -25.14
CA THR A 109 -7.85 26.67 -25.33
C THR A 109 -9.30 27.09 -25.56
N ILE A 110 -9.91 27.75 -24.57
CA ILE A 110 -11.32 28.08 -24.69
C ILE A 110 -11.55 29.37 -25.47
N GLY A 111 -10.65 30.34 -25.36
CA GLY A 111 -10.85 31.58 -26.08
C GLY A 111 -10.95 31.37 -27.59
N LYS A 112 -10.09 30.53 -28.14
CA LYS A 112 -10.12 30.26 -29.58
C LYS A 112 -11.49 29.84 -30.06
N GLU A 113 -12.25 29.16 -29.23
CA GLU A 113 -13.51 28.57 -29.67
C GLU A 113 -14.68 29.54 -29.60
N ILE A 114 -14.59 30.61 -28.81
CA ILE A 114 -15.69 31.53 -28.58
C ILE A 114 -15.41 32.98 -29.04
N ILE A 115 -14.16 33.30 -29.39
CA ILE A 115 -13.79 34.68 -29.71
C ILE A 115 -14.62 35.24 -30.86
N ASP A 116 -14.89 34.44 -31.89
CA ASP A 116 -15.60 34.97 -33.05
C ASP A 116 -17.06 35.24 -32.72
N LEU A 117 -17.65 34.43 -31.85
CA LEU A 117 -19.02 34.71 -31.45
C LEU A 117 -19.06 36.02 -30.67
N VAL A 118 -18.12 36.18 -29.73
CA VAL A 118 -18.09 37.42 -28.95
C VAL A 118 -17.94 38.63 -29.88
N LEU A 119 -16.99 38.59 -30.82
CA LEU A 119 -16.85 39.73 -31.73
C LEU A 119 -18.08 39.94 -32.58
N ASP A 120 -18.78 38.88 -32.95
CA ASP A 120 -20.00 39.06 -33.72
C ASP A 120 -21.04 39.85 -32.93
N ARG A 121 -21.21 39.50 -31.66
CA ARG A 121 -22.16 40.22 -30.82
C ARG A 121 -21.73 41.68 -30.63
N ILE A 122 -20.43 41.92 -30.58
CA ILE A 122 -19.95 43.29 -30.48
C ILE A 122 -20.22 44.04 -31.77
N ARG A 123 -20.00 43.39 -32.92
CA ARG A 123 -20.28 44.04 -34.20
C ARG A 123 -21.75 44.42 -34.28
N LYS A 124 -22.65 43.60 -33.70
CA LYS A 124 -24.06 43.97 -33.74
C LYS A 124 -24.30 45.25 -32.95
N LEU A 125 -23.72 45.39 -31.75
CA LEU A 125 -23.91 46.68 -31.07
C LEU A 125 -23.24 47.84 -31.80
N ALA A 126 -22.04 47.63 -32.35
CA ALA A 126 -21.37 48.72 -33.04
C ALA A 126 -22.14 49.16 -34.30
N ASP A 127 -22.78 48.22 -35.00
CA ASP A 127 -23.54 48.57 -36.20
C ASP A 127 -24.64 49.57 -35.91
N GLN A 128 -25.09 49.69 -34.65
CA GLN A 128 -26.13 50.65 -34.27
C GLN A 128 -25.55 51.90 -33.65
N CYS A 129 -24.30 52.22 -33.98
CA CYS A 129 -23.62 53.39 -33.44
C CYS A 129 -23.31 54.36 -34.57
N THR A 130 -23.83 55.58 -34.46
CA THR A 130 -23.58 56.58 -35.48
C THR A 130 -22.17 57.14 -35.40
N GLY A 131 -21.49 57.00 -34.26
CA GLY A 131 -20.15 57.51 -34.11
C GLY A 131 -19.48 56.92 -32.89
N LEU A 132 -19.21 55.62 -32.95
CA LEU A 132 -18.58 54.89 -31.85
C LEU A 132 -17.20 55.45 -31.52
N GLN A 133 -17.00 55.82 -30.25
CA GLN A 133 -15.71 56.33 -29.78
C GLN A 133 -14.80 55.24 -29.21
N GLY A 134 -15.34 54.16 -28.66
CA GLY A 134 -14.49 53.08 -28.19
C GLY A 134 -15.16 52.20 -27.13
N PHE A 135 -14.30 51.55 -26.33
CA PHE A 135 -14.72 50.48 -25.43
C PHE A 135 -14.24 50.66 -24.00
N LEU A 136 -15.09 50.25 -23.06
CA LEU A 136 -14.74 50.13 -21.66
CA LEU A 136 -14.74 50.13 -21.66
C LEU A 136 -14.83 48.66 -21.29
N VAL A 137 -13.73 48.10 -20.76
CA VAL A 137 -13.61 46.66 -20.57
C VAL A 137 -13.40 46.35 -19.09
N PHE A 138 -14.27 45.51 -18.53
CA PHE A 138 -14.24 45.19 -17.11
C PHE A 138 -13.79 43.75 -16.89
N HIS A 139 -12.78 43.56 -16.04
CA HIS A 139 -12.26 42.22 -15.83
C HIS A 139 -11.32 42.18 -14.63
N SER A 140 -11.16 40.99 -14.07
CA SER A 140 -10.19 40.75 -13.01
C SER A 140 -8.84 40.41 -13.64
N PHE A 141 -7.78 40.60 -12.84
CA PHE A 141 -6.46 40.20 -13.29
C PHE A 141 -6.25 38.70 -13.08
N GLY A 142 -6.83 38.17 -12.00
CA GLY A 142 -6.55 36.84 -11.51
C GLY A 142 -7.34 35.70 -12.09
N GLY A 143 -8.54 35.97 -12.60
CA GLY A 143 -9.32 34.88 -13.15
C GLY A 143 -8.72 34.38 -14.46
N GLY A 144 -9.03 33.13 -14.78
CA GLY A 144 -8.56 32.57 -16.03
C GLY A 144 -9.25 33.24 -17.20
N THR A 145 -10.55 33.48 -17.06
CA THR A 145 -11.31 34.13 -18.11
C THR A 145 -10.95 35.61 -18.12
N GLY A 146 -11.07 36.27 -16.95
CA GLY A 146 -10.78 37.68 -16.87
C GLY A 146 -9.42 38.05 -17.40
N SER A 147 -8.43 37.17 -17.25
CA SER A 147 -7.10 37.50 -17.76
C SER A 147 -6.86 36.99 -19.20
N GLY A 148 -7.04 35.69 -19.43
CA GLY A 148 -6.70 35.12 -20.72
C GLY A 148 -7.65 35.53 -21.82
N PHE A 149 -8.95 35.40 -21.56
CA PHE A 149 -9.87 35.75 -22.63
C PHE A 149 -9.87 37.26 -22.87
N THR A 150 -9.75 38.05 -21.80
CA THR A 150 -9.74 39.49 -22.00
C THR A 150 -8.59 39.89 -22.92
N SER A 151 -7.38 39.37 -22.68
CA SER A 151 -6.27 39.84 -23.53
C SER A 151 -6.48 39.43 -24.98
N LEU A 152 -6.99 38.21 -25.22
CA LEU A 152 -7.31 37.83 -26.60
C LEU A 152 -8.31 38.82 -27.21
N LEU A 153 -9.35 39.15 -26.45
CA LEU A 153 -10.34 40.12 -26.90
C LEU A 153 -9.73 41.46 -27.25
N MET A 154 -8.82 41.98 -26.39
CA MET A 154 -8.21 43.28 -26.65
C MET A 154 -7.41 43.26 -27.94
N GLU A 155 -6.72 42.14 -28.22
CA GLU A 155 -5.98 42.04 -29.47
C GLU A 155 -6.94 42.12 -30.65
N ARG A 156 -8.02 41.36 -30.58
CA ARG A 156 -8.94 41.41 -31.71
C ARG A 156 -9.62 42.76 -31.84
N LEU A 157 -9.92 43.43 -30.73
CA LEU A 157 -10.56 44.74 -30.84
C LEU A 157 -9.61 45.72 -31.51
N SER A 158 -8.30 45.63 -31.19
CA SER A 158 -7.35 46.49 -31.87
C SER A 158 -7.33 46.22 -33.37
N VAL A 159 -7.60 44.98 -33.78
CA VAL A 159 -7.61 44.72 -35.23
C VAL A 159 -8.90 45.21 -35.88
N ASP A 160 -10.06 44.93 -35.28
CA ASP A 160 -11.34 45.26 -35.90
C ASP A 160 -11.74 46.72 -35.76
N TYR A 161 -11.19 47.43 -34.77
CA TYR A 161 -11.58 48.82 -34.50
C TYR A 161 -10.30 49.57 -34.15
N GLY A 162 -9.33 49.50 -35.06
CA GLY A 162 -8.01 50.05 -34.78
C GLY A 162 -8.02 51.48 -34.26
N LYS A 163 -8.94 52.29 -34.75
CA LYS A 163 -8.91 53.70 -34.37
C LYS A 163 -9.55 53.98 -33.02
N LYS A 164 -10.42 53.10 -32.53
CA LYS A 164 -11.20 53.34 -31.34
C LYS A 164 -10.38 53.18 -30.05
N SER A 165 -10.86 53.84 -29.01
CA SER A 165 -10.18 53.85 -27.72
C SER A 165 -10.67 52.71 -26.84
N LYS A 166 -9.78 52.22 -25.99
CA LYS A 166 -10.06 51.07 -25.12
C LYS A 166 -9.62 51.40 -23.70
N LEU A 167 -10.58 51.43 -22.78
CA LEU A 167 -10.33 51.70 -21.37
C LEU A 167 -10.57 50.42 -20.57
N GLU A 168 -9.77 50.21 -19.53
CA GLU A 168 -9.88 49.04 -18.67
C GLU A 168 -10.28 49.50 -17.27
N PHE A 169 -11.13 48.69 -16.65
CA PHE A 169 -11.38 48.68 -15.21
C PHE A 169 -10.96 47.30 -14.73
N SER A 170 -9.87 47.25 -13.97
CA SER A 170 -9.19 46.01 -13.62
C SER A 170 -9.18 45.75 -12.12
N ILE A 171 -9.47 44.53 -11.72
CA ILE A 171 -9.45 44.14 -10.31
C ILE A 171 -8.13 43.43 -10.00
N TYR A 172 -7.28 44.10 -9.21
CA TYR A 172 -5.98 43.62 -8.78
C TYR A 172 -6.15 42.64 -7.63
N PRO A 173 -5.45 41.50 -7.67
CA PRO A 173 -5.74 40.40 -6.73
C PRO A 173 -5.32 40.70 -5.31
N ALA A 174 -6.15 40.27 -4.35
CA ALA A 174 -5.79 40.47 -2.96
C ALA A 174 -6.11 39.27 -2.09
N PRO A 175 -5.14 38.74 -1.31
CA PRO A 175 -5.39 37.56 -0.52
C PRO A 175 -6.59 37.72 0.43
N GLN A 176 -6.72 38.88 1.07
CA GLN A 176 -7.79 39.10 2.07
C GLN A 176 -9.17 38.80 1.49
N VAL A 177 -9.27 38.75 0.16
CA VAL A 177 -10.61 38.53 -0.47
C VAL A 177 -10.69 37.07 -0.88
N SER A 178 -10.52 36.77 -2.16
CA SER A 178 -10.69 35.36 -2.59
C SER A 178 -9.76 35.10 -3.77
N THR A 179 -8.50 34.84 -3.49
CA THR A 179 -7.51 34.65 -4.57
C THR A 179 -7.07 33.19 -4.70
N ALA A 180 -6.73 32.74 -5.91
CA ALA A 180 -6.22 31.41 -6.14
C ALA A 180 -4.71 31.56 -6.12
N VAL A 181 -4.00 30.44 -5.99
CA VAL A 181 -2.56 30.58 -5.80
C VAL A 181 -1.90 31.17 -7.05
N VAL A 182 -2.44 30.91 -8.23
CA VAL A 182 -1.74 31.28 -9.44
C VAL A 182 -2.20 32.62 -9.97
N GLU A 183 -2.98 33.38 -9.20
CA GLU A 183 -3.39 34.69 -9.69
C GLU A 183 -2.23 35.62 -10.06
N PRO A 184 -1.08 35.61 -9.37
CA PRO A 184 0.02 36.47 -9.84
C PRO A 184 0.50 36.15 -11.24
N TYR A 185 0.53 34.86 -11.60
CA TYR A 185 0.89 34.47 -12.96
C TYR A 185 -0.06 35.10 -13.96
N ASN A 186 -1.36 34.88 -13.77
CA ASN A 186 -2.35 35.42 -14.70
C ASN A 186 -2.26 36.94 -14.76
N SER A 187 -1.95 37.57 -13.64
CA SER A 187 -1.88 39.02 -13.62
C SER A 187 -0.76 39.53 -14.52
N ILE A 188 0.44 38.93 -14.41
CA ILE A 188 1.55 39.39 -15.24
C ILE A 188 1.34 39.02 -16.70
N LEU A 189 0.84 37.82 -16.97
CA LEU A 189 0.62 37.41 -18.35
C LEU A 189 -0.37 38.34 -19.04
N THR A 190 -1.45 38.69 -18.35
CA THR A 190 -2.44 39.52 -19.01
C THR A 190 -1.96 40.96 -19.11
N THR A 191 -1.19 41.44 -18.13
CA THR A 191 -0.73 42.80 -18.25
C THR A 191 0.21 42.95 -19.42
N HIS A 192 1.07 41.97 -19.63
CA HIS A 192 1.99 42.00 -20.76
C HIS A 192 1.23 41.98 -22.08
N THR A 193 0.30 41.04 -22.25
CA THR A 193 -0.37 40.94 -23.55
CA THR A 193 -0.35 40.96 -23.55
C THR A 193 -1.26 42.14 -23.83
N THR A 194 -1.79 42.78 -22.78
CA THR A 194 -2.70 43.91 -22.99
C THR A 194 -2.01 45.26 -23.03
N LEU A 195 -0.78 45.36 -22.51
CA LEU A 195 -0.14 46.66 -22.32
C LEU A 195 -0.31 47.55 -23.55
N GLU A 196 0.07 47.08 -24.74
CA GLU A 196 -0.03 47.92 -25.94
C GLU A 196 -1.42 48.08 -26.53
N HIS A 197 -2.46 47.46 -25.98
CA HIS A 197 -3.78 47.58 -26.59
C HIS A 197 -4.71 48.41 -25.77
N SER A 198 -4.31 48.79 -24.56
CA SER A 198 -5.15 49.57 -23.68
C SER A 198 -4.57 50.96 -23.56
N ASP A 199 -5.42 51.97 -23.67
CA ASP A 199 -5.05 53.37 -23.61
C ASP A 199 -5.03 53.93 -22.19
N CYS A 200 -5.89 53.43 -21.32
CA CYS A 200 -5.99 53.89 -19.94
C CYS A 200 -6.65 52.81 -19.12
N ALA A 201 -6.00 52.41 -18.03
CA ALA A 201 -6.51 51.34 -17.18
C ALA A 201 -6.67 51.84 -15.74
N PHE A 202 -7.86 51.64 -15.17
CA PHE A 202 -8.11 51.99 -13.77
C PHE A 202 -8.05 50.71 -12.91
N MET A 203 -6.96 50.58 -12.15
CA MET A 203 -6.79 49.45 -11.26
C MET A 203 -7.52 49.65 -9.95
N VAL A 204 -8.27 48.65 -9.54
CA VAL A 204 -8.91 48.64 -8.25
C VAL A 204 -8.33 47.47 -7.49
N ASP A 205 -7.61 47.75 -6.40
CA ASP A 205 -7.02 46.69 -5.57
C ASP A 205 -8.09 46.18 -4.59
N ASN A 206 -8.46 44.89 -4.70
CA ASN A 206 -9.47 44.34 -3.78
C ASN A 206 -9.10 44.57 -2.32
N GLU A 207 -7.81 44.61 -2.00
CA GLU A 207 -7.39 44.85 -0.63
C GLU A 207 -7.82 46.23 -0.14
N ALA A 208 -7.67 47.25 -1.00
CA ALA A 208 -8.05 48.60 -0.61
C ALA A 208 -9.56 48.72 -0.40
N ILE A 209 -10.35 48.19 -1.34
CA ILE A 209 -11.80 48.25 -1.22
CA ILE A 209 -11.79 48.31 -1.17
C ILE A 209 -12.25 47.49 0.04
N TYR A 210 -11.61 46.36 0.31
CA TYR A 210 -11.91 45.61 1.51
C TYR A 210 -11.73 46.49 2.74
N ASP A 211 -10.57 47.13 2.84
CA ASP A 211 -10.30 47.94 4.03
C ASP A 211 -11.21 49.16 4.10
N ILE A 212 -11.59 49.74 2.97
CA ILE A 212 -12.50 50.87 3.01
C ILE A 212 -13.85 50.41 3.55
N CYS A 213 -14.30 49.22 3.13
CA CYS A 213 -15.57 48.71 3.65
C CYS A 213 -15.52 48.41 5.15
N ARG A 214 -14.42 47.86 5.65
CA ARG A 214 -14.32 47.64 7.10
C ARG A 214 -14.20 48.94 7.89
N ARG A 215 -13.26 49.80 7.50
CA ARG A 215 -12.96 51.01 8.27
C ARG A 215 -14.11 52.00 8.24
N ASN A 216 -14.69 52.26 7.06
CA ASN A 216 -15.62 53.37 6.91
C ASN A 216 -17.07 52.92 6.85
N LEU A 217 -17.34 51.67 6.48
CA LEU A 217 -18.70 51.20 6.47
C LEU A 217 -19.03 50.26 7.63
N ASP A 218 -18.07 49.99 8.52
CA ASP A 218 -18.33 49.13 9.68
C ASP A 218 -18.86 47.77 9.24
N ILE A 219 -18.44 47.31 8.07
CA ILE A 219 -18.84 46.00 7.57
C ILE A 219 -17.79 45.00 8.08
N GLU A 220 -18.21 44.08 8.93
CA GLU A 220 -17.26 43.15 9.54
C GLU A 220 -16.52 42.28 8.53
N ARG A 221 -17.26 41.65 7.61
CA ARG A 221 -16.69 40.75 6.62
C ARG A 221 -17.30 41.05 5.27
N PRO A 222 -16.72 41.99 4.54
CA PRO A 222 -17.27 42.42 3.24
C PRO A 222 -17.45 41.29 2.24
N THR A 223 -18.61 41.29 1.59
CA THR A 223 -18.92 40.34 0.53
C THR A 223 -18.67 41.03 -0.81
N TYR A 224 -18.78 40.25 -1.88
CA TYR A 224 -18.65 40.82 -3.21
C TYR A 224 -19.65 41.95 -3.42
N THR A 225 -20.86 41.82 -2.85
CA THR A 225 -21.86 42.87 -3.02
C THR A 225 -21.40 44.20 -2.44
N ASN A 226 -20.88 44.20 -1.22
CA ASN A 226 -20.34 45.43 -0.64
C ASN A 226 -19.24 46.03 -1.52
N LEU A 227 -18.28 45.17 -1.89
CA LEU A 227 -17.16 45.64 -2.70
C LEU A 227 -17.63 46.22 -4.01
N ASN A 228 -18.55 45.54 -4.69
CA ASN A 228 -18.94 45.98 -6.01
C ASN A 228 -19.79 47.24 -5.95
N ARG A 229 -20.52 47.46 -4.87
CA ARG A 229 -21.28 48.70 -4.80
C ARG A 229 -20.36 49.90 -4.58
N LEU A 230 -19.28 49.69 -3.84
CA LEU A 230 -18.33 50.79 -3.72
C LEU A 230 -17.57 51.01 -5.05
N ILE A 231 -17.14 49.91 -5.68
CA ILE A 231 -16.43 50.05 -6.95
C ILE A 231 -17.31 50.76 -7.98
N SER A 232 -18.58 50.38 -8.03
CA SER A 232 -19.44 51.01 -9.01
C SER A 232 -19.62 52.51 -8.70
N GLN A 233 -19.58 52.92 -7.42
CA GLN A 233 -19.62 54.38 -7.17
C GLN A 233 -18.40 55.06 -7.80
N ILE A 234 -17.23 54.43 -7.67
CA ILE A 234 -16.03 54.98 -8.31
C ILE A 234 -16.17 55.01 -9.83
N VAL A 235 -16.58 53.89 -10.40
CA VAL A 235 -16.74 53.80 -11.86
C VAL A 235 -17.73 54.85 -12.36
N SER A 236 -18.85 55.00 -11.64
CA SER A 236 -19.85 56.00 -11.99
C SER A 236 -19.24 57.39 -12.00
N SER A 237 -18.41 57.70 -10.98
CA SER A 237 -17.73 58.98 -10.95
C SER A 237 -16.86 59.20 -12.19
N ILE A 238 -16.18 58.14 -12.64
CA ILE A 238 -15.28 58.26 -13.78
C ILE A 238 -16.06 58.43 -15.09
N THR A 239 -17.17 57.72 -15.27
CA THR A 239 -17.89 57.80 -16.54
C THR A 239 -18.99 58.86 -16.59
N ALA A 240 -19.29 59.51 -15.47
CA ALA A 240 -20.35 60.50 -15.46
C ALA A 240 -20.12 61.58 -16.51
N SER A 241 -18.86 61.98 -16.72
CA SER A 241 -18.58 63.01 -17.71
C SER A 241 -18.98 62.57 -19.12
N LEU A 242 -19.11 61.26 -19.33
CA LEU A 242 -19.48 60.73 -20.63
C LEU A 242 -20.98 60.58 -20.71
N ARG A 243 -21.65 60.51 -19.56
CA ARG A 243 -23.08 60.24 -19.55
C ARG A 243 -23.89 61.50 -19.28
N PHE A 244 -23.24 62.62 -18.99
CA PHE A 244 -23.92 63.89 -18.73
C PHE A 244 -23.29 64.99 -19.56
N ASP A 245 -24.07 66.03 -19.77
CA ASP A 245 -23.58 67.21 -20.45
C ASP A 245 -22.41 67.78 -19.65
N GLY A 246 -21.37 68.22 -20.34
CA GLY A 246 -20.21 68.75 -19.65
C GLY A 246 -19.07 68.99 -20.62
N ALA A 247 -17.93 69.43 -20.08
CA ALA A 247 -16.81 69.77 -20.95
C ALA A 247 -15.48 69.13 -20.57
N LEU A 248 -15.42 68.33 -19.52
CA LEU A 248 -14.18 67.68 -19.13
C LEU A 248 -14.38 66.18 -19.26
N ASN A 249 -13.37 65.54 -19.83
CA ASN A 249 -13.38 64.12 -20.13
C ASN A 249 -14.69 63.72 -20.82
N VAL A 250 -15.03 64.47 -21.87
CA VAL A 250 -16.33 64.32 -22.53
C VAL A 250 -16.29 63.20 -23.57
N ASP A 251 -15.11 62.76 -23.99
CA ASP A 251 -14.98 61.58 -24.81
C ASP A 251 -13.71 60.83 -24.40
N LEU A 252 -13.66 59.55 -24.80
CA LEU A 252 -12.62 58.64 -24.34
C LEU A 252 -11.21 59.12 -24.70
N THR A 253 -11.04 59.80 -25.83
CA THR A 253 -9.71 60.31 -26.16
C THR A 253 -9.21 61.26 -25.09
N GLU A 254 -10.13 62.00 -24.48
CA GLU A 254 -9.78 62.99 -23.47
C GLU A 254 -9.18 62.34 -22.22
N PHE A 255 -9.57 61.11 -21.90
CA PHE A 255 -8.96 60.42 -20.75
C PHE A 255 -7.46 60.25 -20.98
N GLN A 256 -7.08 59.83 -22.18
CA GLN A 256 -5.69 59.67 -22.52
C GLN A 256 -4.98 61.02 -22.51
N THR A 257 -5.58 62.01 -23.17
CA THR A 257 -5.00 63.35 -23.22
C THR A 257 -4.76 63.94 -21.84
N ASN A 258 -5.73 63.83 -20.93
CA ASN A 258 -5.61 64.46 -19.62
C ASN A 258 -4.82 63.64 -18.63
N LEU A 259 -4.73 62.34 -18.82
CA LEU A 259 -4.13 61.49 -17.81
C LEU A 259 -2.91 60.72 -18.27
N VAL A 260 -2.70 60.51 -19.57
CA VAL A 260 -1.62 59.62 -19.98
C VAL A 260 -0.61 60.29 -20.91
N PRO A 261 0.43 60.96 -20.38
CA PRO A 261 1.48 61.52 -21.23
C PRO A 261 2.28 60.41 -21.91
N TYR A 262 2.80 59.39 -21.18
CA TYR A 262 3.50 58.27 -21.81
C TYR A 262 2.59 57.07 -21.93
N PRO A 263 2.41 56.53 -23.14
CA PRO A 263 1.45 55.43 -23.35
C PRO A 263 1.59 54.26 -22.40
N ARG A 264 2.82 53.84 -22.08
CA ARG A 264 2.99 52.66 -21.23
C ARG A 264 2.57 52.95 -19.80
N ILE A 265 2.81 54.17 -19.34
CA ILE A 265 2.53 54.58 -17.98
C ILE A 265 1.08 55.06 -18.01
N HIS A 266 0.12 54.14 -18.19
CA HIS A 266 -1.27 54.51 -18.36
C HIS A 266 -2.17 53.94 -17.27
N PHE A 267 -1.71 53.97 -16.01
CA PHE A 267 -2.45 53.42 -14.88
C PHE A 267 -2.73 54.49 -13.84
N PRO A 268 -3.80 55.27 -14.03
CA PRO A 268 -4.16 56.31 -13.07
C PRO A 268 -4.61 55.77 -11.71
N LEU A 269 -4.22 56.45 -10.64
CA LEU A 269 -4.67 56.12 -9.28
C LEU A 269 -6.00 56.83 -8.98
N ALA A 270 -7.02 56.08 -8.59
CA ALA A 270 -8.29 56.66 -8.20
C ALA A 270 -8.35 56.81 -6.69
N THR A 271 -8.86 57.95 -6.21
CA THR A 271 -9.04 58.23 -4.80
C THR A 271 -10.41 58.85 -4.64
N TYR A 272 -11.20 58.38 -3.70
CA TYR A 272 -12.59 58.78 -3.61
C TYR A 272 -12.95 59.24 -2.20
N ALA A 273 -13.83 60.23 -2.10
CA ALA A 273 -14.23 60.69 -0.76
C ALA A 273 -15.53 61.48 -0.88
N PRO A 274 -16.41 61.41 0.14
CA PRO A 274 -16.32 60.64 1.38
C PRO A 274 -17.08 59.32 1.29
N VAL A 275 -16.64 58.35 2.09
CA VAL A 275 -17.33 57.07 2.25
C VAL A 275 -17.91 57.07 3.65
N ILE A 276 -19.23 57.19 3.74
CA ILE A 276 -19.92 57.36 5.00
C ILE A 276 -20.90 56.21 5.18
N SER A 277 -20.86 55.61 6.36
CA SER A 277 -21.72 54.49 6.67
C SER A 277 -23.19 54.93 6.62
N ALA A 278 -24.01 54.12 5.95
CA ALA A 278 -25.43 54.43 5.88
C ALA A 278 -26.12 54.22 7.23
N GLU A 279 -25.41 53.63 8.20
CA GLU A 279 -25.97 53.38 9.51
C GLU A 279 -25.81 54.58 10.42
N LYS A 280 -24.77 55.39 10.21
CA LYS A 280 -24.58 56.58 11.00
C LYS A 280 -25.74 57.54 10.80
N ALA A 281 -26.47 57.83 11.88
CA ALA A 281 -27.63 58.70 11.80
C ALA A 281 -27.22 60.15 11.62
N TYR A 282 -26.52 60.69 12.63
CA TYR A 282 -26.02 62.07 12.69
C TYR A 282 -24.61 62.19 12.12
N HIS A 283 -24.48 62.59 10.86
CA HIS A 283 -23.16 62.85 10.32
C HIS A 283 -23.08 64.32 9.92
N GLU A 284 -21.97 64.97 10.26
CA GLU A 284 -21.72 66.35 9.88
C GLU A 284 -21.20 66.42 8.46
N GLN A 285 -21.74 67.34 7.67
CA GLN A 285 -21.41 67.40 6.25
C GLN A 285 -20.06 68.05 5.97
N LEU A 286 -19.22 67.27 5.30
CA LEU A 286 -17.85 67.68 5.00
C LEU A 286 -17.83 68.77 3.95
N SER A 287 -16.91 69.72 4.11
CA SER A 287 -16.77 70.82 3.18
C SER A 287 -15.98 70.37 1.96
N VAL A 288 -15.95 71.26 0.97
CA VAL A 288 -15.14 71.02 -0.21
C VAL A 288 -13.68 70.82 0.19
N ALA A 289 -13.17 71.69 1.09
CA ALA A 289 -11.78 71.57 1.52
C ALA A 289 -11.54 70.25 2.20
N GLU A 290 -12.54 69.75 2.94
CA GLU A 290 -12.31 68.51 3.67
C GLU A 290 -12.27 67.30 2.72
N ILE A 291 -13.23 67.18 1.80
CA ILE A 291 -13.17 66.05 0.87
C ILE A 291 -11.97 66.18 -0.07
N THR A 292 -11.51 67.40 -0.29
CA THR A 292 -10.37 67.55 -1.18
C THR A 292 -9.09 67.16 -0.47
N ASN A 293 -8.96 67.49 0.81
CA ASN A 293 -7.86 66.94 1.57
C ASN A 293 -7.91 65.42 1.61
N ALA A 294 -9.11 64.84 1.78
CA ALA A 294 -9.19 63.38 1.85
C ALA A 294 -8.65 62.73 0.59
N CYS A 295 -8.80 63.39 -0.56
CA CYS A 295 -8.21 62.87 -1.80
C CYS A 295 -6.71 62.58 -1.70
N PHE A 296 -6.01 63.11 -0.69
CA PHE A 296 -4.58 62.90 -0.48
C PHE A 296 -4.28 62.01 0.75
N GLU A 297 -5.27 61.24 1.22
CA GLU A 297 -5.12 60.25 2.28
C GLU A 297 -4.99 58.87 1.69
N PRO A 298 -3.91 58.15 2.00
CA PRO A 298 -3.75 56.78 1.46
C PRO A 298 -4.93 55.84 1.71
N ALA A 299 -5.65 56.02 2.80
CA ALA A 299 -6.78 55.16 3.17
C ALA A 299 -7.92 55.24 2.19
N ASN A 300 -8.03 56.33 1.45
CA ASN A 300 -9.13 56.52 0.53
C ASN A 300 -8.82 56.11 -0.90
N GLN A 301 -7.61 55.60 -1.17
CA GLN A 301 -7.17 55.27 -2.52
C GLN A 301 -7.63 53.88 -2.95
N MET A 302 -7.75 53.68 -4.25
CA MET A 302 -8.12 52.38 -4.79
CA MET A 302 -8.12 52.38 -4.79
C MET A 302 -6.95 51.40 -4.81
N VAL A 303 -5.76 51.85 -4.47
CA VAL A 303 -4.57 50.99 -4.41
C VAL A 303 -3.74 51.49 -3.25
N LYS A 304 -3.39 50.61 -2.33
CA LYS A 304 -2.58 51.06 -1.20
C LYS A 304 -1.16 51.35 -1.68
N CYS A 305 -0.77 52.61 -1.60
CA CYS A 305 0.56 53.07 -1.98
C CYS A 305 0.72 54.48 -1.40
N ASP A 306 1.94 55.01 -1.48
CA ASP A 306 2.21 56.29 -0.85
C ASP A 306 2.56 57.34 -1.90
N PRO A 307 1.61 58.16 -2.33
CA PRO A 307 1.92 59.18 -3.34
C PRO A 307 3.00 60.19 -2.92
N ARG A 308 3.24 60.36 -1.62
CA ARG A 308 4.28 61.29 -1.17
C ARG A 308 5.65 60.92 -1.72
N HIS A 309 5.93 59.64 -1.88
CA HIS A 309 7.20 59.16 -2.41
C HIS A 309 7.04 58.74 -3.88
N GLY A 310 6.73 59.75 -4.68
CA GLY A 310 6.53 59.59 -6.11
C GLY A 310 6.38 60.97 -6.73
N LYS A 311 6.12 60.97 -8.02
CA LYS A 311 5.93 62.22 -8.73
C LYS A 311 4.63 62.13 -9.51
N TYR A 312 3.90 63.24 -9.54
CA TYR A 312 2.67 63.36 -10.28
C TYR A 312 2.93 63.73 -11.73
N MET A 313 2.15 63.15 -12.63
CA MET A 313 2.19 63.50 -14.03
C MET A 313 0.93 64.23 -14.44
N ALA A 314 -0.19 64.01 -13.73
CA ALA A 314 -1.47 64.61 -14.06
C ALA A 314 -2.38 64.46 -12.85
N CYS A 315 -3.32 65.39 -12.70
CA CYS A 315 -4.29 65.32 -11.64
CA CYS A 315 -4.29 65.34 -11.63
C CYS A 315 -5.62 65.87 -12.15
N CYS A 316 -6.70 65.15 -11.84
CA CYS A 316 -8.04 65.53 -12.25
CA CYS A 316 -8.05 65.52 -12.26
C CYS A 316 -8.97 65.38 -11.06
N LEU A 317 -9.62 66.48 -10.68
CA LEU A 317 -10.54 66.47 -9.55
C LEU A 317 -11.96 66.50 -10.11
N LEU A 318 -12.75 65.47 -9.81
CA LEU A 318 -14.11 65.36 -10.33
C LEU A 318 -15.13 65.47 -9.19
N TYR A 319 -15.81 66.59 -9.09
CA TYR A 319 -16.75 66.81 -8.01
C TYR A 319 -18.19 66.51 -8.49
N ARG A 320 -19.02 66.00 -7.57
CA ARG A 320 -20.44 65.81 -7.80
C ARG A 320 -21.21 66.43 -6.65
N GLY A 321 -22.17 67.28 -6.99
CA GLY A 321 -23.05 67.90 -6.01
C GLY A 321 -22.82 69.39 -5.83
N ASP A 322 -23.10 69.85 -4.60
CA ASP A 322 -23.10 71.24 -4.13
C ASP A 322 -21.64 71.71 -4.00
N VAL A 323 -21.06 72.16 -5.10
CA VAL A 323 -19.66 72.59 -5.18
C VAL A 323 -19.58 73.82 -6.07
N VAL A 324 -18.88 74.86 -5.60
CA VAL A 324 -18.66 76.04 -6.45
C VAL A 324 -17.18 76.24 -6.69
N PRO A 325 -16.80 76.77 -7.84
CA PRO A 325 -15.36 76.87 -8.18
C PRO A 325 -14.55 77.61 -7.13
N LYS A 326 -15.14 78.63 -6.50
CA LYS A 326 -14.44 79.41 -5.49
C LYS A 326 -13.92 78.53 -4.36
N ASP A 327 -14.73 77.58 -3.90
CA ASP A 327 -14.30 76.72 -2.80
C ASP A 327 -13.24 75.72 -3.27
N VAL A 328 -13.29 75.32 -4.54
CA VAL A 328 -12.27 74.43 -5.07
C VAL A 328 -10.92 75.13 -5.14
N ASN A 329 -10.92 76.38 -5.62
CA ASN A 329 -9.66 77.11 -5.69
C ASN A 329 -9.09 77.36 -4.30
N ALA A 330 -9.96 77.67 -3.33
CA ALA A 330 -9.45 77.84 -1.96
C ALA A 330 -8.86 76.54 -1.43
N ALA A 331 -9.55 75.43 -1.69
CA ALA A 331 -9.06 74.14 -1.21
C ALA A 331 -7.73 73.80 -1.84
N ILE A 332 -7.59 74.05 -3.15
CA ILE A 332 -6.34 73.74 -3.84
C ILE A 332 -5.23 74.63 -3.29
N ALA A 333 -5.55 75.88 -2.97
CA ALA A 333 -4.53 76.75 -2.41
C ALA A 333 -4.01 76.19 -1.09
N THR A 334 -4.90 75.72 -0.22
CA THR A 334 -4.45 75.15 1.06
C THR A 334 -3.69 73.82 0.89
N ILE A 335 -4.25 72.90 0.10
CA ILE A 335 -3.60 71.60 -0.03
C ILE A 335 -2.21 71.76 -0.59
N LYS A 336 -2.01 72.68 -1.54
CA LYS A 336 -0.69 72.75 -2.12
C LYS A 336 0.34 73.20 -1.06
N THR A 337 -0.09 73.94 -0.03
CA THR A 337 0.82 74.39 1.02
C THR A 337 1.01 73.38 2.15
N LYS A 338 0.10 72.41 2.33
CA LYS A 338 0.22 71.48 3.46
C LYS A 338 0.55 70.05 3.04
N ARG A 339 0.73 69.78 1.76
CA ARG A 339 1.04 68.45 1.29
C ARG A 339 2.32 68.42 0.45
N SER A 340 2.93 67.22 0.42
CA SER A 340 4.08 66.91 -0.41
C SER A 340 3.54 66.45 -1.75
N ILE A 341 3.34 67.40 -2.65
CA ILE A 341 2.80 67.15 -3.98
C ILE A 341 3.83 67.54 -5.03
N GLN A 342 4.71 66.64 -5.45
CA GLN A 342 5.70 67.03 -6.44
C GLN A 342 5.36 66.40 -7.79
N PHE A 343 5.28 67.24 -8.81
CA PHE A 343 5.04 66.89 -10.21
C PHE A 343 6.37 66.72 -10.93
N VAL A 344 6.33 66.02 -12.08
CA VAL A 344 7.55 65.98 -12.87
C VAL A 344 7.83 67.35 -13.48
N ASP A 345 9.12 67.60 -13.74
CA ASP A 345 9.54 68.92 -14.18
C ASP A 345 9.00 69.25 -15.57
N TRP A 346 8.78 68.24 -16.40
CA TRP A 346 8.32 68.44 -17.77
C TRP A 346 6.81 68.41 -17.92
N CYS A 347 6.07 68.54 -16.81
CA CYS A 347 4.65 68.79 -16.81
C CYS A 347 4.38 70.04 -16.00
N PRO A 348 3.24 70.68 -16.23
CA PRO A 348 2.82 71.77 -15.35
C PRO A 348 2.30 71.22 -14.04
N THR A 349 2.59 71.92 -12.95
CA THR A 349 1.99 71.62 -11.65
C THR A 349 0.61 72.27 -11.59
N GLY A 350 -0.41 71.48 -11.92
CA GLY A 350 -1.77 71.98 -12.03
C GLY A 350 -2.82 70.91 -11.80
N PHE A 351 -4.07 71.35 -11.79
CA PHE A 351 -5.21 70.49 -11.57
C PHE A 351 -6.30 70.78 -12.58
N LYS A 352 -6.80 69.75 -13.24
CA LYS A 352 -7.99 69.84 -14.09
C LYS A 352 -9.19 69.52 -13.20
N VAL A 353 -10.14 70.45 -13.16
CA VAL A 353 -11.27 70.35 -12.25
C VAL A 353 -12.56 70.17 -13.04
N GLY A 354 -13.40 69.23 -12.61
CA GLY A 354 -14.72 69.04 -13.17
C GLY A 354 -15.77 69.03 -12.09
N ILE A 355 -16.89 69.70 -12.35
CA ILE A 355 -17.97 69.79 -11.38
C ILE A 355 -19.24 69.34 -12.09
N ASN A 356 -19.86 68.30 -11.56
CA ASN A 356 -21.17 67.86 -11.99
C ASN A 356 -22.16 68.16 -10.86
N TYR A 357 -23.18 68.95 -11.17
CA TYR A 357 -24.06 69.47 -10.12
C TYR A 357 -24.93 68.39 -9.49
N GLN A 358 -25.26 67.35 -10.22
CA GLN A 358 -26.13 66.33 -9.67
C GLN A 358 -25.37 65.51 -8.65
N PRO A 359 -25.97 65.22 -7.50
CA PRO A 359 -25.22 64.67 -6.36
C PRO A 359 -25.12 63.18 -6.49
N PRO A 360 -24.18 62.52 -5.82
CA PRO A 360 -24.09 61.06 -5.98
C PRO A 360 -25.42 60.37 -5.61
N THR A 361 -25.78 59.40 -6.41
CA THR A 361 -26.94 58.56 -6.15
C THR A 361 -26.50 57.33 -5.36
N VAL A 362 -27.29 56.94 -4.37
CA VAL A 362 -27.00 55.72 -3.62
C VAL A 362 -28.11 54.72 -3.87
N VAL A 363 -27.70 53.49 -4.19
CA VAL A 363 -28.61 52.39 -4.33
C VAL A 363 -29.46 52.35 -3.07
N PRO A 364 -30.78 52.28 -3.19
CA PRO A 364 -31.62 52.04 -2.02
C PRO A 364 -31.26 50.73 -1.35
N GLY A 365 -31.08 50.79 -0.02
CA GLY A 365 -30.71 49.61 0.73
C GLY A 365 -29.24 49.26 0.71
N GLY A 366 -28.40 50.13 0.15
CA GLY A 366 -26.97 49.91 0.12
C GLY A 366 -26.32 50.28 1.44
N ASP A 367 -24.99 50.31 1.42
CA ASP A 367 -24.22 50.63 2.60
C ASP A 367 -23.81 52.10 2.68
N LEU A 368 -23.89 52.82 1.56
CA LEU A 368 -23.40 54.19 1.50
C LEU A 368 -24.51 55.19 1.79
N ALA A 369 -24.17 56.18 2.60
CA ALA A 369 -25.08 57.27 2.92
C ALA A 369 -25.10 58.30 1.79
N LYS A 370 -26.28 58.88 1.59
CA LYS A 370 -26.41 60.00 0.67
C LYS A 370 -25.63 61.19 1.19
N VAL A 371 -24.77 61.76 0.36
CA VAL A 371 -24.02 62.94 0.74
C VAL A 371 -24.38 64.07 -0.22
N GLN A 372 -24.03 65.30 0.21
CA GLN A 372 -24.30 66.48 -0.59
CA GLN A 372 -24.29 66.50 -0.58
C GLN A 372 -23.15 66.85 -1.53
N ARG A 373 -21.99 66.25 -1.35
CA ARG A 373 -20.90 66.55 -2.27
C ARG A 373 -19.88 65.44 -2.14
N ALA A 374 -19.34 65.01 -3.28
CA ALA A 374 -18.31 63.99 -3.31
C ALA A 374 -17.28 64.37 -4.37
N VAL A 375 -16.10 63.78 -4.27
CA VAL A 375 -15.01 64.07 -5.19
C VAL A 375 -14.31 62.76 -5.47
N CYS A 376 -13.95 62.55 -6.73
CA CYS A 376 -13.07 61.49 -7.16
C CYS A 376 -11.85 62.12 -7.80
N MET A 377 -10.66 61.87 -7.22
CA MET A 377 -9.41 62.34 -7.78
C MET A 377 -8.81 61.22 -8.65
N LEU A 378 -8.40 61.56 -9.88
CA LEU A 378 -7.68 60.68 -10.80
C LEU A 378 -6.29 61.25 -10.97
N SER A 379 -5.28 60.59 -10.43
CA SER A 379 -3.91 61.11 -10.52
C SER A 379 -2.92 60.12 -11.13
N ASN A 380 -2.17 60.55 -12.15
CA ASN A 380 -1.11 59.71 -12.71
C ASN A 380 0.17 59.92 -11.90
N THR A 381 0.36 59.07 -10.91
CA THR A 381 1.51 59.11 -10.03
C THR A 381 2.37 57.87 -10.16
N THR A 382 3.69 58.05 -10.01
CA THR A 382 4.59 56.91 -10.12
C THR A 382 4.49 55.99 -8.91
N ALA A 383 3.74 56.39 -7.88
CA ALA A 383 3.64 55.58 -6.67
C ALA A 383 2.89 54.29 -6.92
N ILE A 384 2.08 54.25 -7.98
CA ILE A 384 1.32 53.05 -8.28
C ILE A 384 2.27 51.94 -8.70
N ALA A 385 3.51 52.29 -9.00
CA ALA A 385 4.46 51.25 -9.34
C ALA A 385 4.70 50.30 -8.18
N GLU A 386 4.40 50.73 -6.94
CA GLU A 386 4.43 49.79 -5.83
C GLU A 386 3.56 48.56 -6.13
N ALA A 387 2.39 48.78 -6.71
CA ALA A 387 1.50 47.67 -6.99
C ALA A 387 2.15 46.67 -7.92
N TRP A 388 2.93 47.16 -8.90
CA TRP A 388 3.62 46.26 -9.80
C TRP A 388 4.78 45.52 -9.10
N ALA A 389 5.48 46.21 -8.20
CA ALA A 389 6.59 45.57 -7.52
C ALA A 389 6.11 44.39 -6.71
N ARG A 390 5.02 44.58 -5.95
CA ARG A 390 4.46 43.51 -5.16
C ARG A 390 4.11 42.33 -6.04
N LEU A 391 3.43 42.60 -7.16
CA LEU A 391 3.00 41.52 -8.02
C LEU A 391 4.19 40.79 -8.62
N ASP A 392 5.18 41.55 -9.09
CA ASP A 392 6.32 40.91 -9.71
C ASP A 392 7.11 40.09 -8.70
N HIS A 393 7.11 40.52 -7.44
CA HIS A 393 7.86 39.72 -6.48
C HIS A 393 7.19 38.37 -6.27
N LYS A 394 5.86 38.35 -6.13
CA LYS A 394 5.20 37.06 -5.98
C LYS A 394 5.43 36.17 -7.20
N PHE A 395 5.44 36.77 -8.39
CA PHE A 395 5.72 36.00 -9.60
C PHE A 395 7.10 35.35 -9.51
N ASP A 396 8.08 36.14 -9.11
CA ASP A 396 9.44 35.61 -9.10
C ASP A 396 9.51 34.42 -8.14
N LEU A 397 8.85 34.52 -6.98
CA LEU A 397 8.93 33.42 -6.02
C LEU A 397 8.49 32.09 -6.66
N MET A 398 7.31 32.07 -7.30
CA MET A 398 6.89 30.80 -7.90
C MET A 398 7.70 30.46 -9.16
N TYR A 399 7.97 31.46 -10.00
CA TYR A 399 8.56 31.11 -11.28
C TYR A 399 9.96 30.58 -11.10
N ALA A 400 10.65 30.96 -10.02
CA ALA A 400 11.99 30.44 -9.81
C ALA A 400 11.99 28.92 -9.62
N LYS A 401 10.88 28.35 -9.18
CA LYS A 401 10.75 26.92 -8.99
C LYS A 401 9.88 26.28 -10.06
N ARG A 402 9.43 27.05 -11.04
CA ARG A 402 8.54 26.57 -12.07
C ARG A 402 7.26 25.98 -11.48
N ALA A 403 6.87 26.50 -10.32
CA ALA A 403 5.66 26.04 -9.67
C ALA A 403 4.44 26.35 -10.54
N PHE A 404 3.59 25.35 -10.74
CA PHE A 404 2.33 25.43 -11.48
C PHE A 404 2.50 25.65 -12.99
N VAL A 405 3.72 25.81 -13.48
CA VAL A 405 3.95 26.11 -14.89
C VAL A 405 3.37 25.04 -15.80
N HIS A 406 3.42 23.78 -15.37
CA HIS A 406 2.90 22.71 -16.21
C HIS A 406 1.43 22.89 -16.54
N TRP A 407 0.66 23.56 -15.69
CA TRP A 407 -0.76 23.76 -16.01
C TRP A 407 -0.90 24.63 -17.25
N TYR A 408 0.01 25.58 -17.42
CA TYR A 408 -0.05 26.50 -18.52
C TYR A 408 0.54 25.87 -19.78
N VAL A 409 1.68 25.20 -19.65
CA VAL A 409 2.25 24.54 -20.81
C VAL A 409 1.30 23.49 -21.38
N GLY A 410 0.54 22.83 -20.51
CA GLY A 410 -0.44 21.83 -20.94
C GLY A 410 -1.57 22.34 -21.82
N GLU A 411 -1.83 23.63 -21.79
CA GLU A 411 -2.88 24.24 -22.60
C GLU A 411 -2.35 24.79 -23.90
N GLY A 412 -1.05 24.56 -24.19
CA GLY A 412 -0.40 24.96 -25.41
C GLY A 412 0.49 26.20 -25.32
N MET A 413 0.55 26.86 -24.18
CA MET A 413 1.46 27.99 -24.03
C MET A 413 2.91 27.52 -23.89
N GLU A 414 3.85 28.35 -24.36
CA GLU A 414 5.25 28.03 -24.20
C GLU A 414 5.80 28.66 -22.94
N GLU A 415 6.77 27.99 -22.33
CA GLU A 415 7.31 28.51 -21.08
C GLU A 415 7.90 29.89 -21.30
N GLY A 416 8.38 30.15 -22.51
CA GLY A 416 8.96 31.44 -22.85
C GLY A 416 8.03 32.62 -22.67
N GLU A 417 6.73 32.43 -22.90
CA GLU A 417 5.81 33.54 -22.69
C GLU A 417 5.93 34.10 -21.28
N PHE A 418 6.17 33.21 -20.31
CA PHE A 418 6.34 33.62 -18.92
C PHE A 418 7.47 34.65 -18.81
N SER A 419 8.64 34.31 -19.38
CA SER A 419 9.81 35.20 -19.32
C SER A 419 9.57 36.48 -20.09
N GLU A 420 8.98 36.38 -21.28
CA GLU A 420 8.68 37.56 -22.08
CA GLU A 420 8.69 37.57 -22.07
C GLU A 420 7.83 38.54 -21.27
N ALA A 421 6.78 38.02 -20.63
CA ALA A 421 5.92 38.87 -19.81
C ALA A 421 6.68 39.43 -18.61
N ARG A 422 7.57 38.65 -18.00
CA ARG A 422 8.28 39.17 -16.84
C ARG A 422 9.27 40.27 -17.23
N GLU A 423 9.92 40.14 -18.39
CA GLU A 423 10.81 41.22 -18.84
C GLU A 423 10.02 42.47 -19.15
N ASP A 424 8.84 42.29 -19.72
CA ASP A 424 8.04 43.46 -20.02
C ASP A 424 7.66 44.18 -18.73
N MET A 425 7.38 43.42 -17.68
CA MET A 425 7.08 44.01 -16.37
C MET A 425 8.31 44.68 -15.77
N ALA A 426 9.48 44.08 -15.95
CA ALA A 426 10.71 44.69 -15.43
C ALA A 426 10.96 46.01 -16.16
N ALA A 427 10.64 46.05 -17.44
CA ALA A 427 10.75 47.30 -18.18
C ALA A 427 9.74 48.31 -17.66
N LEU A 428 8.55 47.86 -17.31
CA LEU A 428 7.54 48.81 -16.82
C LEU A 428 7.97 49.43 -15.49
N GLU A 429 8.53 48.61 -14.60
CA GLU A 429 9.04 49.13 -13.33
C GLU A 429 10.19 50.09 -13.56
N LYS A 430 11.03 49.80 -14.56
CA LYS A 430 12.15 50.70 -14.86
C LYS A 430 11.63 52.03 -15.40
N ASP A 431 10.62 51.98 -16.28
CA ASP A 431 10.02 53.21 -16.82
C ASP A 431 9.53 54.09 -15.68
N TYR A 432 8.80 53.48 -14.75
CA TYR A 432 8.33 54.25 -13.61
C TYR A 432 9.52 54.84 -12.85
N GLU A 433 10.60 54.08 -12.71
CA GLU A 433 11.72 54.58 -11.91
C GLU A 433 12.37 55.78 -12.58
N GLU A 434 12.50 55.75 -13.89
CA GLU A 434 13.05 56.89 -14.61
C GLU A 434 12.15 58.11 -14.49
N VAL A 435 10.86 57.94 -14.70
CA VAL A 435 10.01 59.13 -14.65
C VAL A 435 10.07 59.76 -13.25
N GLY A 436 10.09 58.93 -12.21
CA GLY A 436 9.94 59.34 -10.82
C GLY A 436 11.11 59.62 -9.88
N VAL A 437 12.31 59.18 -10.23
CA VAL A 437 13.42 59.32 -9.26
C VAL A 437 14.48 60.28 -9.79
N ASP A 438 15.35 60.74 -8.90
CA ASP A 438 16.42 61.70 -9.28
C ASP A 438 17.66 61.40 -8.43
N SER A 439 18.31 60.25 -8.64
CA SER A 439 19.48 59.85 -7.83
C SER A 439 20.23 61.09 -7.31
N MET B 1 -18.55 22.37 -15.64
CA MET B 1 -18.15 21.52 -14.52
C MET B 1 -19.27 21.15 -13.54
N ARG B 2 -19.99 20.10 -13.89
CA ARG B 2 -21.14 19.66 -13.12
C ARG B 2 -20.95 18.23 -12.63
N GLU B 3 -21.17 17.29 -13.53
CA GLU B 3 -21.32 15.90 -13.13
C GLU B 3 -20.00 15.21 -12.82
N ILE B 4 -20.02 14.44 -11.73
CA ILE B 4 -18.93 13.54 -11.39
C ILE B 4 -19.47 12.12 -11.48
N VAL B 5 -18.73 11.22 -12.13
CA VAL B 5 -19.05 9.79 -12.17
C VAL B 5 -18.21 9.07 -11.13
N HIS B 6 -18.89 8.37 -10.24
CA HIS B 6 -18.25 7.66 -9.15
C HIS B 6 -18.10 6.16 -9.45
N ILE B 7 -16.93 5.62 -9.18
CA ILE B 7 -16.65 4.20 -9.33
C ILE B 7 -16.06 3.68 -8.04
N GLN B 8 -16.58 2.55 -7.53
CA GLN B 8 -16.04 1.87 -6.36
C GLN B 8 -15.73 0.42 -6.72
N ALA B 9 -14.51 -0.01 -6.44
CA ALA B 9 -14.02 -1.30 -6.90
C ALA B 9 -13.40 -2.13 -5.77
N GLY B 10 -13.74 -3.40 -5.73
CA GLY B 10 -13.19 -4.29 -4.73
C GLY B 10 -13.92 -4.18 -3.40
N GLN B 11 -13.45 -4.96 -2.42
CA GLN B 11 -14.09 -4.98 -1.12
C GLN B 11 -14.01 -3.62 -0.40
N CYS B 12 -12.79 -3.11 -0.19
CA CYS B 12 -12.64 -1.84 0.49
C CYS B 12 -13.29 -0.70 -0.28
N GLY B 13 -13.08 -0.65 -1.60
CA GLY B 13 -13.69 0.39 -2.41
C GLY B 13 -15.19 0.41 -2.27
N ASN B 14 -15.82 -0.77 -2.29
CA ASN B 14 -17.27 -0.79 -2.18
C ASN B 14 -17.77 -0.54 -0.76
N GLN B 15 -17.04 -0.95 0.27
CA GLN B 15 -17.53 -0.68 1.61
C GLN B 15 -17.43 0.81 1.93
N ILE B 16 -16.27 1.43 1.64
CA ILE B 16 -16.18 2.86 1.91
CA ILE B 16 -16.14 2.86 1.86
C ILE B 16 -17.08 3.62 0.95
N GLY B 17 -17.22 3.18 -0.30
CA GLY B 17 -18.10 3.89 -1.22
C GLY B 17 -19.54 3.87 -0.76
N ALA B 18 -20.00 2.71 -0.25
CA ALA B 18 -21.36 2.62 0.26
C ALA B 18 -21.55 3.59 1.42
N LYS B 19 -20.59 3.67 2.36
CA LYS B 19 -20.78 4.68 3.41
C LYS B 19 -20.78 6.09 2.86
N PHE B 20 -19.95 6.37 1.87
CA PHE B 20 -19.96 7.69 1.31
C PHE B 20 -21.35 8.04 0.79
N TRP B 21 -21.98 7.10 0.09
CA TRP B 21 -23.32 7.40 -0.43
C TRP B 21 -24.36 7.49 0.68
N GLU B 22 -24.24 6.67 1.73
CA GLU B 22 -25.18 6.83 2.85
C GLU B 22 -25.09 8.22 3.48
N VAL B 23 -23.87 8.64 3.80
CA VAL B 23 -23.65 9.90 4.50
C VAL B 23 -24.11 11.09 3.66
N ILE B 24 -23.66 11.16 2.41
CA ILE B 24 -24.07 12.34 1.65
C ILE B 24 -25.56 12.29 1.29
N SER B 25 -26.14 11.10 1.15
CA SER B 25 -27.57 11.05 0.89
C SER B 25 -28.34 11.60 2.08
N ASP B 26 -27.89 11.26 3.28
CA ASP B 26 -28.53 11.84 4.46
C ASP B 26 -28.38 13.35 4.46
N GLU B 27 -27.19 13.84 4.11
CA GLU B 27 -26.96 15.29 4.10
C GLU B 27 -27.85 15.99 3.08
N HIS B 28 -28.07 15.37 1.92
CA HIS B 28 -28.87 15.98 0.88
C HIS B 28 -30.36 15.69 0.98
N GLY B 29 -30.80 15.03 2.04
CA GLY B 29 -32.21 14.76 2.24
C GLY B 29 -32.79 13.70 1.32
N ILE B 30 -31.97 12.75 0.85
CA ILE B 30 -32.42 11.63 0.00
C ILE B 30 -32.59 10.41 0.89
N ASP B 31 -33.73 9.76 0.80
CA ASP B 31 -33.98 8.59 1.62
C ASP B 31 -33.48 7.36 0.89
N PRO B 32 -33.37 6.23 1.58
CA PRO B 32 -32.86 5.02 0.93
C PRO B 32 -33.59 4.60 -0.35
N THR B 33 -34.74 5.21 -0.65
CA THR B 33 -35.46 4.90 -1.87
C THR B 33 -35.23 5.91 -2.98
N GLY B 34 -34.57 7.03 -2.68
CA GLY B 34 -34.26 8.05 -3.67
C GLY B 34 -35.22 9.22 -3.75
N SER B 35 -36.15 9.33 -2.78
CA SER B 35 -37.11 10.42 -2.73
C SER B 35 -36.57 11.51 -1.80
N TYR B 36 -36.75 12.76 -2.19
CA TYR B 36 -36.28 13.87 -1.38
C TYR B 36 -37.24 14.11 -0.21
N HIS B 37 -36.67 14.38 0.98
CA HIS B 37 -37.44 14.62 2.22
C HIS B 37 -36.71 15.62 3.12
N GLY B 38 -36.09 16.62 2.52
CA GLY B 38 -35.30 17.61 3.23
C GLY B 38 -36.06 18.92 3.43
N ASP B 39 -35.43 19.84 4.15
CA ASP B 39 -36.07 21.09 4.51
C ASP B 39 -35.44 22.34 3.90
N SER B 40 -34.42 22.19 3.05
CA SER B 40 -33.70 23.32 2.48
C SER B 40 -33.43 23.10 0.99
N ASP B 41 -33.47 24.18 0.22
CA ASP B 41 -33.17 24.09 -1.21
C ASP B 41 -31.67 24.18 -1.43
N LEU B 42 -30.93 24.40 -0.35
CA LEU B 42 -29.48 24.29 -0.38
C LEU B 42 -29.10 22.85 -0.67
N GLN B 43 -29.95 21.93 -0.24
CA GLN B 43 -29.70 20.50 -0.43
C GLN B 43 -29.76 20.12 -1.90
N LEU B 44 -30.54 20.84 -2.71
CA LEU B 44 -30.78 20.45 -4.11
C LEU B 44 -30.06 21.30 -5.11
N GLU B 45 -29.44 22.41 -4.71
CA GLU B 45 -28.87 23.28 -5.74
C GLU B 45 -27.83 22.55 -6.54
N ARG B 46 -26.97 21.76 -5.91
CA ARG B 46 -25.99 21.01 -6.68
C ARG B 46 -26.12 19.50 -6.55
N ILE B 47 -27.34 19.01 -6.35
CA ILE B 47 -27.56 17.58 -6.16
C ILE B 47 -27.20 16.80 -7.42
N ASN B 48 -27.23 17.47 -8.57
CA ASN B 48 -26.93 16.85 -9.86
CA ASN B 48 -26.93 16.84 -9.85
C ASN B 48 -25.45 16.57 -10.06
N VAL B 49 -24.59 17.03 -9.15
CA VAL B 49 -23.16 16.71 -9.27
C VAL B 49 -22.94 15.22 -9.10
N TYR B 50 -23.67 14.61 -8.16
CA TYR B 50 -23.54 13.21 -7.83
C TYR B 50 -24.78 12.36 -8.12
N TYR B 51 -25.93 12.97 -8.39
CA TYR B 51 -27.17 12.23 -8.59
C TYR B 51 -27.85 12.58 -9.91
N ASN B 52 -28.35 11.56 -10.60
CA ASN B 52 -29.25 11.75 -11.75
C ASN B 52 -30.70 11.78 -11.26
N GLU B 53 -31.56 12.43 -12.06
CA GLU B 53 -32.99 12.49 -11.79
C GLU B 53 -33.72 11.50 -12.69
N ALA B 54 -34.52 10.67 -12.06
CA ALA B 54 -35.37 9.70 -12.69
C ALA B 54 -36.80 10.27 -12.69
N THR B 55 -37.78 9.39 -12.77
CA THR B 55 -39.17 9.80 -12.79
C THR B 55 -39.75 9.71 -11.39
N GLY B 56 -40.50 10.72 -10.98
CA GLY B 56 -41.08 10.73 -9.66
C GLY B 56 -40.25 11.43 -8.61
N ASN B 57 -39.48 12.45 -9.00
CA ASN B 57 -38.56 13.15 -8.10
C ASN B 57 -37.58 12.17 -7.49
N LYS B 58 -37.16 11.17 -8.26
CA LYS B 58 -36.21 10.19 -7.76
C LYS B 58 -34.79 10.60 -8.12
N TYR B 59 -33.89 10.51 -7.16
CA TYR B 59 -32.46 10.75 -7.33
C TYR B 59 -31.68 9.45 -7.21
N VAL B 60 -30.88 9.16 -8.23
CA VAL B 60 -30.12 7.93 -8.33
C VAL B 60 -28.64 8.30 -8.34
N PRO B 61 -27.84 7.80 -7.40
CA PRO B 61 -26.39 8.06 -7.41
C PRO B 61 -25.76 7.76 -8.76
N ARG B 62 -24.97 8.70 -9.28
CA ARG B 62 -24.20 8.46 -10.49
C ARG B 62 -22.98 7.61 -10.11
N ALA B 63 -23.25 6.34 -9.76
CA ALA B 63 -22.25 5.43 -9.18
C ALA B 63 -22.20 4.06 -9.87
N ILE B 64 -20.99 3.55 -10.07
CA ILE B 64 -20.75 2.25 -10.69
C ILE B 64 -19.99 1.36 -9.70
N LEU B 65 -20.54 0.17 -9.43
CA LEU B 65 -20.05 -0.79 -8.45
C LEU B 65 -19.41 -1.98 -9.17
N VAL B 66 -18.11 -2.22 -8.90
CA VAL B 66 -17.33 -3.20 -9.63
C VAL B 66 -16.66 -4.17 -8.66
N ASP B 67 -16.70 -5.46 -8.95
CA ASP B 67 -15.93 -6.39 -8.14
C ASP B 67 -15.73 -7.66 -8.93
N LEU B 68 -14.72 -8.44 -8.57
CA LEU B 68 -14.45 -9.71 -9.24
C LEU B 68 -15.04 -10.88 -8.46
N GLU B 69 -15.69 -10.63 -7.33
CA GLU B 69 -16.45 -11.64 -6.61
C GLU B 69 -17.73 -11.02 -6.09
N PRO B 70 -18.82 -11.79 -6.00
CA PRO B 70 -20.12 -11.19 -5.70
C PRO B 70 -20.41 -10.87 -4.24
N GLY B 71 -19.62 -11.42 -3.31
CA GLY B 71 -19.90 -11.26 -1.88
C GLY B 71 -20.18 -9.84 -1.43
N THR B 72 -19.18 -8.97 -1.61
CA THR B 72 -19.31 -7.62 -1.09
C THR B 72 -20.48 -6.88 -1.73
N MET B 73 -20.76 -7.11 -3.01
CA MET B 73 -21.88 -6.34 -3.56
C MET B 73 -23.23 -6.89 -3.13
N ASP B 74 -23.30 -8.17 -2.72
CA ASP B 74 -24.50 -8.64 -2.06
C ASP B 74 -24.66 -7.93 -0.72
N SER B 75 -23.56 -7.72 0.01
CA SER B 75 -23.69 -7.00 1.27
C SER B 75 -24.20 -5.60 1.02
N VAL B 76 -23.75 -4.98 -0.07
CA VAL B 76 -24.19 -3.63 -0.40
C VAL B 76 -25.68 -3.61 -0.77
N ARG B 77 -26.14 -4.58 -1.57
CA ARG B 77 -27.57 -4.64 -1.89
C ARG B 77 -28.40 -4.84 -0.63
N SER B 78 -27.89 -5.62 0.32
CA SER B 78 -28.67 -5.92 1.51
C SER B 78 -28.57 -4.81 2.56
N GLY B 79 -27.51 -4.02 2.53
CA GLY B 79 -27.32 -2.99 3.52
C GLY B 79 -28.21 -1.79 3.33
N PRO B 80 -28.09 -0.85 4.26
CA PRO B 80 -28.84 0.39 4.16
C PRO B 80 -28.48 1.15 2.89
N PHE B 81 -29.52 1.67 2.24
CA PHE B 81 -29.42 2.46 1.02
C PHE B 81 -29.01 1.61 -0.16
N GLY B 82 -29.04 0.29 -0.01
CA GLY B 82 -28.72 -0.61 -1.09
C GLY B 82 -29.67 -0.46 -2.26
N GLN B 83 -30.90 -0.09 -1.97
CA GLN B 83 -31.94 0.02 -2.98
C GLN B 83 -31.75 1.25 -3.87
N ILE B 84 -30.89 2.19 -3.47
CA ILE B 84 -30.68 3.47 -4.16
C ILE B 84 -29.86 3.34 -5.44
N PHE B 85 -28.98 2.36 -5.53
CA PHE B 85 -28.13 2.23 -6.71
C PHE B 85 -28.87 1.67 -7.92
N ARG B 86 -28.50 2.16 -9.10
CA ARG B 86 -29.05 1.66 -10.35
C ARG B 86 -28.69 0.18 -10.49
N PRO B 87 -29.66 -0.69 -10.66
CA PRO B 87 -29.36 -2.12 -10.73
C PRO B 87 -28.37 -2.47 -11.83
N ASP B 88 -28.37 -1.73 -12.94
CA ASP B 88 -27.50 -2.06 -14.06
C ASP B 88 -26.07 -1.62 -13.84
N ASN B 89 -25.80 -0.87 -12.80
CA ASN B 89 -24.46 -0.40 -12.52
C ASN B 89 -23.69 -1.33 -11.60
N PHE B 90 -24.27 -2.47 -11.23
CA PHE B 90 -23.55 -3.52 -10.50
C PHE B 90 -22.88 -4.42 -11.53
N VAL B 91 -21.56 -4.38 -11.59
CA VAL B 91 -20.76 -5.20 -12.51
C VAL B 91 -19.80 -6.06 -11.70
N PHE B 92 -19.95 -7.38 -11.79
CA PHE B 92 -19.16 -8.27 -10.95
C PHE B 92 -18.90 -9.61 -11.61
N GLY B 93 -17.77 -10.20 -11.27
CA GLY B 93 -17.40 -11.52 -11.72
C GLY B 93 -17.63 -12.54 -10.61
N GLN B 94 -17.11 -13.75 -10.84
CA GLN B 94 -17.36 -14.84 -9.93
C GLN B 94 -16.09 -15.46 -9.38
N SER B 95 -14.94 -15.16 -9.95
CA SER B 95 -13.69 -15.84 -9.69
C SER B 95 -12.89 -15.27 -8.53
N GLY B 96 -13.06 -13.99 -8.25
CA GLY B 96 -12.25 -13.29 -7.27
C GLY B 96 -10.87 -12.97 -7.84
N ALA B 97 -10.09 -12.23 -7.05
CA ALA B 97 -8.75 -11.81 -7.47
C ALA B 97 -7.67 -12.25 -6.49
N GLY B 98 -8.04 -13.07 -5.49
CA GLY B 98 -7.11 -13.62 -4.53
C GLY B 98 -6.08 -12.66 -3.99
N ASN B 99 -6.46 -11.41 -3.68
CA ASN B 99 -5.51 -10.41 -3.16
C ASN B 99 -4.29 -10.27 -4.05
N ASN B 100 -4.45 -10.42 -5.35
CA ASN B 100 -3.33 -10.47 -6.28
C ASN B 100 -3.47 -9.38 -7.33
N TRP B 101 -2.56 -8.40 -7.29
CA TRP B 101 -2.61 -7.32 -8.26
C TRP B 101 -2.61 -7.85 -9.69
N ALA B 102 -1.75 -8.83 -9.99
CA ALA B 102 -1.68 -9.36 -11.34
C ALA B 102 -3.03 -9.91 -11.79
N LYS B 103 -3.73 -10.64 -10.91
CA LYS B 103 -5.04 -11.17 -11.27
CA LYS B 103 -5.04 -11.18 -11.28
C LYS B 103 -6.03 -10.05 -11.55
N GLY B 104 -5.97 -8.99 -10.76
CA GLY B 104 -6.91 -7.88 -10.94
C GLY B 104 -6.64 -7.10 -12.20
N HIS B 105 -5.36 -6.90 -12.52
CA HIS B 105 -4.94 -6.01 -13.59
C HIS B 105 -4.81 -6.68 -14.94
N TYR B 106 -4.38 -7.95 -14.98
CA TYR B 106 -4.01 -8.59 -16.24
C TYR B 106 -4.86 -9.78 -16.67
N THR B 107 -5.29 -10.63 -15.76
CA THR B 107 -5.97 -11.86 -16.15
C THR B 107 -7.46 -11.79 -15.82
N GLU B 108 -7.88 -12.04 -14.58
CA GLU B 108 -9.32 -11.99 -14.29
C GLU B 108 -9.93 -10.64 -14.62
N GLY B 109 -9.27 -9.54 -14.27
CA GLY B 109 -9.83 -8.22 -14.51
C GLY B 109 -10.04 -7.88 -15.98
N ALA B 110 -9.13 -8.32 -16.84
CA ALA B 110 -9.23 -8.02 -18.27
C ALA B 110 -10.53 -8.53 -18.86
N GLU B 111 -11.10 -9.59 -18.29
CA GLU B 111 -12.33 -10.19 -18.84
C GLU B 111 -13.58 -9.38 -18.47
N LEU B 112 -13.54 -8.64 -17.37
CA LEU B 112 -14.71 -7.90 -16.87
C LEU B 112 -14.66 -6.41 -17.26
N VAL B 113 -13.47 -5.94 -17.64
CA VAL B 113 -13.23 -4.50 -17.78
C VAL B 113 -14.13 -3.87 -18.85
N ASP B 114 -14.39 -4.56 -19.97
CA ASP B 114 -15.22 -3.95 -21.02
C ASP B 114 -16.65 -3.73 -20.55
N SER B 115 -17.22 -4.67 -19.81
CA SER B 115 -18.54 -4.45 -19.24
CA SER B 115 -18.54 -4.45 -19.23
C SER B 115 -18.53 -3.18 -18.38
N VAL B 116 -17.53 -3.06 -17.52
CA VAL B 116 -17.48 -1.84 -16.71
C VAL B 116 -17.43 -0.61 -17.61
N LEU B 117 -16.61 -0.64 -18.66
CA LEU B 117 -16.53 0.54 -19.52
C LEU B 117 -17.85 0.82 -20.23
N ASP B 118 -18.66 -0.20 -20.52
CA ASP B 118 -19.98 0.07 -21.09
C ASP B 118 -20.82 0.88 -20.11
N VAL B 119 -20.78 0.53 -18.84
CA VAL B 119 -21.57 1.30 -17.88
C VAL B 119 -20.99 2.70 -17.69
N VAL B 120 -19.67 2.81 -17.58
CA VAL B 120 -19.05 4.13 -17.47
C VAL B 120 -19.45 5.03 -18.64
N ARG B 121 -19.31 4.50 -19.86
CA ARG B 121 -19.66 5.24 -21.07
C ARG B 121 -21.13 5.65 -21.06
N LYS B 122 -22.02 4.74 -20.66
CA LYS B 122 -23.45 5.05 -20.60
C LYS B 122 -23.73 6.17 -19.60
N GLU B 123 -23.00 6.17 -18.48
CA GLU B 123 -23.22 7.22 -17.47
C GLU B 123 -22.67 8.55 -17.95
N SER B 124 -21.52 8.53 -18.62
CA SER B 124 -20.90 9.74 -19.12
C SER B 124 -21.78 10.38 -20.18
N GLU B 125 -22.37 9.55 -21.04
CA GLU B 125 -23.22 10.05 -22.10
C GLU B 125 -24.41 10.84 -21.54
N SER B 126 -24.85 10.51 -20.33
CA SER B 126 -25.98 11.21 -19.73
C SER B 126 -25.59 12.52 -19.04
N CYS B 127 -24.31 12.90 -19.06
CA CYS B 127 -23.82 14.10 -18.37
C CYS B 127 -23.83 15.33 -19.27
N ASP B 128 -24.47 16.41 -18.80
CA ASP B 128 -24.53 17.70 -19.50
C ASP B 128 -23.13 18.25 -19.79
N CYS B 129 -22.25 18.22 -18.79
CA CYS B 129 -20.86 18.63 -18.99
C CYS B 129 -20.09 17.93 -17.87
N LEU B 130 -19.54 16.78 -18.22
CA LEU B 130 -18.85 15.93 -17.26
C LEU B 130 -17.58 16.59 -16.77
N GLN B 131 -17.46 16.69 -15.45
CA GLN B 131 -16.28 17.20 -14.76
C GLN B 131 -15.17 16.14 -14.78
N GLY B 132 -15.48 14.93 -14.32
CA GLY B 132 -14.48 13.87 -14.25
C GLY B 132 -15.00 12.73 -13.41
N PHE B 133 -14.05 11.97 -12.85
CA PHE B 133 -14.33 10.70 -12.20
C PHE B 133 -13.71 10.67 -10.82
N GLN B 134 -14.36 9.99 -9.89
CA GLN B 134 -13.76 9.66 -8.60
C GLN B 134 -13.89 8.16 -8.42
N LEU B 135 -12.82 7.56 -7.90
CA LEU B 135 -12.74 6.12 -7.73
C LEU B 135 -12.39 5.85 -6.27
N THR B 136 -13.08 4.90 -5.64
CA THR B 136 -12.75 4.42 -4.31
CA THR B 136 -12.76 4.42 -4.31
C THR B 136 -12.20 3.01 -4.41
N HIS B 137 -11.04 2.79 -3.78
CA HIS B 137 -10.41 1.48 -3.82
C HIS B 137 -9.32 1.44 -2.78
N SER B 138 -8.87 0.24 -2.49
CA SER B 138 -7.68 0.03 -1.70
C SER B 138 -6.55 -0.32 -2.67
N LEU B 139 -5.31 -0.15 -2.17
CA LEU B 139 -4.13 -0.47 -2.95
C LEU B 139 -3.49 -1.79 -2.54
N GLY B 140 -3.93 -2.41 -1.45
CA GLY B 140 -3.27 -3.58 -0.89
C GLY B 140 -3.82 -4.91 -1.36
N GLY B 141 -5.05 -4.94 -1.88
CA GLY B 141 -5.69 -6.15 -2.36
C GLY B 141 -5.47 -6.40 -3.84
N GLY B 142 -6.44 -7.02 -4.49
CA GLY B 142 -6.26 -7.33 -5.89
C GLY B 142 -7.18 -6.59 -6.82
N THR B 143 -8.47 -6.54 -6.48
CA THR B 143 -9.42 -5.89 -7.39
C THR B 143 -9.25 -4.38 -7.34
N GLY B 144 -9.35 -3.76 -6.17
CA GLY B 144 -9.20 -2.33 -6.10
C GLY B 144 -7.85 -1.88 -6.62
N SER B 145 -6.80 -2.51 -6.15
CA SER B 145 -5.44 -2.17 -6.63
C SER B 145 -5.28 -2.45 -8.13
N GLY B 146 -5.39 -3.72 -8.55
CA GLY B 146 -5.10 -4.10 -9.91
C GLY B 146 -6.14 -3.66 -10.91
N MET B 147 -7.39 -4.05 -10.68
CA MET B 147 -8.41 -3.69 -11.65
C MET B 147 -8.77 -2.22 -11.53
N GLY B 148 -8.67 -1.61 -10.34
CA GLY B 148 -8.94 -0.21 -10.23
C GLY B 148 -8.00 0.59 -11.09
N THR B 149 -6.69 0.26 -11.03
CA THR B 149 -5.74 1.03 -11.83
C THR B 149 -5.85 0.67 -13.30
N LEU B 150 -6.30 -0.55 -13.64
CA LEU B 150 -6.59 -0.86 -15.04
C LEU B 150 -7.75 0.01 -15.53
N LEU B 151 -8.81 0.11 -14.73
CA LEU B 151 -9.94 0.96 -15.08
C LEU B 151 -9.51 2.39 -15.30
N ILE B 152 -8.69 2.92 -14.38
CA ILE B 152 -8.21 4.29 -14.50
C ILE B 152 -7.52 4.51 -15.85
N SER B 153 -6.65 3.56 -16.25
CA SER B 153 -5.92 3.71 -17.51
CA SER B 153 -5.92 3.75 -17.50
C SER B 153 -6.87 3.71 -18.69
N LYS B 154 -7.87 2.83 -18.66
CA LYS B 154 -8.82 2.77 -19.78
C LYS B 154 -9.64 4.06 -19.84
N ILE B 155 -10.10 4.53 -18.69
CA ILE B 155 -10.88 5.76 -18.66
C ILE B 155 -10.06 6.95 -19.15
N ARG B 156 -8.77 7.03 -18.78
CA ARG B 156 -7.95 8.13 -19.28
C ARG B 156 -7.80 8.04 -20.78
N GLU B 157 -7.84 6.83 -21.33
CA GLU B 157 -7.74 6.67 -22.77
C GLU B 157 -8.99 7.18 -23.47
N GLU B 158 -10.17 6.89 -22.91
CA GLU B 158 -11.43 7.34 -23.48
C GLU B 158 -11.82 8.78 -23.14
N TYR B 159 -11.30 9.33 -22.05
CA TYR B 159 -11.64 10.70 -21.61
C TYR B 159 -10.38 11.41 -21.19
N PRO B 160 -9.44 11.61 -22.12
CA PRO B 160 -8.14 12.13 -21.71
C PRO B 160 -8.14 13.51 -21.09
N ASP B 161 -9.18 14.33 -21.25
CA ASP B 161 -9.16 15.71 -20.75
C ASP B 161 -10.07 15.91 -19.53
N ARG B 162 -10.47 14.85 -18.85
CA ARG B 162 -11.29 14.96 -17.66
C ARG B 162 -10.43 14.68 -16.43
N ILE B 163 -10.89 15.17 -15.29
CA ILE B 163 -10.14 14.98 -14.05
C ILE B 163 -10.38 13.58 -13.53
N MET B 164 -9.29 12.92 -13.15
CA MET B 164 -9.37 11.59 -12.56
C MET B 164 -8.96 11.80 -11.10
N ASN B 165 -9.84 11.44 -10.17
CA ASN B 165 -9.62 11.69 -8.75
C ASN B 165 -9.87 10.38 -7.99
N THR B 166 -8.98 10.00 -7.07
CA THR B 166 -9.18 8.75 -6.32
C THR B 166 -9.10 8.98 -4.82
N PHE B 167 -9.84 8.17 -4.08
CA PHE B 167 -9.65 8.00 -2.65
C PHE B 167 -9.01 6.63 -2.48
N SER B 168 -7.71 6.61 -2.18
CA SER B 168 -6.90 5.38 -2.18
C SER B 168 -6.43 5.01 -0.77
N VAL B 169 -6.89 3.87 -0.26
CA VAL B 169 -6.55 3.34 1.07
C VAL B 169 -5.22 2.58 1.05
N MET B 170 -4.23 3.05 1.82
CA MET B 170 -2.89 2.46 1.90
C MET B 170 -2.83 1.35 2.96
N PRO B 171 -2.17 0.23 2.63
CA PRO B 171 -2.05 -0.89 3.57
C PRO B 171 -1.11 -0.65 4.73
N SER B 172 -1.31 -1.43 5.79
CA SER B 172 -0.48 -1.34 6.98
C SER B 172 -0.48 -2.67 7.71
N PRO B 173 0.66 -3.09 8.24
CA PRO B 173 0.67 -4.32 9.05
C PRO B 173 -0.29 -4.26 10.22
N LYS B 174 -0.64 -3.08 10.70
CA LYS B 174 -1.56 -2.98 11.82
C LYS B 174 -2.95 -3.49 11.46
N VAL B 175 -3.39 -3.31 10.21
CA VAL B 175 -4.67 -3.84 9.72
C VAL B 175 -4.44 -4.54 8.39
N SER B 176 -3.91 -5.74 8.42
CA SER B 176 -3.44 -6.42 7.21
C SER B 176 -4.19 -7.70 6.88
N ASP B 177 -4.39 -7.95 5.58
CA ASP B 177 -5.03 -9.21 5.24
C ASP B 177 -4.02 -10.25 4.80
N THR B 178 -3.08 -9.89 3.94
CA THR B 178 -2.03 -10.79 3.47
C THR B 178 -0.69 -10.07 3.47
N VAL B 179 0.38 -10.88 3.42
CA VAL B 179 1.74 -10.33 3.38
C VAL B 179 2.08 -9.64 2.04
N VAL B 180 1.33 -9.89 0.96
CA VAL B 180 1.74 -9.37 -0.34
C VAL B 180 1.24 -7.95 -0.58
N GLU B 181 0.54 -7.35 0.40
CA GLU B 181 0.08 -5.97 0.27
C GLU B 181 1.14 -4.99 -0.19
N PRO B 182 2.37 -5.02 0.31
CA PRO B 182 3.38 -4.07 -0.21
C PRO B 182 3.64 -4.26 -1.69
N TYR B 183 3.53 -5.48 -2.21
CA TYR B 183 3.67 -5.66 -3.65
C TYR B 183 2.54 -4.94 -4.39
N ASN B 184 1.30 -5.24 -4.00
CA ASN B 184 0.12 -4.64 -4.65
C ASN B 184 0.12 -3.13 -4.54
N ALA B 185 0.58 -2.58 -3.42
CA ALA B 185 0.51 -1.14 -3.28
C ALA B 185 1.59 -0.46 -4.12
N THR B 186 2.80 -1.03 -4.16
CA THR B 186 3.87 -0.41 -4.95
C THR B 186 3.52 -0.40 -6.42
N LEU B 187 2.97 -1.50 -6.92
CA LEU B 187 2.53 -1.56 -8.31
C LEU B 187 1.45 -0.52 -8.60
N SER B 188 0.54 -0.29 -7.64
CA SER B 188 -0.55 0.66 -7.87
C SER B 188 -0.07 2.12 -7.83
N VAL B 189 0.79 2.47 -6.87
CA VAL B 189 1.28 3.84 -6.76
C VAL B 189 1.91 4.28 -8.07
N HIS B 190 2.64 3.38 -8.71
CA HIS B 190 3.22 3.67 -10.01
C HIS B 190 2.16 4.05 -11.03
N GLN B 191 1.00 3.39 -10.99
CA GLN B 191 -0.08 3.75 -11.89
C GLN B 191 -0.69 5.10 -11.52
N LEU B 192 -0.83 5.35 -10.20
CA LEU B 192 -1.49 6.58 -9.74
C LEU B 192 -0.65 7.79 -10.10
N VAL B 193 0.68 7.72 -9.83
CA VAL B 193 1.62 8.80 -10.19
CA VAL B 193 1.55 8.84 -10.16
C VAL B 193 1.40 9.27 -11.62
N GLU B 194 1.04 8.34 -12.49
CA GLU B 194 1.00 8.69 -13.89
CA GLU B 194 0.99 8.56 -13.93
C GLU B 194 -0.41 8.93 -14.42
N ASN B 195 -1.46 8.44 -13.77
CA ASN B 195 -2.79 8.53 -14.37
C ASN B 195 -3.88 9.17 -13.53
N THR B 196 -3.57 9.78 -12.40
CA THR B 196 -4.58 10.51 -11.64
C THR B 196 -4.16 11.97 -11.52
N ASP B 197 -5.14 12.86 -11.35
CA ASP B 197 -4.85 14.27 -11.19
C ASP B 197 -4.74 14.67 -9.72
N GLU B 198 -5.55 14.02 -8.86
CA GLU B 198 -5.59 14.20 -7.42
C GLU B 198 -5.84 12.84 -6.80
N THR B 199 -5.07 12.49 -5.76
CA THR B 199 -5.25 11.27 -4.98
C THR B 199 -5.22 11.58 -3.50
N TYR B 200 -6.33 11.34 -2.81
CA TYR B 200 -6.38 11.42 -1.34
C TYR B 200 -5.82 10.14 -0.75
N CYS B 201 -4.68 10.23 -0.01
CA CYS B 201 -4.05 9.08 0.63
C CYS B 201 -4.66 8.79 1.99
N ILE B 202 -5.52 7.79 2.04
CA ILE B 202 -6.17 7.37 3.27
C ILE B 202 -5.40 6.16 3.82
N ASP B 203 -4.59 6.40 4.84
CA ASP B 203 -3.67 5.42 5.42
C ASP B 203 -4.33 4.60 6.53
N ASN B 204 -4.48 3.27 6.29
CA ASN B 204 -5.03 2.41 7.34
C ASN B 204 -4.19 2.41 8.61
N GLU B 205 -2.90 2.73 8.50
CA GLU B 205 -2.10 2.82 9.72
C GLU B 205 -2.57 4.00 10.56
N ALA B 206 -2.79 5.16 9.93
CA ALA B 206 -3.24 6.34 10.63
C ALA B 206 -4.66 6.13 11.16
N LEU B 207 -5.54 5.56 10.33
CA LEU B 207 -6.90 5.32 10.80
C LEU B 207 -6.87 4.45 12.06
N TYR B 208 -6.04 3.42 12.04
CA TYR B 208 -5.91 2.57 13.20
C TYR B 208 -5.39 3.34 14.40
N ASP B 209 -4.30 4.08 14.22
CA ASP B 209 -3.75 4.85 15.33
C ASP B 209 -4.76 5.83 15.89
N ILE B 210 -5.58 6.45 15.03
CA ILE B 210 -6.60 7.38 15.52
C ILE B 210 -7.64 6.63 16.34
N CYS B 211 -8.10 5.47 15.86
CA CYS B 211 -9.09 4.74 16.64
C CYS B 211 -8.52 4.28 17.96
N PHE B 212 -7.24 3.92 17.98
CA PHE B 212 -6.62 3.39 19.19
C PHE B 212 -6.24 4.50 20.16
N ARG B 213 -5.27 5.34 19.78
CA ARG B 213 -4.77 6.36 20.70
C ARG B 213 -5.80 7.43 21.03
N THR B 214 -6.46 8.00 20.01
CA THR B 214 -7.38 9.12 20.25
C THR B 214 -8.76 8.67 20.71
N LEU B 215 -9.40 7.75 20.00
CA LEU B 215 -10.78 7.40 20.30
C LEU B 215 -10.89 6.30 21.34
N LYS B 216 -9.74 5.77 21.79
CA LYS B 216 -9.67 4.76 22.85
C LYS B 216 -10.46 3.51 22.52
N LEU B 217 -10.44 3.07 21.27
CA LEU B 217 -11.09 1.81 20.90
C LEU B 217 -10.03 0.70 20.88
N THR B 218 -10.18 -0.27 21.79
CA THR B 218 -9.19 -1.34 21.92
C THR B 218 -9.15 -2.18 20.65
N THR B 219 -10.32 -2.60 20.16
CA THR B 219 -10.45 -3.52 19.02
C THR B 219 -11.11 -2.79 17.86
N PRO B 220 -10.36 -1.99 17.11
CA PRO B 220 -10.94 -1.25 15.98
C PRO B 220 -11.37 -2.20 14.87
N THR B 221 -12.59 -2.02 14.39
CA THR B 221 -13.07 -2.82 13.29
C THR B 221 -13.03 -1.97 12.02
N TYR B 222 -13.31 -2.62 10.90
CA TYR B 222 -13.38 -1.89 9.64
C TYR B 222 -14.52 -0.88 9.68
N GLY B 223 -15.58 -1.17 10.43
CA GLY B 223 -16.66 -0.21 10.58
C GLY B 223 -16.19 1.10 11.17
N ASP B 224 -15.38 1.04 12.24
CA ASP B 224 -14.83 2.25 12.83
C ASP B 224 -13.97 3.04 11.83
N LEU B 225 -12.99 2.35 11.24
CA LEU B 225 -12.11 2.96 10.25
C LEU B 225 -12.92 3.63 9.14
N ASN B 226 -13.97 2.95 8.67
CA ASN B 226 -14.76 3.49 7.57
C ASN B 226 -15.63 4.65 8.02
N HIS B 227 -16.01 4.75 9.30
CA HIS B 227 -16.76 5.93 9.69
C HIS B 227 -15.85 7.14 9.62
N LEU B 228 -14.57 6.94 9.97
CA LEU B 228 -13.58 8.02 9.82
C LEU B 228 -13.43 8.38 8.35
N VAL B 229 -13.38 7.37 7.48
CA VAL B 229 -13.20 7.65 6.07
C VAL B 229 -14.43 8.38 5.51
N SER B 230 -15.62 7.93 5.89
CA SER B 230 -16.82 8.59 5.40
C SER B 230 -16.83 10.07 5.81
N ALA B 231 -16.44 10.38 7.05
CA ALA B 231 -16.47 11.78 7.48
C ALA B 231 -15.46 12.61 6.67
N THR B 232 -14.30 12.04 6.39
CA THR B 232 -13.33 12.80 5.62
C THR B 232 -13.81 13.00 4.18
N MET B 233 -14.38 11.95 3.57
CA MET B 233 -14.87 12.09 2.20
C MET B 233 -16.00 13.11 2.11
N SER B 234 -16.87 13.16 3.13
CA SER B 234 -17.91 14.17 3.11
C SER B 234 -17.30 15.56 3.18
N GLY B 235 -16.30 15.76 4.04
CA GLY B 235 -15.71 17.07 4.19
C GLY B 235 -14.96 17.54 2.96
N VAL B 236 -14.17 16.65 2.36
CA VAL B 236 -13.40 17.09 1.20
CA VAL B 236 -13.39 17.08 1.19
C VAL B 236 -14.31 17.44 0.03
N THR B 237 -15.49 16.82 -0.06
CA THR B 237 -16.36 17.09 -1.20
C THR B 237 -17.41 18.16 -0.91
N THR B 238 -17.34 18.81 0.26
CA THR B 238 -18.37 19.79 0.63
C THR B 238 -18.51 20.86 -0.44
N CYS B 239 -17.40 21.50 -0.79
CA CYS B 239 -17.49 22.60 -1.74
CA CYS B 239 -17.36 22.56 -1.79
C CYS B 239 -17.98 22.15 -3.11
N LEU B 240 -17.90 20.87 -3.46
CA LEU B 240 -18.55 20.42 -4.69
C LEU B 240 -20.05 20.27 -4.51
N ARG B 241 -20.52 19.98 -3.30
CA ARG B 241 -21.92 19.60 -3.13
C ARG B 241 -22.82 20.72 -2.65
N PHE B 242 -22.28 21.81 -2.11
CA PHE B 242 -23.19 22.83 -1.64
C PHE B 242 -22.86 24.22 -2.14
N PRO B 243 -23.86 25.12 -2.19
CA PRO B 243 -23.62 26.50 -2.62
C PRO B 243 -22.84 27.28 -1.55
N GLY B 244 -21.96 28.17 -2.00
CA GLY B 244 -21.18 29.00 -1.06
C GLY B 244 -20.44 30.10 -1.77
N GLN B 245 -19.46 30.71 -1.11
CA GLN B 245 -18.68 31.82 -1.72
C GLN B 245 -17.60 31.21 -2.62
N LEU B 246 -17.74 29.93 -2.96
CA LEU B 246 -16.73 29.26 -3.82
C LEU B 246 -17.45 28.48 -4.91
N ASN B 247 -17.29 28.91 -6.16
CA ASN B 247 -17.85 28.13 -7.29
C ASN B 247 -16.71 27.26 -7.82
N ALA B 248 -16.36 26.20 -7.11
CA ALA B 248 -15.23 25.39 -7.51
C ALA B 248 -15.70 24.06 -8.08
N ASP B 249 -14.75 23.45 -8.80
CA ASP B 249 -14.84 22.14 -9.43
C ASP B 249 -13.49 21.45 -9.28
N LEU B 250 -13.43 20.19 -9.74
CA LEU B 250 -12.21 19.42 -9.55
C LEU B 250 -11.02 20.08 -10.24
N ARG B 251 -11.21 20.64 -11.46
CA ARG B 251 -10.07 21.22 -12.17
C ARG B 251 -9.49 22.47 -11.45
N LYS B 252 -10.34 23.40 -10.97
CA LYS B 252 -9.77 24.53 -10.24
C LYS B 252 -9.05 24.06 -8.98
N LEU B 253 -9.59 23.03 -8.32
CA LEU B 253 -8.92 22.49 -7.16
C LEU B 253 -7.54 21.94 -7.55
N ALA B 254 -7.48 21.17 -8.63
CA ALA B 254 -6.19 20.62 -9.04
C ALA B 254 -5.19 21.71 -9.42
N VAL B 255 -5.63 22.73 -10.14
CA VAL B 255 -4.69 23.77 -10.54
C VAL B 255 -4.10 24.50 -9.35
N ASN B 256 -4.91 24.68 -8.30
CA ASN B 256 -4.47 25.34 -7.06
C ASN B 256 -3.69 24.45 -6.11
N MET B 257 -3.85 23.14 -6.18
CA MET B 257 -3.27 22.26 -5.15
C MET B 257 -2.04 21.52 -5.63
N VAL B 258 -1.83 21.39 -6.94
CA VAL B 258 -0.77 20.55 -7.50
C VAL B 258 0.21 21.43 -8.25
N PRO B 259 1.31 21.84 -7.60
CA PRO B 259 2.32 22.68 -8.29
C PRO B 259 3.21 21.92 -9.27
N PHE B 260 3.38 20.61 -9.10
CA PHE B 260 4.19 19.81 -10.02
C PHE B 260 3.43 18.52 -10.29
N PRO B 261 3.34 18.11 -11.55
CA PRO B 261 2.38 17.04 -11.93
C PRO B 261 2.43 15.75 -11.12
N ARG B 262 3.60 15.31 -10.70
CA ARG B 262 3.74 14.07 -9.93
C ARG B 262 3.34 14.22 -8.48
N LEU B 263 3.48 15.40 -7.88
CA LEU B 263 3.18 15.58 -6.46
C LEU B 263 1.69 15.92 -6.26
N HIS B 264 0.84 14.91 -6.44
CA HIS B 264 -0.61 15.14 -6.37
C HIS B 264 -1.27 14.20 -5.37
N PHE B 265 -0.57 13.86 -4.29
CA PHE B 265 -1.03 12.96 -3.25
C PHE B 265 -1.32 13.75 -1.97
N PHE B 266 -2.58 13.87 -1.59
CA PHE B 266 -3.02 14.74 -0.53
C PHE B 266 -3.14 14.01 0.80
N MET B 267 -2.91 14.75 1.88
CA MET B 267 -2.94 14.27 3.25
C MET B 267 -4.23 14.83 3.87
N PRO B 268 -5.27 14.03 4.03
CA PRO B 268 -6.52 14.56 4.54
C PRO B 268 -6.54 14.51 6.07
N GLY B 269 -7.48 15.27 6.65
CA GLY B 269 -7.62 15.31 8.09
C GLY B 269 -9.00 15.80 8.45
N PHE B 270 -9.47 15.41 9.64
CA PHE B 270 -10.80 15.77 10.09
C PHE B 270 -10.79 16.24 11.54
N ALA B 271 -11.70 17.16 11.88
CA ALA B 271 -11.86 17.56 13.27
C ALA B 271 -13.34 17.87 13.40
N PRO B 272 -13.96 17.59 14.55
CA PRO B 272 -13.41 17.04 15.79
C PRO B 272 -13.33 15.52 15.79
N LEU B 273 -12.42 14.92 16.54
CA LEU B 273 -12.45 13.50 16.84
C LEU B 273 -12.36 13.38 18.36
N THR B 274 -13.40 12.88 19.00
CA THR B 274 -13.34 12.81 20.46
C THR B 274 -13.90 11.51 21.00
N SER B 275 -13.16 10.94 21.94
CA SER B 275 -13.58 9.73 22.64
C SER B 275 -14.76 10.04 23.55
N ARG B 276 -15.42 8.98 24.04
CA ARG B 276 -16.62 9.19 24.87
C ARG B 276 -16.23 9.66 26.27
N GLY B 277 -17.23 9.99 27.08
CA GLY B 277 -18.53 10.44 26.54
C GLY B 277 -18.86 11.83 27.05
N SER B 278 -18.21 12.24 28.13
CA SER B 278 -18.47 13.57 28.71
C SER B 278 -18.26 14.66 27.64
N GLN B 279 -17.05 14.76 27.11
CA GLN B 279 -16.71 15.79 26.09
C GLN B 279 -17.69 15.74 24.92
N GLN B 280 -18.43 14.64 24.76
CA GLN B 280 -19.31 14.47 23.57
C GLN B 280 -20.38 15.57 23.52
N TYR B 281 -20.65 16.26 24.63
CA TYR B 281 -21.77 17.24 24.63
C TYR B 281 -21.18 18.64 24.76
N ARG B 282 -19.93 18.72 25.17
CA ARG B 282 -19.24 19.99 25.34
C ARG B 282 -19.20 20.74 24.01
N ALA B 283 -19.54 22.01 24.05
CA ALA B 283 -19.50 22.84 22.84
C ALA B 283 -18.06 23.00 22.31
N LEU B 284 -17.80 22.63 21.05
CA LEU B 284 -16.46 22.80 20.52
C LEU B 284 -16.33 24.18 19.87
N THR B 285 -15.13 24.76 19.96
CA THR B 285 -14.88 26.10 19.49
C THR B 285 -13.94 26.13 18.29
N VAL B 286 -14.09 27.21 17.50
CA VAL B 286 -13.21 27.43 16.34
C VAL B 286 -11.71 27.36 16.65
N PRO B 287 -11.20 27.97 17.71
CA PRO B 287 -9.76 27.78 17.96
C PRO B 287 -9.41 26.31 18.18
N GLU B 288 -10.28 25.53 18.83
CA GLU B 288 -10.00 24.10 19.04
C GLU B 288 -10.07 23.31 17.73
N LEU B 289 -10.99 23.67 16.83
CA LEU B 289 -11.05 22.99 15.55
C LEU B 289 -9.82 23.29 14.73
N THR B 290 -9.38 24.54 14.74
CA THR B 290 -8.26 24.91 13.90
C THR B 290 -6.97 24.27 14.42
N GLN B 291 -6.75 24.29 15.73
CA GLN B 291 -5.53 23.70 16.26
C GLN B 291 -5.54 22.19 16.11
N GLN B 292 -6.71 21.56 16.31
CA GLN B 292 -6.82 20.12 16.17
C GLN B 292 -6.66 19.67 14.72
N MET B 293 -7.12 20.48 13.77
CA MET B 293 -7.05 20.11 12.35
CA MET B 293 -7.05 20.12 12.35
C MET B 293 -5.63 20.11 11.82
N PHE B 294 -4.72 20.80 12.47
CA PHE B 294 -3.35 20.87 12.02
C PHE B 294 -2.43 19.96 12.82
N ASP B 295 -2.93 19.36 13.90
CA ASP B 295 -2.12 18.50 14.74
C ASP B 295 -1.77 17.23 13.98
N SER B 296 -0.49 16.83 14.07
CA SER B 296 -0.03 15.67 13.33
C SER B 296 -0.83 14.41 13.69
N LYS B 297 -1.18 14.27 14.96
CA LYS B 297 -1.92 13.10 15.39
C LYS B 297 -3.33 13.06 14.86
N ASN B 298 -3.77 14.06 14.14
CA ASN B 298 -5.14 14.08 13.68
C ASN B 298 -5.23 13.80 12.17
N MET B 299 -4.05 13.66 11.51
CA MET B 299 -3.91 13.42 10.08
C MET B 299 -4.27 12.00 9.69
N MET B 300 -4.92 11.84 8.54
CA MET B 300 -5.41 10.49 8.13
C MET B 300 -4.34 9.80 7.28
N ALA B 301 -3.17 10.36 7.15
CA ALA B 301 -2.08 9.65 6.48
C ALA B 301 -0.93 10.11 7.33
N ALA B 302 -0.42 9.23 8.16
CA ALA B 302 0.53 9.85 9.09
C ALA B 302 1.96 9.89 8.63
N CYS B 303 2.37 11.12 8.42
CA CYS B 303 3.75 11.40 7.99
C CYS B 303 3.96 12.73 8.72
N ASP B 304 4.44 12.68 9.96
CA ASP B 304 4.51 13.90 10.81
C ASP B 304 4.83 15.09 9.92
N PRO B 305 3.86 15.98 9.68
CA PRO B 305 4.07 17.14 8.81
C PRO B 305 5.20 18.02 9.31
N ARG B 306 5.63 17.85 10.56
CA ARG B 306 6.74 18.65 11.04
C ARG B 306 8.05 18.20 10.43
N HIS B 307 8.11 16.99 9.85
CA HIS B 307 9.33 16.52 9.19
C HIS B 307 9.40 17.01 7.75
N GLY B 308 8.32 17.61 7.23
CA GLY B 308 8.23 18.08 5.85
C GLY B 308 7.74 19.50 5.77
N ARG B 309 7.37 19.97 4.58
CA ARG B 309 6.84 21.32 4.41
C ARG B 309 5.53 21.26 3.64
N TYR B 310 4.65 22.22 3.87
CA TYR B 310 3.39 22.25 3.14
C TYR B 310 3.56 23.02 1.84
N LEU B 311 3.31 22.36 0.72
CA LEU B 311 3.28 23.00 -0.58
C LEU B 311 1.99 23.79 -0.70
N THR B 312 0.86 23.13 -0.42
CA THR B 312 -0.44 23.83 -0.46
C THR B 312 -1.35 23.27 0.62
N VAL B 313 -2.34 24.06 1.05
CA VAL B 313 -3.32 23.61 2.04
C VAL B 313 -4.69 24.19 1.71
N ALA B 314 -5.72 23.34 1.70
CA ALA B 314 -7.12 23.71 1.61
C ALA B 314 -7.80 23.32 2.93
N ALA B 315 -8.59 24.22 3.50
CA ALA B 315 -9.28 23.95 4.75
C ALA B 315 -10.76 24.28 4.58
N ILE B 316 -11.64 23.37 4.96
CA ILE B 316 -13.08 23.56 4.85
C ILE B 316 -13.75 23.49 6.22
N PHE B 317 -14.41 24.56 6.62
CA PHE B 317 -15.13 24.65 7.87
C PHE B 317 -16.61 24.54 7.58
N ARG B 318 -17.33 23.78 8.39
CA ARG B 318 -18.76 23.54 8.21
C ARG B 318 -19.53 23.88 9.47
N GLY B 319 -20.70 24.49 9.28
CA GLY B 319 -21.61 24.91 10.33
C GLY B 319 -21.65 26.43 10.41
N ARG B 320 -22.49 26.93 11.32
CA ARG B 320 -22.63 28.36 11.52
C ARG B 320 -21.60 28.80 12.55
N MET B 321 -20.71 29.68 12.13
CA MET B 321 -19.61 30.14 12.97
C MET B 321 -19.23 31.53 12.49
N SER B 322 -18.26 32.15 13.15
CA SER B 322 -17.84 33.49 12.77
C SER B 322 -16.72 33.38 11.74
N MET B 323 -16.98 33.91 10.53
CA MET B 323 -15.93 33.84 9.53
C MET B 323 -14.73 34.71 9.93
N LYS B 324 -14.96 35.76 10.70
CA LYS B 324 -13.87 36.57 11.22
C LYS B 324 -13.00 35.74 12.16
N GLU B 325 -13.65 34.91 13.00
CA GLU B 325 -12.89 34.10 13.93
C GLU B 325 -12.14 33.01 13.18
N VAL B 326 -12.77 32.46 12.13
CA VAL B 326 -12.07 31.47 11.29
C VAL B 326 -10.81 32.09 10.71
N ASP B 327 -10.93 33.30 10.13
CA ASP B 327 -9.75 33.96 9.57
C ASP B 327 -8.68 34.17 10.61
N GLU B 328 -9.06 34.72 11.76
CA GLU B 328 -8.06 34.96 12.79
C GLU B 328 -7.36 33.67 13.18
N GLN B 329 -8.12 32.59 13.36
CA GLN B 329 -7.52 31.34 13.78
C GLN B 329 -6.60 30.75 12.71
N MET B 330 -7.02 30.77 11.45
CA MET B 330 -6.15 30.25 10.39
C MET B 330 -4.89 31.07 10.27
N LEU B 331 -5.02 32.39 10.43
CA LEU B 331 -3.87 33.25 10.34
C LEU B 331 -2.90 32.95 11.48
N ASN B 332 -3.41 32.85 12.71
CA ASN B 332 -2.51 32.59 13.84
C ASN B 332 -1.87 31.21 13.76
N VAL B 333 -2.60 30.19 13.27
CA VAL B 333 -2.02 28.85 13.04
C VAL B 333 -0.85 28.94 12.06
N GLN B 334 -1.02 29.74 11.00
CA GLN B 334 0.05 29.92 10.02
C GLN B 334 1.22 30.65 10.67
N ASN B 335 0.92 31.69 11.44
CA ASN B 335 1.97 32.49 12.07
C ASN B 335 2.72 31.64 13.08
N LYS B 336 2.05 30.69 13.70
CA LYS B 336 2.70 29.83 14.67
C LYS B 336 3.45 28.69 14.00
N ASN B 337 3.22 28.40 12.72
CA ASN B 337 3.95 27.26 12.15
C ASN B 337 4.53 27.62 10.79
N SER B 338 4.79 28.90 10.55
CA SER B 338 5.15 29.34 9.21
CA SER B 338 5.19 29.39 9.24
C SER B 338 6.51 28.82 8.75
N SER B 339 7.26 28.13 9.62
CA SER B 339 8.46 27.46 9.12
C SER B 339 8.10 26.19 8.35
N TYR B 340 6.90 25.66 8.58
CA TYR B 340 6.41 24.43 7.97
C TYR B 340 5.70 24.67 6.64
N PHE B 341 5.71 25.89 6.12
CA PHE B 341 5.09 26.24 4.84
C PHE B 341 6.09 26.88 3.90
N VAL B 342 6.22 26.31 2.71
CA VAL B 342 7.20 26.81 1.77
C VAL B 342 6.93 28.29 1.50
N GLU B 343 7.98 29.08 1.55
CA GLU B 343 7.94 30.52 1.37
C GLU B 343 7.84 30.94 -0.11
N TRP B 344 8.17 30.07 -1.05
CA TRP B 344 8.14 30.36 -2.49
C TRP B 344 6.77 30.14 -3.16
N ILE B 345 5.72 29.82 -2.40
CA ILE B 345 4.36 29.86 -2.92
C ILE B 345 3.53 30.76 -2.01
N PRO B 346 3.46 32.05 -2.32
CA PRO B 346 2.73 33.00 -1.48
C PRO B 346 1.28 32.63 -1.31
N ASN B 347 0.78 32.84 -0.11
CA ASN B 347 -0.63 32.68 0.19
C ASN B 347 -1.13 31.30 -0.18
N ASN B 348 -0.37 30.28 0.20
CA ASN B 348 -0.67 28.91 -0.19
C ASN B 348 -1.68 28.19 0.72
N VAL B 349 -2.29 28.85 1.71
CA VAL B 349 -3.33 28.26 2.56
C VAL B 349 -4.68 28.94 2.28
N LYS B 350 -5.67 28.15 1.83
CA LYS B 350 -6.98 28.66 1.44
C LYS B 350 -8.07 28.07 2.32
N THR B 351 -8.98 28.93 2.78
CA THR B 351 -10.05 28.58 3.70
C THR B 351 -11.41 28.77 3.02
N ALA B 352 -12.28 27.79 3.17
CA ALA B 352 -13.66 27.86 2.68
C ALA B 352 -14.63 27.58 3.83
N VAL B 353 -15.79 28.22 3.79
CA VAL B 353 -16.78 28.03 4.84
C VAL B 353 -18.13 27.65 4.23
N CYS B 354 -18.73 26.60 4.76
CA CYS B 354 -20.05 26.13 4.37
C CYS B 354 -20.99 26.11 5.57
N ASP B 355 -22.21 26.60 5.36
CA ASP B 355 -23.18 26.76 6.44
C ASP B 355 -23.75 25.46 6.98
N ILE B 356 -23.84 24.42 6.16
CA ILE B 356 -24.47 23.16 6.56
C ILE B 356 -23.44 22.24 7.20
N PRO B 357 -23.56 21.93 8.49
CA PRO B 357 -22.62 21.04 9.16
C PRO B 357 -22.98 19.61 8.81
N PRO B 358 -22.09 18.65 9.00
CA PRO B 358 -22.48 17.26 8.76
C PRO B 358 -23.44 16.79 9.83
N ARG B 359 -24.13 15.70 9.53
CA ARG B 359 -25.12 15.18 10.46
C ARG B 359 -24.42 14.84 11.77
N GLY B 360 -25.05 15.23 12.88
CA GLY B 360 -24.50 14.83 14.20
C GLY B 360 -23.56 15.85 14.80
N LEU B 361 -23.20 16.90 14.07
CA LEU B 361 -22.20 17.84 14.62
C LEU B 361 -22.64 19.28 14.41
N LYS B 362 -22.26 20.16 15.33
CA LYS B 362 -22.64 21.58 15.23
C LYS B 362 -21.64 22.26 14.30
N MET B 363 -20.38 21.84 14.37
CA MET B 363 -19.38 22.39 13.46
C MET B 363 -18.23 21.42 13.29
N SER B 364 -17.59 21.49 12.12
CA SER B 364 -16.45 20.62 11.85
C SER B 364 -15.47 21.32 10.93
N ALA B 365 -14.30 20.70 10.76
CA ALA B 365 -13.27 21.22 9.89
C ALA B 365 -12.61 20.05 9.18
N THR B 366 -12.35 20.20 7.88
CA THR B 366 -11.67 19.19 7.06
C THR B 366 -10.42 19.79 6.43
N PHE B 367 -9.30 19.10 6.58
CA PHE B 367 -7.97 19.53 6.14
C PHE B 367 -7.56 18.77 4.87
N ILE B 368 -6.98 19.49 3.90
CA ILE B 368 -6.40 18.86 2.72
C ILE B 368 -5.04 19.48 2.50
N GLY B 369 -3.98 18.72 2.74
CA GLY B 369 -2.62 19.24 2.63
C GLY B 369 -1.81 18.54 1.56
N ASN B 370 -1.08 19.33 0.78
CA ASN B 370 -0.06 18.81 -0.14
C ASN B 370 1.29 19.11 0.51
N SER B 371 1.71 18.17 1.35
CA SER B 371 2.92 18.22 2.18
C SER B 371 4.03 17.28 1.70
N THR B 372 5.30 17.71 1.82
CA THR B 372 6.40 16.82 1.47
C THR B 372 6.55 15.67 2.46
N ALA B 373 5.92 15.76 3.64
CA ALA B 373 6.07 14.67 4.58
C ALA B 373 5.33 13.41 4.15
N ILE B 374 4.51 13.49 3.10
CA ILE B 374 3.91 12.27 2.61
C ILE B 374 5.01 11.30 2.19
N GLN B 375 6.22 11.79 1.95
CA GLN B 375 7.26 10.88 1.55
C GLN B 375 7.46 9.75 2.57
N GLU B 376 7.16 9.99 3.84
CA GLU B 376 7.35 8.93 4.84
C GLU B 376 6.44 7.74 4.55
N LEU B 377 5.27 8.01 4.00
CA LEU B 377 4.35 6.94 3.65
C LEU B 377 4.93 6.08 2.54
N PHE B 378 5.40 6.72 1.49
CA PHE B 378 5.93 5.92 0.41
C PHE B 378 7.21 5.24 0.86
N LYS B 379 7.96 5.87 1.75
CA LYS B 379 9.17 5.22 2.23
C LYS B 379 8.83 3.97 3.02
N ARG B 380 7.75 4.01 3.80
CA ARG B 380 7.39 2.83 4.58
C ARG B 380 7.06 1.65 3.67
N ILE B 381 6.16 1.86 2.71
CA ILE B 381 5.84 0.80 1.76
C ILE B 381 7.09 0.36 1.03
N SER B 382 7.97 1.30 0.70
CA SER B 382 9.13 0.89 -0.07
C SER B 382 9.98 -0.07 0.73
N GLU B 383 10.11 0.16 2.04
CA GLU B 383 10.92 -0.76 2.84
C GLU B 383 10.30 -2.14 2.90
N GLN B 384 8.98 -2.20 3.12
CA GLN B 384 8.35 -3.50 3.18
C GLN B 384 8.51 -4.21 1.84
N PHE B 385 8.38 -3.47 0.75
CA PHE B 385 8.59 -4.08 -0.56
C PHE B 385 9.99 -4.67 -0.68
N THR B 386 11.02 -3.89 -0.32
CA THR B 386 12.35 -4.39 -0.59
C THR B 386 12.73 -5.57 0.29
N ALA B 387 12.26 -5.59 1.54
CA ALA B 387 12.59 -6.71 2.41
C ALA B 387 12.17 -8.02 1.79
N MET B 388 11.03 -8.01 1.10
CA MET B 388 10.58 -9.23 0.47
C MET B 388 11.19 -9.40 -0.89
N PHE B 389 11.22 -8.32 -1.67
CA PHE B 389 11.63 -8.43 -3.05
C PHE B 389 13.09 -8.86 -3.16
N ARG B 390 13.94 -8.39 -2.25
CA ARG B 390 15.33 -8.79 -2.36
C ARG B 390 15.52 -10.30 -2.26
N ARG B 391 14.55 -11.03 -1.71
CA ARG B 391 14.63 -12.48 -1.61
C ARG B 391 13.62 -13.12 -2.54
N LYS B 392 12.91 -12.31 -3.33
CA LYS B 392 11.90 -12.75 -4.28
C LYS B 392 10.80 -13.61 -3.64
N ALA B 393 10.54 -13.36 -2.37
CA ALA B 393 9.53 -14.10 -1.64
C ALA B 393 8.17 -13.73 -2.20
N PHE B 394 7.30 -14.72 -2.35
CA PHE B 394 5.92 -14.61 -2.80
C PHE B 394 5.78 -14.17 -4.26
N LEU B 395 6.88 -14.06 -5.01
CA LEU B 395 6.78 -13.64 -6.40
C LEU B 395 6.00 -14.64 -7.25
N HIS B 396 5.98 -15.90 -6.86
CA HIS B 396 5.37 -16.93 -7.70
C HIS B 396 3.87 -16.70 -7.87
N TRP B 397 3.22 -16.03 -6.92
CA TRP B 397 1.80 -15.71 -7.12
C TRP B 397 1.60 -14.77 -8.30
N TYR B 398 2.61 -13.95 -8.64
CA TYR B 398 2.54 -12.94 -9.69
C TYR B 398 3.12 -13.43 -11.01
N THR B 399 4.25 -14.11 -10.93
CA THR B 399 4.92 -14.67 -12.12
C THR B 399 4.01 -15.71 -12.78
N GLY B 400 3.16 -16.36 -12.00
CA GLY B 400 2.27 -17.39 -12.54
C GLY B 400 1.12 -16.80 -13.32
N GLU B 401 0.95 -15.48 -13.20
CA GLU B 401 -0.16 -14.79 -13.91
C GLU B 401 0.43 -14.03 -15.10
N GLY B 402 1.72 -14.21 -15.38
CA GLY B 402 2.31 -13.62 -16.59
C GLY B 402 3.32 -12.51 -16.33
N MET B 403 3.32 -11.99 -15.12
CA MET B 403 4.20 -10.87 -14.83
C MET B 403 5.65 -11.33 -14.71
N ASP B 404 6.60 -10.43 -14.94
CA ASP B 404 7.99 -10.78 -14.65
C ASP B 404 8.60 -9.75 -13.69
N GLU B 405 9.79 -10.08 -13.20
CA GLU B 405 10.42 -9.28 -12.15
C GLU B 405 10.71 -7.86 -12.61
N MET B 406 10.93 -7.65 -13.91
CA MET B 406 11.22 -6.29 -14.38
C MET B 406 10.14 -5.31 -14.00
N GLU B 407 8.89 -5.73 -14.12
CA GLU B 407 7.80 -4.83 -13.77
C GLU B 407 7.86 -4.41 -12.30
N PHE B 408 8.25 -5.35 -11.41
CA PHE B 408 8.43 -5.01 -10.00
C PHE B 408 9.57 -4.03 -9.82
N THR B 409 10.69 -4.29 -10.51
CA THR B 409 11.84 -3.41 -10.41
C THR B 409 11.47 -2.01 -10.87
N GLU B 410 10.70 -1.92 -11.95
CA GLU B 410 10.28 -0.63 -12.46
C GLU B 410 9.43 0.13 -11.44
N ALA B 411 8.38 -0.52 -10.94
CA ALA B 411 7.52 0.13 -9.97
C ALA B 411 8.33 0.63 -8.78
N GLU B 412 9.24 -0.20 -8.26
N GLU B 412 9.25 -0.19 -8.27
CA GLU B 412 10.06 0.18 -7.12
CA GLU B 412 10.01 0.24 -7.10
C GLU B 412 10.87 1.43 -7.43
C GLU B 412 10.89 1.45 -7.42
N SER B 413 11.53 1.44 -8.59
CA SER B 413 12.35 2.58 -8.98
CA SER B 413 12.35 2.58 -8.99
C SER B 413 11.50 3.84 -9.11
N ASN B 414 10.32 3.72 -9.71
CA ASN B 414 9.46 4.88 -9.91
C ASN B 414 9.05 5.46 -8.57
N MET B 415 8.77 4.59 -7.61
CA MET B 415 8.35 5.10 -6.31
C MET B 415 9.51 5.75 -5.56
N ASN B 416 10.74 5.21 -5.72
CA ASN B 416 11.89 5.87 -5.09
C ASN B 416 12.18 7.24 -5.73
N ASP B 417 11.89 7.36 -7.03
CA ASP B 417 12.02 8.67 -7.66
C ASP B 417 11.00 9.63 -7.08
N LEU B 418 9.78 9.14 -6.82
CA LEU B 418 8.77 9.99 -6.22
C LEU B 418 9.25 10.50 -4.86
N VAL B 419 9.82 9.60 -4.06
CA VAL B 419 10.34 9.98 -2.74
C VAL B 419 11.41 11.05 -2.86
N SER B 420 12.36 10.87 -3.78
CA SER B 420 13.42 11.87 -3.84
C SER B 420 12.91 13.18 -4.44
N GLU B 421 11.86 13.13 -5.26
N GLU B 421 11.86 13.13 -5.27
CA GLU B 421 11.26 14.36 -5.77
CA GLU B 421 11.27 14.37 -5.76
C GLU B 421 10.63 15.17 -4.64
C GLU B 421 10.68 15.16 -4.60
N TYR B 422 9.89 14.50 -3.75
CA TYR B 422 9.30 15.18 -2.60
C TYR B 422 10.41 15.73 -1.71
N GLN B 423 11.49 14.98 -1.66
CA GLN B 423 12.63 15.34 -0.83
C GLN B 423 13.29 16.60 -1.36
N GLN B 424 13.32 16.76 -2.68
CA GLN B 424 13.94 17.91 -3.35
C GLN B 424 13.26 19.23 -2.96
N TYR B 425 11.92 19.25 -2.81
CA TYR B 425 11.21 20.49 -2.50
C TYR B 425 11.11 20.71 -1.01
N GLN B 426 11.50 19.69 -0.24
CA GLN B 426 11.51 19.86 1.20
C GLN B 426 12.65 20.72 1.66
N ASP B 427 13.70 20.87 0.83
CA ASP B 427 14.89 21.62 1.18
C ASP B 427 15.07 22.89 0.36
N ALA B 428 14.19 23.16 -0.59
CA ALA B 428 14.30 24.34 -1.44
C ALA B 428 13.77 25.58 -0.71
N MET C 1 -20.77 -22.71 -5.63
CA MET C 1 -19.68 -21.87 -6.11
C MET C 1 -18.49 -22.14 -5.21
N ARG C 2 -17.26 -22.05 -5.74
CA ARG C 2 -16.08 -22.30 -4.92
C ARG C 2 -16.11 -23.71 -4.32
N GLU C 3 -16.65 -24.67 -5.09
CA GLU C 3 -16.75 -26.06 -4.65
C GLU C 3 -15.37 -26.69 -4.50
N CYS C 4 -15.28 -27.68 -3.61
CA CYS C 4 -14.05 -28.42 -3.37
CA CYS C 4 -14.05 -28.43 -3.33
C CYS C 4 -14.37 -29.90 -3.45
N ILE C 5 -13.62 -30.64 -4.25
CA ILE C 5 -13.81 -32.08 -4.38
C ILE C 5 -12.76 -32.78 -3.55
N SER C 6 -13.19 -33.67 -2.65
CA SER C 6 -12.28 -34.42 -1.79
C SER C 6 -12.00 -35.79 -2.42
N ILE C 7 -10.74 -36.19 -2.41
CA ILE C 7 -10.36 -37.49 -2.96
C ILE C 7 -9.59 -38.30 -1.91
N HIS C 8 -10.15 -39.46 -1.53
CA HIS C 8 -9.58 -40.32 -0.50
C HIS C 8 -8.99 -41.59 -1.11
N VAL C 9 -7.67 -41.72 -1.00
CA VAL C 9 -6.91 -42.76 -1.67
C VAL C 9 -6.31 -43.73 -0.66
N GLY C 10 -6.57 -45.02 -0.83
CA GLY C 10 -5.97 -46.04 0.02
C GLY C 10 -6.61 -46.14 1.40
N GLN C 11 -6.14 -47.13 2.18
CA GLN C 11 -6.73 -47.34 3.49
C GLN C 11 -6.71 -46.06 4.35
N ALA C 12 -5.54 -45.45 4.53
CA ALA C 12 -5.46 -44.25 5.36
C ALA C 12 -6.38 -43.14 4.84
N GLY C 13 -6.28 -42.82 3.55
CA GLY C 13 -7.14 -41.79 2.97
C GLY C 13 -8.63 -42.08 3.15
N VAL C 14 -9.03 -43.34 2.94
CA VAL C 14 -10.43 -43.73 3.08
C VAL C 14 -10.90 -43.66 4.54
N GLN C 15 -10.14 -44.25 5.46
CA GLN C 15 -10.58 -44.23 6.85
C GLN C 15 -10.57 -42.81 7.43
N ILE C 16 -9.61 -41.99 7.02
CA ILE C 16 -9.63 -40.61 7.44
C ILE C 16 -10.80 -39.85 6.79
N GLY C 17 -11.13 -40.21 5.53
CA GLY C 17 -12.29 -39.64 4.88
C GLY C 17 -13.57 -39.93 5.63
N ASN C 18 -13.70 -41.18 6.07
CA ASN C 18 -14.84 -41.59 6.87
C ASN C 18 -14.99 -40.72 8.10
N ALA C 19 -13.88 -40.52 8.82
CA ALA C 19 -13.92 -39.70 10.02
C ALA C 19 -14.35 -38.28 9.66
N CYS C 20 -13.78 -37.73 8.61
CA CYS C 20 -14.08 -36.35 8.25
C CYS C 20 -15.54 -36.15 7.86
N TRP C 21 -16.08 -37.02 7.02
CA TRP C 21 -17.45 -36.81 6.55
C TRP C 21 -18.48 -37.08 7.64
N GLU C 22 -18.19 -37.99 8.57
CA GLU C 22 -19.08 -38.11 9.72
C GLU C 22 -19.08 -36.81 10.51
N LEU C 23 -17.88 -36.29 10.76
CA LEU C 23 -17.77 -35.06 11.52
C LEU C 23 -18.46 -33.90 10.81
N TYR C 24 -18.27 -33.76 9.48
CA TYR C 24 -18.93 -32.70 8.70
C TYR C 24 -20.43 -32.79 8.86
N CYS C 25 -20.95 -34.02 8.74
CA CYS C 25 -22.39 -34.22 8.88
C CYS C 25 -22.85 -33.73 10.25
N LEU C 26 -22.10 -34.05 11.29
CA LEU C 26 -22.49 -33.59 12.60
C LEU C 26 -22.43 -32.07 12.68
N GLU C 27 -21.39 -31.47 12.10
CA GLU C 27 -21.26 -30.03 12.18
C GLU C 27 -22.37 -29.29 11.46
N HIS C 28 -22.88 -29.85 10.38
CA HIS C 28 -23.89 -29.15 9.61
C HIS C 28 -25.31 -29.61 9.89
N GLY C 29 -25.49 -30.66 10.66
CA GLY C 29 -26.83 -31.13 10.92
C GLY C 29 -27.39 -31.96 9.78
N ILE C 30 -26.54 -32.71 9.06
CA ILE C 30 -26.97 -33.56 7.98
C ILE C 30 -27.10 -34.98 8.55
N GLN C 31 -28.25 -35.61 8.35
CA GLN C 31 -28.39 -36.95 8.89
C GLN C 31 -27.72 -37.99 8.00
N PRO C 32 -27.50 -39.18 8.55
CA PRO C 32 -26.85 -40.26 7.78
C PRO C 32 -27.60 -40.66 6.49
N ASP C 33 -28.85 -40.26 6.31
CA ASP C 33 -29.55 -40.54 5.06
C ASP C 33 -29.45 -39.35 4.10
N GLY C 34 -28.70 -38.31 4.46
CA GLY C 34 -28.47 -37.18 3.60
C GLY C 34 -29.43 -36.01 3.81
N GLN C 35 -30.49 -36.20 4.60
CA GLN C 35 -31.44 -35.12 4.85
C GLN C 35 -30.85 -34.02 5.72
N MET C 36 -31.16 -32.77 5.45
CA MET C 36 -30.64 -31.68 6.26
C MET C 36 -31.87 -30.84 6.58
N PRO C 37 -32.57 -31.18 7.68
CA PRO C 37 -33.84 -30.49 8.02
C PRO C 37 -33.77 -28.97 7.95
N SER C 38 -32.63 -28.41 8.34
CA SER C 38 -32.42 -26.98 8.42
C SER C 38 -32.20 -26.29 7.09
N ASP C 39 -32.17 -26.99 5.97
CA ASP C 39 -31.92 -26.40 4.67
C ASP C 39 -33.23 -26.21 3.92
N LYS C 40 -33.72 -24.96 3.80
CA LYS C 40 -34.97 -24.77 3.09
C LYS C 40 -34.81 -24.66 1.58
N THR C 41 -33.59 -24.51 1.09
CA THR C 41 -33.28 -24.55 -0.34
C THR C 41 -33.25 -26.02 -0.75
N ILE C 42 -34.23 -26.44 -1.56
CA ILE C 42 -34.39 -27.82 -2.02
C ILE C 42 -33.84 -27.95 -3.43
N GLY C 43 -32.95 -28.92 -3.62
CA GLY C 43 -32.39 -29.20 -4.92
C GLY C 43 -31.11 -28.48 -5.24
N GLY C 44 -30.66 -27.60 -4.36
CA GLY C 44 -29.44 -26.85 -4.61
C GLY C 44 -29.39 -25.62 -3.74
N GLY C 45 -28.34 -24.85 -3.96
CA GLY C 45 -28.12 -23.63 -3.22
C GLY C 45 -26.69 -23.16 -3.37
N ASP C 46 -26.41 -22.01 -2.78
CA ASP C 46 -25.08 -21.41 -2.79
C ASP C 46 -24.58 -21.14 -1.37
N ASP C 47 -25.08 -21.92 -0.41
CA ASP C 47 -24.68 -21.83 0.99
C ASP C 47 -23.24 -22.29 1.17
N SER C 48 -22.65 -21.90 2.31
CA SER C 48 -21.25 -22.24 2.54
C SER C 48 -21.02 -23.72 2.57
N PHE C 49 -22.03 -24.47 3.05
CA PHE C 49 -21.88 -25.91 3.12
C PHE C 49 -21.97 -26.55 1.75
N ASN C 50 -22.47 -25.82 0.75
CA ASN C 50 -22.52 -26.39 -0.57
C ASN C 50 -21.13 -26.46 -1.20
N THR C 51 -20.12 -25.82 -0.58
CA THR C 51 -18.80 -25.99 -1.16
C THR C 51 -18.33 -27.43 -1.05
N PHE C 52 -18.97 -28.22 -0.18
CA PHE C 52 -18.56 -29.59 0.11
C PHE C 52 -19.66 -30.61 -0.15
N PHE C 53 -20.92 -30.19 -0.16
CA PHE C 53 -22.04 -31.07 -0.43
C PHE C 53 -22.86 -30.58 -1.63
N SER C 54 -23.10 -31.47 -2.60
CA SER C 54 -24.10 -31.19 -3.62
C SER C 54 -25.47 -31.61 -3.08
N GLU C 55 -26.53 -31.18 -3.77
CA GLU C 55 -27.92 -31.50 -3.40
C GLU C 55 -28.70 -32.13 -4.54
N THR C 56 -29.44 -33.20 -4.24
CA THR C 56 -30.36 -33.83 -5.19
C THR C 56 -31.76 -33.22 -5.06
N GLY C 57 -32.61 -33.49 -6.07
CA GLY C 57 -33.97 -32.97 -6.01
C GLY C 57 -34.76 -33.50 -4.83
N ALA C 58 -34.42 -34.69 -4.36
CA ALA C 58 -35.11 -35.30 -3.24
C ALA C 58 -34.56 -34.82 -1.90
N GLY C 59 -33.77 -33.75 -1.89
CA GLY C 59 -33.28 -33.21 -0.65
C GLY C 59 -32.07 -33.88 -0.04
N LYS C 60 -31.41 -34.78 -0.78
CA LYS C 60 -30.21 -35.41 -0.25
C LYS C 60 -28.99 -34.50 -0.40
N HIS C 61 -28.18 -34.46 0.65
CA HIS C 61 -26.93 -33.70 0.63
C HIS C 61 -25.80 -34.72 0.48
N VAL C 62 -25.09 -34.66 -0.64
CA VAL C 62 -24.17 -35.71 -1.05
C VAL C 62 -22.75 -35.16 -1.05
N PRO C 63 -21.83 -35.79 -0.34
CA PRO C 63 -20.43 -35.35 -0.33
C PRO C 63 -19.83 -35.24 -1.73
N ARG C 64 -19.11 -34.14 -1.96
CA ARG C 64 -18.33 -34.01 -3.20
C ARG C 64 -17.02 -34.75 -2.97
N ALA C 65 -17.11 -36.07 -3.07
CA ALA C 65 -15.97 -36.90 -2.70
C ALA C 65 -15.89 -38.15 -3.56
N VAL C 66 -14.67 -38.61 -3.75
CA VAL C 66 -14.44 -39.91 -4.36
C VAL C 66 -13.59 -40.68 -3.41
N PHE C 67 -13.98 -41.92 -3.10
CA PHE C 67 -13.15 -42.82 -2.33
C PHE C 67 -12.56 -43.81 -3.32
N VAL C 68 -11.25 -44.03 -3.28
CA VAL C 68 -10.60 -44.96 -4.20
CA VAL C 68 -10.59 -44.95 -4.20
C VAL C 68 -9.63 -45.85 -3.43
N ASP C 69 -9.65 -47.15 -3.73
CA ASP C 69 -8.70 -48.11 -3.19
C ASP C 69 -8.55 -49.30 -4.12
N LEU C 70 -7.34 -49.87 -4.15
CA LEU C 70 -7.06 -50.95 -5.10
C LEU C 70 -7.53 -52.33 -4.62
N GLU C 71 -7.98 -52.47 -3.38
CA GLU C 71 -8.63 -53.65 -2.84
C GLU C 71 -9.90 -53.20 -2.13
N PRO C 72 -10.90 -54.11 -1.94
CA PRO C 72 -12.23 -53.65 -1.51
C PRO C 72 -12.53 -53.64 -0.01
N THR C 73 -11.75 -54.33 0.85
CA THR C 73 -12.21 -54.56 2.23
C THR C 73 -12.43 -53.26 3.00
N VAL C 74 -11.61 -52.23 2.77
CA VAL C 74 -11.78 -50.98 3.52
C VAL C 74 -12.99 -50.22 3.03
N ILE C 75 -13.13 -50.04 1.72
CA ILE C 75 -14.29 -49.30 1.25
C ILE C 75 -15.58 -50.07 1.50
N ASP C 76 -15.51 -51.40 1.59
CA ASP C 76 -16.70 -52.17 1.90
C ASP C 76 -17.30 -51.75 3.23
N GLU C 77 -16.47 -51.31 4.17
CA GLU C 77 -17.04 -50.86 5.44
C GLU C 77 -17.85 -49.59 5.23
N VAL C 78 -17.39 -48.71 4.35
CA VAL C 78 -18.19 -47.53 4.02
C VAL C 78 -19.47 -47.98 3.32
N ARG C 79 -19.37 -48.93 2.39
CA ARG C 79 -20.53 -49.39 1.63
C ARG C 79 -21.58 -50.02 2.52
N THR C 80 -21.22 -50.50 3.71
CA THR C 80 -22.19 -51.16 4.57
CA THR C 80 -22.21 -51.15 4.57
C THR C 80 -22.37 -50.47 5.92
N GLY C 81 -21.74 -49.32 6.14
CA GLY C 81 -21.75 -48.70 7.44
C GLY C 81 -22.84 -47.68 7.69
N THR C 82 -22.63 -46.88 8.73
CA THR C 82 -23.64 -45.93 9.18
C THR C 82 -23.97 -44.90 8.13
N TYR C 83 -23.00 -44.51 7.31
CA TYR C 83 -23.23 -43.47 6.32
C TYR C 83 -23.23 -44.05 4.91
N ARG C 84 -23.75 -45.26 4.77
CA ARG C 84 -23.75 -45.91 3.47
C ARG C 84 -24.76 -45.25 2.54
N GLN C 85 -25.79 -44.62 3.07
CA GLN C 85 -26.81 -43.99 2.24
C GLN C 85 -26.40 -42.59 1.82
N LEU C 86 -25.29 -42.09 2.35
CA LEU C 86 -24.84 -40.74 2.06
C LEU C 86 -24.19 -40.65 0.69
N PHE C 87 -23.44 -41.69 0.30
CA PHE C 87 -22.69 -41.67 -0.95
C PHE C 87 -23.41 -42.46 -2.04
N HIS C 88 -23.30 -41.96 -3.27
CA HIS C 88 -23.71 -42.71 -4.44
C HIS C 88 -22.70 -43.83 -4.69
N PRO C 89 -23.17 -45.01 -5.05
CA PRO C 89 -22.27 -46.13 -5.29
C PRO C 89 -21.14 -45.83 -6.25
N GLU C 90 -21.33 -44.87 -7.14
CA GLU C 90 -20.34 -44.53 -8.15
C GLU C 90 -19.14 -43.80 -7.58
N GLN C 91 -19.26 -43.25 -6.36
CA GLN C 91 -18.21 -42.53 -5.66
C GLN C 91 -17.22 -43.45 -4.97
N LEU C 92 -17.55 -44.74 -4.88
CA LEU C 92 -16.77 -45.73 -4.16
C LEU C 92 -16.21 -46.72 -5.16
N ILE C 93 -14.91 -46.60 -5.43
CA ILE C 93 -14.26 -47.33 -6.51
C ILE C 93 -13.23 -48.26 -5.88
N THR C 94 -13.29 -49.53 -6.24
CA THR C 94 -12.33 -50.46 -5.68
C THR C 94 -11.80 -51.39 -6.76
N GLY C 95 -10.54 -51.79 -6.61
CA GLY C 95 -9.99 -52.86 -7.40
C GLY C 95 -10.07 -54.18 -6.67
N LYS C 96 -9.29 -55.15 -7.16
CA LYS C 96 -9.28 -56.49 -6.60
C LYS C 96 -7.97 -56.90 -5.97
N GLU C 97 -6.87 -56.23 -6.31
CA GLU C 97 -5.54 -56.59 -5.84
C GLU C 97 -4.82 -55.31 -5.45
N ASP C 98 -4.32 -55.22 -4.22
CA ASP C 98 -3.70 -53.96 -3.82
C ASP C 98 -2.26 -53.87 -4.33
N ALA C 99 -1.58 -52.81 -3.93
CA ALA C 99 -0.25 -52.46 -4.39
C ALA C 99 0.84 -53.11 -3.55
N ALA C 100 0.47 -53.95 -2.58
CA ALA C 100 1.41 -54.71 -1.74
C ALA C 100 2.50 -53.84 -1.13
N ASN C 101 2.10 -52.68 -0.60
CA ASN C 101 3.04 -51.74 0.01
C ASN C 101 4.14 -51.36 -0.96
N ASN C 102 3.86 -51.37 -2.26
CA ASN C 102 4.86 -51.10 -3.29
C ASN C 102 4.44 -49.97 -4.22
N TYR C 103 5.17 -48.85 -4.10
CA TYR C 103 4.90 -47.68 -4.92
C TYR C 103 4.86 -48.06 -6.40
N ALA C 104 5.78 -48.91 -6.85
CA ALA C 104 5.80 -49.29 -8.27
C ALA C 104 4.47 -49.89 -8.71
N ARG C 105 3.85 -50.70 -7.85
CA ARG C 105 2.58 -51.33 -8.22
C ARG C 105 1.43 -50.32 -8.20
N GLY C 106 1.48 -49.35 -7.29
CA GLY C 106 0.43 -48.34 -7.22
C GLY C 106 0.48 -47.38 -8.39
N HIS C 107 1.67 -47.02 -8.80
CA HIS C 107 1.80 -46.03 -9.86
C HIS C 107 1.68 -46.69 -11.24
N TYR C 108 2.15 -47.94 -11.38
CA TYR C 108 2.20 -48.60 -12.67
C TYR C 108 1.31 -49.85 -12.77
N THR C 109 1.82 -50.99 -12.31
CA THR C 109 1.20 -52.29 -12.60
C THR C 109 -0.30 -52.34 -12.31
N ILE C 110 -0.72 -51.99 -11.09
CA ILE C 110 -2.13 -52.02 -10.75
C ILE C 110 -2.83 -50.71 -11.03
N GLY C 111 -2.17 -49.60 -10.72
CA GLY C 111 -2.80 -48.30 -10.87
C GLY C 111 -3.28 -48.02 -12.28
N LYS C 112 -2.51 -48.45 -13.28
CA LYS C 112 -2.91 -48.13 -14.64
C LYS C 112 -4.22 -48.81 -15.02
N GLU C 113 -4.60 -49.86 -14.32
CA GLU C 113 -5.82 -50.57 -14.68
C GLU C 113 -7.07 -49.86 -14.22
N ILE C 114 -6.95 -48.90 -13.30
CA ILE C 114 -8.13 -48.24 -12.72
C ILE C 114 -8.08 -46.70 -12.81
N ILE C 115 -6.97 -46.13 -13.26
CA ILE C 115 -6.83 -44.67 -13.25
C ILE C 115 -7.88 -43.98 -14.12
N ASP C 116 -8.17 -44.52 -15.30
CA ASP C 116 -9.15 -43.85 -16.16
C ASP C 116 -10.53 -43.85 -15.54
N LEU C 117 -10.95 -44.95 -14.93
CA LEU C 117 -12.26 -44.98 -14.30
C LEU C 117 -12.35 -43.93 -13.20
N VAL C 118 -11.28 -43.78 -12.42
CA VAL C 118 -11.27 -42.81 -11.33
C VAL C 118 -11.40 -41.39 -11.89
N LEU C 119 -10.60 -41.09 -12.93
CA LEU C 119 -10.69 -39.77 -13.56
C LEU C 119 -12.08 -39.50 -14.15
N ASP C 120 -12.71 -40.52 -14.73
CA ASP C 120 -14.06 -40.33 -15.25
CA ASP C 120 -14.06 -40.33 -15.25
C ASP C 120 -15.02 -39.94 -14.12
N ARG C 121 -14.89 -40.57 -12.95
CA ARG C 121 -15.80 -40.21 -11.87
C ARG C 121 -15.51 -38.82 -11.34
N ILE C 122 -14.23 -38.45 -11.28
CA ILE C 122 -13.89 -37.10 -10.87
C ILE C 122 -14.48 -36.09 -11.84
N ARG C 123 -14.41 -36.39 -13.15
CA ARG C 123 -15.02 -35.52 -14.14
C ARG C 123 -16.51 -35.34 -13.90
N LYS C 124 -17.22 -36.44 -13.58
CA LYS C 124 -18.64 -36.30 -13.30
C LYS C 124 -18.88 -35.38 -12.11
N LEU C 125 -18.03 -35.46 -11.08
CA LEU C 125 -18.20 -34.55 -9.96
C LEU C 125 -17.89 -33.10 -10.37
N ALA C 126 -16.82 -32.90 -11.13
CA ALA C 126 -16.42 -31.57 -11.55
C ALA C 126 -17.49 -30.91 -12.40
N ASP C 127 -18.18 -31.68 -13.24
CA ASP C 127 -19.22 -31.09 -14.08
C ASP C 127 -20.41 -30.57 -13.28
N GLN C 128 -20.61 -31.05 -12.05
CA GLN C 128 -21.70 -30.55 -11.22
C GLN C 128 -21.36 -29.21 -10.58
N CYS C 129 -20.13 -28.78 -10.77
CA CYS C 129 -19.65 -27.56 -10.07
C CYS C 129 -19.78 -26.33 -10.96
N THR C 130 -20.15 -25.20 -10.36
CA THR C 130 -20.33 -23.92 -11.09
C THR C 130 -19.02 -23.16 -11.07
N GLY C 131 -18.23 -23.35 -10.02
CA GLY C 131 -16.91 -22.70 -9.91
C GLY C 131 -15.96 -23.57 -9.12
N LEU C 132 -15.53 -24.68 -9.71
CA LEU C 132 -14.60 -25.61 -9.02
C LEU C 132 -13.36 -24.85 -8.59
N GLN C 133 -13.05 -24.92 -7.30
CA GLN C 133 -11.91 -24.21 -6.76
C GLN C 133 -10.65 -25.08 -6.73
N GLY C 134 -10.82 -26.37 -6.44
CA GLY C 134 -9.70 -27.27 -6.43
C GLY C 134 -10.04 -28.57 -5.73
N PHE C 135 -8.98 -29.33 -5.45
CA PHE C 135 -9.06 -30.68 -4.90
C PHE C 135 -8.33 -30.77 -3.56
N LEU C 136 -8.80 -31.69 -2.72
CA LEU C 136 -8.17 -32.07 -1.47
C LEU C 136 -7.92 -33.56 -1.55
N VAL C 137 -6.66 -33.97 -1.37
CA VAL C 137 -6.27 -35.36 -1.59
C VAL C 137 -5.74 -35.96 -0.31
N PHE C 138 -6.40 -37.02 0.17
CA PHE C 138 -6.07 -37.68 1.43
C PHE C 138 -5.42 -39.02 1.15
N HIS C 139 -4.22 -39.23 1.69
CA HIS C 139 -3.45 -40.45 1.43
C HIS C 139 -2.33 -40.56 2.44
N SER C 140 -1.84 -41.78 2.59
CA SER C 140 -0.65 -42.07 3.38
C SER C 140 0.61 -41.98 2.50
N PHE C 141 1.77 -41.81 3.14
CA PHE C 141 3.03 -41.81 2.42
C PHE C 141 3.53 -43.23 2.19
N GLY C 142 3.22 -44.14 3.12
CA GLY C 142 3.81 -45.46 3.22
C GLY C 142 3.21 -46.61 2.45
N GLY C 143 1.90 -46.57 2.23
CA GLY C 143 1.25 -47.63 1.49
C GLY C 143 1.56 -47.61 0.00
N GLY C 144 1.34 -48.75 -0.65
CA GLY C 144 1.60 -48.80 -2.09
C GLY C 144 0.60 -47.96 -2.87
N THR C 145 -0.68 -47.96 -2.44
CA THR C 145 -1.70 -47.16 -3.11
C THR C 145 -1.59 -45.69 -2.70
N GLY C 146 -1.48 -45.41 -1.40
CA GLY C 146 -1.35 -44.04 -0.92
C GLY C 146 -0.18 -43.30 -1.55
N SER C 147 0.93 -43.99 -1.80
CA SER C 147 2.06 -43.33 -2.47
C SER C 147 1.95 -43.39 -3.99
N GLY C 148 2.00 -44.60 -4.55
CA GLY C 148 2.04 -44.73 -6.00
C GLY C 148 0.80 -44.25 -6.73
N PHE C 149 -0.37 -44.72 -6.30
CA PHE C 149 -1.57 -44.32 -7.00
C PHE C 149 -1.84 -42.84 -6.81
N THR C 150 -1.58 -42.32 -5.61
CA THR C 150 -1.77 -40.89 -5.42
C THR C 150 -0.88 -40.09 -6.37
N SER C 151 0.41 -40.45 -6.48
CA SER C 151 1.27 -39.75 -7.42
CA SER C 151 1.27 -39.76 -7.43
C SER C 151 0.68 -39.80 -8.83
N LEU C 152 0.29 -41.00 -9.28
CA LEU C 152 -0.25 -41.14 -10.64
C LEU C 152 -1.47 -40.23 -10.84
N LEU C 153 -2.36 -40.23 -9.84
CA LEU C 153 -3.57 -39.42 -9.85
C LEU C 153 -3.25 -37.94 -9.95
N MET C 154 -2.32 -37.46 -9.13
CA MET C 154 -1.98 -36.04 -9.13
C MET C 154 -1.44 -35.60 -10.49
N GLU C 155 -0.61 -36.45 -11.10
CA GLU C 155 -0.07 -36.13 -12.43
C GLU C 155 -1.20 -36.04 -13.45
N ARG C 156 -2.12 -37.00 -13.41
CA ARG C 156 -3.22 -36.93 -14.36
C ARG C 156 -4.10 -35.72 -14.10
N LEU C 157 -4.24 -35.31 -12.82
CA LEU C 157 -5.09 -34.16 -12.54
C LEU C 157 -4.42 -32.89 -13.04
N SER C 158 -3.10 -32.80 -12.96
CA SER C 158 -2.42 -31.66 -13.55
C SER C 158 -2.68 -31.61 -15.05
N VAL C 159 -2.78 -32.76 -15.71
CA VAL C 159 -3.07 -32.69 -17.15
C VAL C 159 -4.52 -32.25 -17.41
N ASP C 160 -5.51 -32.86 -16.73
CA ASP C 160 -6.92 -32.56 -16.98
C ASP C 160 -7.44 -31.24 -16.41
N TYR C 161 -6.80 -30.68 -15.40
CA TYR C 161 -7.33 -29.49 -14.74
C TYR C 161 -6.32 -28.35 -14.71
N GLY C 162 -5.15 -28.54 -15.29
CA GLY C 162 -4.19 -27.46 -15.35
C GLY C 162 -3.69 -27.08 -13.98
N LYS C 163 -3.57 -25.78 -13.76
CA LYS C 163 -3.04 -25.33 -12.48
C LYS C 163 -4.12 -25.21 -11.40
N LYS C 164 -5.32 -25.74 -11.65
CA LYS C 164 -6.36 -25.78 -10.64
C LYS C 164 -5.76 -26.38 -9.37
N SER C 165 -6.06 -25.81 -8.23
CA SER C 165 -5.27 -26.04 -7.03
CA SER C 165 -5.25 -26.06 -7.05
C SER C 165 -5.54 -27.42 -6.43
N LYS C 166 -4.48 -28.05 -5.94
CA LYS C 166 -4.51 -29.39 -5.35
C LYS C 166 -3.79 -29.36 -4.01
N LEU C 167 -4.53 -29.65 -2.93
CA LEU C 167 -4.00 -29.69 -1.57
C LEU C 167 -3.95 -31.14 -1.11
N GLU C 168 -2.93 -31.49 -0.32
CA GLU C 168 -2.77 -32.83 0.22
C GLU C 168 -2.95 -32.83 1.74
N PHE C 169 -3.52 -33.92 2.24
CA PHE C 169 -3.42 -34.30 3.64
C PHE C 169 -2.71 -35.65 3.65
N SER C 170 -1.48 -35.66 4.16
CA SER C 170 -0.56 -36.78 4.02
C SER C 170 -0.18 -37.42 5.35
N ILE C 171 -0.39 -38.72 5.47
CA ILE C 171 -0.01 -39.46 6.67
C ILE C 171 1.47 -39.88 6.56
N TYR C 172 2.32 -39.25 7.36
CA TYR C 172 3.76 -39.50 7.46
C TYR C 172 4.02 -40.72 8.36
N PRO C 173 4.87 -41.66 7.94
CA PRO C 173 4.97 -42.94 8.64
C PRO C 173 5.63 -42.86 10.02
N ALA C 174 5.17 -43.73 10.92
CA ALA C 174 5.71 -43.88 12.28
C ALA C 174 5.81 -45.37 12.62
N PRO C 175 6.92 -45.78 13.22
CA PRO C 175 7.12 -47.21 13.57
C PRO C 175 6.00 -47.82 14.41
N GLN C 176 5.40 -47.06 15.31
CA GLN C 176 4.44 -47.64 16.25
C GLN C 176 3.24 -48.29 15.55
N VAL C 177 2.82 -47.76 14.40
CA VAL C 177 1.69 -48.32 13.67
C VAL C 177 2.10 -48.57 12.23
N SER C 178 3.36 -48.94 12.01
CA SER C 178 3.85 -49.16 10.66
C SER C 178 3.55 -50.55 10.18
N THR C 179 3.27 -50.66 8.88
CA THR C 179 2.90 -51.93 8.30
C THR C 179 3.88 -52.46 7.27
N ALA C 180 4.89 -51.68 6.89
CA ALA C 180 5.88 -52.10 5.91
C ALA C 180 7.24 -51.54 6.30
N VAL C 181 8.30 -52.35 6.14
CA VAL C 181 9.63 -51.79 6.31
C VAL C 181 10.05 -50.88 5.16
N VAL C 182 9.33 -50.86 4.03
CA VAL C 182 9.72 -50.03 2.90
C VAL C 182 9.00 -48.69 2.89
N GLU C 183 8.30 -48.35 3.94
CA GLU C 183 7.63 -47.04 3.94
C GLU C 183 8.56 -45.86 3.64
N PRO C 184 9.82 -45.83 4.08
CA PRO C 184 10.69 -44.71 3.63
C PRO C 184 10.88 -44.60 2.12
N TYR C 185 10.98 -45.73 1.42
CA TYR C 185 11.10 -45.70 -0.04
C TYR C 185 9.87 -45.06 -0.67
N ASN C 186 8.69 -45.60 -0.35
CA ASN C 186 7.44 -45.08 -0.89
C ASN C 186 7.28 -43.60 -0.57
N SER C 187 7.69 -43.20 0.63
CA SER C 187 7.56 -41.82 1.06
C SER C 187 8.38 -40.89 0.19
N ILE C 188 9.65 -41.25 -0.03
CA ILE C 188 10.51 -40.39 -0.83
C ILE C 188 10.04 -40.38 -2.28
N LEU C 189 9.66 -41.54 -2.81
CA LEU C 189 9.19 -41.58 -4.20
C LEU C 189 7.96 -40.72 -4.41
N THR C 190 6.97 -40.85 -3.53
CA THR C 190 5.75 -40.07 -3.74
C THR C 190 6.02 -38.57 -3.52
N THR C 191 6.86 -38.22 -2.53
CA THR C 191 7.12 -36.80 -2.32
C THR C 191 7.82 -36.19 -3.53
N HIS C 192 8.81 -36.89 -4.10
CA HIS C 192 9.45 -36.38 -5.31
C HIS C 192 8.46 -36.24 -6.45
N THR C 193 7.61 -37.25 -6.66
CA THR C 193 6.71 -37.21 -7.80
C THR C 193 5.65 -36.12 -7.68
N THR C 194 5.10 -35.92 -6.48
CA THR C 194 3.97 -35.01 -6.32
CA THR C 194 3.98 -35.00 -6.37
C THR C 194 4.40 -33.56 -6.09
N LEU C 195 5.68 -33.31 -5.82
CA LEU C 195 6.15 -32.01 -5.38
C LEU C 195 5.71 -30.90 -6.34
N GLU C 196 5.79 -31.15 -7.66
CA GLU C 196 5.42 -30.17 -8.66
C GLU C 196 3.92 -30.03 -8.84
N HIS C 197 3.17 -30.99 -8.41
CA HIS C 197 1.76 -31.01 -8.73
C HIS C 197 0.93 -30.60 -7.52
N SER C 198 1.55 -30.34 -6.38
CA SER C 198 0.82 -29.97 -5.20
C SER C 198 1.12 -28.54 -4.80
N ASP C 199 0.08 -27.81 -4.42
CA ASP C 199 0.23 -26.42 -4.05
C ASP C 199 0.46 -26.23 -2.56
N CYS C 200 -0.07 -27.14 -1.76
CA CYS C 200 0.07 -27.07 -0.33
C CYS C 200 -0.21 -28.47 0.21
N ALA C 201 0.58 -28.91 1.19
CA ALA C 201 0.47 -30.26 1.75
C ALA C 201 0.56 -30.22 3.27
N PHE C 202 -0.45 -30.72 3.95
CA PHE C 202 -0.49 -30.81 5.42
C PHE C 202 -0.08 -32.23 5.86
N MET C 203 1.14 -32.35 6.34
CA MET C 203 1.64 -33.64 6.83
C MET C 203 1.12 -33.88 8.23
N VAL C 204 0.70 -35.11 8.50
CA VAL C 204 0.28 -35.56 9.84
C VAL C 204 1.21 -36.70 10.24
N ASP C 205 2.10 -36.44 11.20
CA ASP C 205 3.05 -37.43 11.69
C ASP C 205 2.32 -38.42 12.60
N ASN C 206 2.20 -39.68 12.15
CA ASN C 206 1.50 -40.67 12.97
C ASN C 206 2.10 -40.80 14.36
N GLU C 207 3.42 -40.57 14.51
CA GLU C 207 4.03 -40.66 15.83
C GLU C 207 3.59 -39.50 16.72
N ALA C 208 3.52 -38.30 16.14
CA ALA C 208 3.07 -37.15 16.90
C ALA C 208 1.63 -37.36 17.38
N ILE C 209 0.76 -37.81 16.47
CA ILE C 209 -0.64 -38.06 16.83
C ILE C 209 -0.74 -39.17 17.88
N TYR C 210 0.01 -40.26 17.69
CA TYR C 210 0.05 -41.34 18.68
C TYR C 210 0.43 -40.81 20.06
N ASP C 211 1.46 -39.97 20.12
N ASP C 211 1.47 -39.97 20.13
CA ASP C 211 1.93 -39.45 21.39
CA ASP C 211 1.93 -39.46 21.41
C ASP C 211 0.89 -38.54 22.03
C ASP C 211 0.90 -38.53 22.05
N ILE C 212 0.26 -37.68 21.23
CA ILE C 212 -0.78 -36.81 21.77
C ILE C 212 -1.95 -37.61 22.34
N CYS C 213 -2.36 -38.69 21.66
CA CYS C 213 -3.43 -39.51 22.21
C CYS C 213 -3.05 -40.15 23.51
N ARG C 214 -1.80 -40.62 23.61
CA ARG C 214 -1.38 -41.26 24.85
C ARG C 214 -1.30 -40.27 26.00
N ARG C 215 -0.72 -39.09 25.74
CA ARG C 215 -0.48 -38.13 26.80
C ARG C 215 -1.73 -37.39 27.21
N ASN C 216 -2.38 -36.75 26.24
CA ASN C 216 -3.49 -35.86 26.51
C ASN C 216 -4.83 -36.59 26.63
N LEU C 217 -4.95 -37.79 26.08
CA LEU C 217 -6.22 -38.51 26.12
C LEU C 217 -6.22 -39.72 27.04
N ASP C 218 -5.09 -40.06 27.65
CA ASP C 218 -5.00 -41.20 28.56
C ASP C 218 -5.47 -42.48 27.89
N ILE C 219 -5.10 -42.65 26.62
CA ILE C 219 -5.36 -43.86 25.86
C ILE C 219 -4.11 -44.73 25.92
N GLU C 220 -4.21 -45.92 26.53
CA GLU C 220 -3.06 -46.82 26.70
C GLU C 220 -2.36 -47.15 25.38
N ARG C 221 -3.09 -47.74 24.44
CA ARG C 221 -2.57 -48.17 23.14
C ARG C 221 -3.47 -47.65 22.03
N PRO C 222 -3.27 -46.40 21.59
CA PRO C 222 -4.17 -45.84 20.59
C PRO C 222 -4.19 -46.60 19.26
N THR C 223 -5.41 -46.82 18.76
CA THR C 223 -5.68 -47.46 17.49
C THR C 223 -5.86 -46.40 16.39
N TYR C 224 -6.03 -46.87 15.17
CA TYR C 224 -6.30 -45.99 14.05
C TYR C 224 -7.56 -45.17 14.33
N THR C 225 -8.54 -45.78 14.99
CA THR C 225 -9.77 -45.06 15.30
C THR C 225 -9.51 -43.82 16.14
N ASN C 226 -8.68 -43.95 17.18
CA ASN C 226 -8.29 -42.81 17.98
C ASN C 226 -7.61 -41.73 17.16
N LEU C 227 -6.58 -42.15 16.40
CA LEU C 227 -5.82 -41.21 15.59
C LEU C 227 -6.70 -40.50 14.59
N ASN C 228 -7.57 -41.24 13.90
CA ASN C 228 -8.37 -40.61 12.85
C ASN C 228 -9.34 -39.59 13.42
N ARG C 229 -9.93 -39.86 14.59
CA ARG C 229 -10.85 -38.85 15.15
C ARG C 229 -10.11 -37.57 15.49
N LEU C 230 -8.88 -37.68 15.97
CA LEU C 230 -8.11 -36.46 16.20
C LEU C 230 -7.76 -35.76 14.87
N ILE C 231 -7.22 -36.51 13.92
CA ILE C 231 -6.88 -35.94 12.62
C ILE C 231 -8.08 -35.20 12.01
N SER C 232 -9.28 -35.79 12.11
CA SER C 232 -10.44 -35.12 11.54
C SER C 232 -10.70 -33.81 12.25
N GLN C 233 -10.45 -33.73 13.55
CA GLN C 233 -10.64 -32.42 14.17
C GLN C 233 -9.73 -31.39 13.53
N ILE C 234 -8.47 -31.76 13.26
CA ILE C 234 -7.57 -30.82 12.56
C ILE C 234 -8.08 -30.48 11.15
N VAL C 235 -8.49 -31.48 10.38
CA VAL C 235 -8.99 -31.20 9.04
C VAL C 235 -10.23 -30.31 9.09
N SER C 236 -11.14 -30.59 10.02
CA SER C 236 -12.34 -29.78 10.14
C SER C 236 -11.97 -28.34 10.43
N SER C 237 -10.99 -28.13 11.31
CA SER C 237 -10.60 -26.76 11.61
C SER C 237 -10.05 -26.06 10.37
N ILE C 238 -9.31 -26.81 9.53
CA ILE C 238 -8.72 -26.21 8.33
C ILE C 238 -9.77 -25.92 7.24
N THR C 239 -10.82 -26.75 7.13
CA THR C 239 -11.80 -26.52 6.07
C THR C 239 -13.01 -25.73 6.54
N ALA C 240 -13.05 -25.41 7.84
CA ALA C 240 -14.20 -24.70 8.38
C ALA C 240 -14.35 -23.37 7.68
N SER C 241 -13.21 -22.75 7.34
CA SER C 241 -13.24 -21.47 6.64
C SER C 241 -13.97 -21.58 5.31
N LEU C 242 -13.99 -22.77 4.71
CA LEU C 242 -14.68 -22.97 3.44
C LEU C 242 -16.14 -23.35 3.63
N ARG C 243 -16.47 -23.98 4.75
CA ARG C 243 -17.82 -24.53 4.96
C ARG C 243 -18.76 -23.64 5.77
N PHE C 244 -18.26 -22.67 6.53
CA PHE C 244 -19.06 -21.73 7.31
C PHE C 244 -18.74 -20.29 6.93
N ASP C 245 -19.66 -19.39 7.14
CA ASP C 245 -19.29 -18.01 6.92
C ASP C 245 -19.62 -17.15 8.13
N GLY C 246 -18.90 -16.05 8.25
CA GLY C 246 -19.08 -15.15 9.37
C GLY C 246 -18.22 -13.92 9.18
N ALA C 247 -18.54 -12.88 9.95
CA ALA C 247 -17.85 -11.61 9.77
C ALA C 247 -16.34 -11.76 9.89
N LEU C 248 -15.85 -12.59 10.83
CA LEU C 248 -14.42 -12.70 11.05
C LEU C 248 -13.80 -13.97 10.43
N ASN C 249 -14.57 -14.65 9.59
CA ASN C 249 -14.06 -15.88 8.93
C ASN C 249 -13.13 -15.50 7.77
N VAL C 250 -12.01 -16.19 7.66
CA VAL C 250 -11.04 -15.97 6.59
C VAL C 250 -10.88 -17.25 5.76
N ASP C 251 -11.02 -17.11 4.43
CA ASP C 251 -10.88 -18.24 3.51
CA ASP C 251 -10.89 -18.25 3.53
C ASP C 251 -9.49 -18.86 3.59
N LEU C 252 -9.44 -20.19 3.37
CA LEU C 252 -8.17 -20.91 3.39
C LEU C 252 -7.18 -20.39 2.35
N THR C 253 -7.69 -19.97 1.18
CA THR C 253 -6.81 -19.45 0.11
C THR C 253 -6.11 -18.14 0.53
N GLU C 254 -6.72 -17.36 1.42
CA GLU C 254 -6.08 -16.15 1.92
C GLU C 254 -4.89 -16.51 2.82
N PHE C 255 -5.09 -17.52 3.68
CA PHE C 255 -3.99 -18.05 4.48
C PHE C 255 -2.92 -18.65 3.57
N GLN C 256 -3.35 -19.33 2.48
CA GLN C 256 -2.43 -19.99 1.57
C GLN C 256 -1.45 -19.01 0.94
N THR C 257 -1.92 -17.81 0.62
CA THR C 257 -1.01 -16.79 0.14
C THR C 257 0.12 -16.55 1.12
N ASN C 258 -0.22 -16.44 2.40
CA ASN C 258 0.78 -16.18 3.42
C ASN C 258 1.64 -17.39 3.70
N LEU C 259 1.11 -18.60 3.53
CA LEU C 259 1.79 -19.83 3.94
C LEU C 259 2.84 -20.33 2.96
N VAL C 260 2.76 -19.96 1.69
CA VAL C 260 3.65 -20.51 0.69
C VAL C 260 4.49 -19.43 0.03
N PRO C 261 5.70 -19.16 0.54
CA PRO C 261 6.53 -18.08 -0.02
C PRO C 261 7.22 -18.48 -1.30
N TYR C 262 7.41 -19.77 -1.53
CA TYR C 262 7.99 -20.31 -2.75
C TYR C 262 7.31 -21.63 -3.08
N PRO C 263 7.19 -21.96 -4.36
CA PRO C 263 6.44 -23.17 -4.75
C PRO C 263 6.82 -24.43 -3.96
N ARG C 264 8.13 -24.70 -3.79
CA ARG C 264 8.46 -25.96 -3.13
C ARG C 264 8.24 -25.89 -1.62
N ILE C 265 8.43 -24.72 -1.00
CA ILE C 265 8.23 -24.58 0.45
C ILE C 265 6.74 -24.47 0.75
N HIS C 266 6.02 -25.58 0.63
CA HIS C 266 4.58 -25.52 0.79
C HIS C 266 4.07 -26.53 1.81
N PHE C 267 4.83 -26.78 2.88
CA PHE C 267 4.45 -27.73 3.91
C PHE C 267 4.23 -27.07 5.26
N PRO C 268 3.00 -26.62 5.56
CA PRO C 268 2.72 -25.98 6.85
C PRO C 268 2.70 -26.98 8.00
N LEU C 269 3.12 -26.51 9.17
CA LEU C 269 3.03 -27.25 10.43
C LEU C 269 1.73 -26.90 11.15
N ALA C 270 0.91 -27.92 11.44
CA ALA C 270 -0.35 -27.74 12.15
C ALA C 270 -0.20 -28.05 13.64
N THR C 271 -0.84 -27.25 14.46
CA THR C 271 -0.96 -27.50 15.88
C THR C 271 -2.42 -27.32 16.26
N TYR C 272 -2.88 -28.07 17.23
CA TYR C 272 -4.29 -28.01 17.56
C TYR C 272 -4.43 -28.00 19.07
N ALA C 273 -5.34 -27.18 19.57
CA ALA C 273 -5.55 -27.14 21.00
C ALA C 273 -6.97 -26.70 21.24
N PRO C 274 -7.60 -27.16 22.34
CA PRO C 274 -7.06 -28.08 23.35
C PRO C 274 -7.41 -29.50 23.02
N VAL C 275 -6.50 -30.43 23.32
CA VAL C 275 -6.78 -31.86 23.26
C VAL C 275 -6.86 -32.39 24.69
N ILE C 276 -8.07 -32.71 25.16
CA ILE C 276 -8.23 -33.04 26.57
C ILE C 276 -9.40 -34.00 26.69
N SER C 277 -9.24 -34.93 27.62
CA SER C 277 -10.25 -35.92 27.92
C SER C 277 -11.37 -35.27 28.72
N ALA C 278 -12.52 -35.94 28.74
CA ALA C 278 -13.66 -35.42 29.49
C ALA C 278 -13.34 -35.32 30.97
N GLU C 279 -12.70 -36.36 31.48
CA GLU C 279 -12.30 -36.46 32.87
C GLU C 279 -11.52 -35.23 33.27
N LYS C 280 -10.61 -34.78 32.40
CA LYS C 280 -9.73 -33.65 32.70
C LYS C 280 -10.38 -32.33 32.35
N ALA C 281 -11.39 -32.34 31.49
CA ALA C 281 -12.09 -31.13 31.10
C ALA C 281 -13.17 -30.77 32.09
N TYR C 282 -13.57 -31.73 32.92
CA TYR C 282 -14.66 -31.50 33.90
C TYR C 282 -14.23 -30.44 34.90
N HIS C 283 -12.94 -30.26 35.06
CA HIS C 283 -12.42 -29.33 36.09
C HIS C 283 -12.01 -27.98 35.49
N GLU C 284 -11.12 -28.01 34.49
CA GLU C 284 -10.61 -26.77 33.93
C GLU C 284 -11.49 -26.27 32.80
N GLN C 285 -11.57 -24.95 32.69
CA GLN C 285 -12.18 -24.27 31.55
C GLN C 285 -10.99 -23.56 30.89
N LEU C 286 -10.59 -24.04 29.72
CA LEU C 286 -9.45 -23.47 29.01
C LEU C 286 -9.77 -22.18 28.26
N SER C 287 -9.10 -21.10 28.65
CA SER C 287 -9.31 -19.77 28.11
C SER C 287 -8.69 -19.65 26.72
N VAL C 288 -8.93 -18.50 26.08
CA VAL C 288 -8.29 -18.23 24.78
C VAL C 288 -6.78 -18.20 24.94
N ALA C 289 -6.29 -17.52 25.98
CA ALA C 289 -4.86 -17.41 26.25
C ALA C 289 -4.24 -18.81 26.42
N GLU C 290 -4.93 -19.71 27.12
CA GLU C 290 -4.37 -21.02 27.39
C GLU C 290 -4.22 -21.85 26.12
N ILE C 291 -5.27 -21.90 25.29
CA ILE C 291 -5.17 -22.70 24.07
C ILE C 291 -4.17 -22.06 23.10
N THR C 292 -4.00 -20.73 23.17
CA THR C 292 -3.04 -20.12 22.27
C THR C 292 -1.62 -20.42 22.72
N ASN C 293 -1.35 -20.32 24.03
CA ASN C 293 -0.04 -20.77 24.49
CA ASN C 293 -0.06 -20.78 24.54
C ASN C 293 0.20 -22.22 24.10
N ALA C 294 -0.83 -23.06 24.20
CA ALA C 294 -0.68 -24.48 23.85
C ALA C 294 -0.15 -24.66 22.45
N CYS C 295 -0.54 -23.77 21.53
CA CYS C 295 -0.08 -23.99 20.16
CA CYS C 295 -0.09 -23.87 20.13
C CYS C 295 1.42 -23.79 19.97
N PHE C 296 2.13 -23.23 20.94
CA PHE C 296 3.59 -23.09 20.81
C PHE C 296 4.31 -24.08 21.71
N GLU C 297 3.59 -25.09 22.16
CA GLU C 297 4.18 -26.22 22.84
C GLU C 297 4.53 -27.31 21.83
N PRO C 298 5.81 -27.67 21.67
CA PRO C 298 6.17 -28.66 20.63
C PRO C 298 5.41 -29.96 20.74
N ALA C 299 5.01 -30.36 21.94
CA ALA C 299 4.29 -31.62 22.12
C ALA C 299 2.89 -31.60 21.52
N ASN C 300 2.38 -30.44 21.11
CA ASN C 300 1.06 -30.38 20.49
C ASN C 300 1.08 -30.29 18.97
N GLN C 301 2.26 -30.40 18.35
CA GLN C 301 2.39 -30.33 16.90
C GLN C 301 1.99 -31.61 16.18
N MET C 302 1.55 -31.46 14.93
CA MET C 302 1.17 -32.65 14.17
CA MET C 302 1.16 -32.61 14.13
C MET C 302 2.36 -33.34 13.52
N VAL C 303 3.55 -32.72 13.56
CA VAL C 303 4.80 -33.31 13.10
C VAL C 303 5.86 -33.09 14.16
N LYS C 304 6.61 -34.14 14.50
CA LYS C 304 7.68 -33.97 15.48
C LYS C 304 8.84 -33.22 14.86
N CYS C 305 9.15 -32.07 15.46
CA CYS C 305 10.23 -31.17 15.12
C CYS C 305 10.24 -30.12 16.22
N ASP C 306 11.22 -29.24 16.19
CA ASP C 306 11.38 -28.23 17.23
C ASP C 306 11.37 -26.85 16.61
N PRO C 307 10.22 -26.17 16.64
CA PRO C 307 10.15 -24.83 16.01
C PRO C 307 11.12 -23.84 16.64
N ARG C 308 11.54 -24.07 17.90
CA ARG C 308 12.52 -23.19 18.53
C ARG C 308 13.84 -23.19 17.77
N HIS C 309 14.19 -24.30 17.12
CA HIS C 309 15.41 -24.45 16.38
C HIS C 309 15.31 -24.02 14.94
N GLY C 310 14.20 -23.40 14.56
CA GLY C 310 13.99 -22.96 13.19
C GLY C 310 13.57 -21.52 13.14
N LYS C 311 13.14 -21.07 11.97
CA LYS C 311 12.63 -19.72 11.82
C LYS C 311 11.25 -19.81 11.20
N TYR C 312 10.37 -18.91 11.62
CA TYR C 312 9.01 -18.82 11.13
C TYR C 312 8.96 -17.95 9.89
N MET C 313 8.13 -18.37 8.94
CA MET C 313 7.86 -17.61 7.73
C MET C 313 6.41 -17.19 7.64
N ALA C 314 5.55 -17.73 8.49
CA ALA C 314 4.15 -17.39 8.54
C ALA C 314 3.53 -18.08 9.74
N CYS C 315 2.65 -17.38 10.45
CA CYS C 315 1.84 -17.96 11.51
CA CYS C 315 1.84 -17.99 11.50
C CYS C 315 0.39 -17.55 11.31
N CYS C 316 -0.49 -18.53 11.15
CA CYS C 316 -1.93 -18.31 11.05
C CYS C 316 -2.62 -19.03 12.20
N LEU C 317 -3.60 -18.38 12.78
CA LEU C 317 -4.35 -18.90 13.92
C LEU C 317 -5.81 -18.99 13.50
N LEU C 318 -6.36 -20.17 13.53
CA LEU C 318 -7.73 -20.44 13.11
C LEU C 318 -8.55 -20.81 14.33
N TYR C 319 -9.28 -19.82 14.88
CA TYR C 319 -10.08 -20.06 16.06
C TYR C 319 -11.48 -20.47 15.64
N ARG C 320 -12.13 -21.31 16.44
CA ARG C 320 -13.55 -21.59 16.30
C ARG C 320 -14.18 -21.63 17.68
N GLY C 321 -15.43 -21.15 17.76
CA GLY C 321 -16.21 -21.10 18.97
C GLY C 321 -16.29 -19.75 19.67
N ASP C 322 -16.40 -19.79 20.99
CA ASP C 322 -16.58 -18.61 21.81
C ASP C 322 -15.24 -17.88 21.97
N VAL C 323 -14.95 -17.02 20.99
CA VAL C 323 -13.68 -16.30 20.89
C VAL C 323 -13.94 -14.92 20.32
N VAL C 324 -13.55 -13.87 21.03
CA VAL C 324 -13.66 -12.53 20.43
C VAL C 324 -12.28 -11.93 20.18
N PRO C 325 -12.15 -11.08 19.16
CA PRO C 325 -10.82 -10.55 18.81
C PRO C 325 -10.06 -9.90 19.96
N LYS C 326 -10.73 -9.18 20.85
CA LYS C 326 -10.02 -8.54 21.94
C LYS C 326 -9.16 -9.56 22.71
N ASP C 327 -9.72 -10.75 22.96
CA ASP C 327 -9.00 -11.76 23.73
C ASP C 327 -7.87 -12.39 22.93
N VAL C 328 -8.09 -12.60 21.62
CA VAL C 328 -7.00 -13.08 20.78
C VAL C 328 -5.82 -12.11 20.82
N ASN C 329 -6.09 -10.83 20.59
CA ASN C 329 -5.03 -9.84 20.61
C ASN C 329 -4.25 -9.85 21.92
N ALA C 330 -4.96 -9.87 23.06
CA ALA C 330 -4.22 -9.92 24.33
C ALA C 330 -3.37 -11.17 24.46
N ALA C 331 -3.89 -12.32 24.01
CA ALA C 331 -3.13 -13.56 24.08
C ALA C 331 -1.85 -13.49 23.25
N ILE C 332 -1.99 -13.02 22.01
CA ILE C 332 -0.85 -12.91 21.13
C ILE C 332 0.19 -11.97 21.73
N ALA C 333 -0.25 -10.88 22.35
CA ALA C 333 0.69 -9.96 22.96
C ALA C 333 1.50 -10.66 24.03
N THR C 334 0.86 -11.55 24.79
CA THR C 334 1.61 -12.31 25.79
C THR C 334 2.65 -13.22 25.14
N ILE C 335 2.21 -14.05 24.19
CA ILE C 335 3.15 -14.97 23.52
C ILE C 335 4.36 -14.23 22.95
N LYS C 336 4.14 -13.06 22.32
CA LYS C 336 5.28 -12.35 21.76
C LYS C 336 6.34 -11.97 22.79
N THR C 337 6.01 -11.95 24.09
CA THR C 337 7.01 -11.59 25.08
C THR C 337 7.50 -12.76 25.91
N LYS C 338 6.89 -13.94 25.78
CA LYS C 338 7.34 -15.09 26.58
C LYS C 338 7.95 -16.21 25.77
N ARG C 339 7.69 -16.27 24.47
CA ARG C 339 8.18 -17.33 23.60
C ARG C 339 9.30 -16.87 22.69
N SER C 340 10.13 -17.82 22.29
CA SER C 340 11.21 -17.58 21.33
C SER C 340 10.60 -17.81 19.95
N ILE C 341 10.18 -16.73 19.32
CA ILE C 341 9.52 -16.76 18.01
C ILE C 341 10.34 -15.90 17.06
N GLN C 342 11.25 -16.54 16.34
CA GLN C 342 12.11 -15.85 15.40
C GLN C 342 11.56 -15.99 13.99
N PHE C 343 11.38 -14.87 13.32
CA PHE C 343 10.95 -14.84 11.93
C PHE C 343 12.17 -14.64 11.05
N VAL C 344 12.05 -15.08 9.80
CA VAL C 344 13.07 -14.70 8.81
C VAL C 344 13.03 -13.19 8.61
N ASP C 345 14.15 -12.63 8.16
CA ASP C 345 14.22 -11.18 8.07
C ASP C 345 13.45 -10.62 6.88
N TRP C 346 12.98 -11.47 5.98
CA TRP C 346 12.30 -11.02 4.78
C TRP C 346 10.80 -11.13 4.85
N CYS C 347 10.25 -11.35 6.03
CA CYS C 347 8.85 -11.55 6.14
C CYS C 347 8.37 -10.82 7.38
N PRO C 348 7.22 -10.15 7.32
CA PRO C 348 6.72 -9.41 8.49
C PRO C 348 6.41 -10.33 9.66
N THR C 349 6.73 -9.87 10.88
CA THR C 349 6.45 -10.64 12.10
C THR C 349 5.04 -10.26 12.53
N GLY C 350 4.06 -11.06 12.12
CA GLY C 350 2.68 -10.82 12.42
C GLY C 350 1.85 -12.08 12.37
N PHE C 351 0.92 -12.26 13.30
CA PHE C 351 0.02 -13.39 13.26
C PHE C 351 -1.23 -13.08 12.44
N LYS C 352 -1.62 -13.98 11.53
CA LYS C 352 -2.85 -13.83 10.76
C LYS C 352 -3.98 -14.60 11.44
N VAL C 353 -5.07 -13.94 11.77
CA VAL C 353 -6.13 -14.53 12.58
C VAL C 353 -7.42 -14.69 11.79
N GLY C 354 -8.06 -15.85 11.95
CA GLY C 354 -9.41 -16.07 11.46
C GLY C 354 -10.21 -16.63 12.61
N ILE C 355 -11.49 -16.26 12.66
CA ILE C 355 -12.39 -16.76 13.71
C ILE C 355 -13.69 -17.26 13.10
N ASN C 356 -14.02 -18.50 13.39
CA ASN C 356 -15.31 -19.07 13.04
CA ASN C 356 -15.30 -19.10 13.04
C ASN C 356 -16.12 -19.23 14.33
N TYR C 357 -17.38 -18.87 14.27
CA TYR C 357 -18.15 -18.91 15.51
C TYR C 357 -18.79 -20.25 15.80
N GLN C 358 -18.78 -21.18 14.85
CA GLN C 358 -19.39 -22.47 15.09
CA GLN C 358 -19.38 -22.48 15.08
C GLN C 358 -18.51 -23.30 16.03
N PRO C 359 -19.05 -23.82 17.13
CA PRO C 359 -18.23 -24.48 18.14
C PRO C 359 -17.72 -25.82 17.66
N PRO C 360 -16.59 -26.29 18.20
CA PRO C 360 -16.07 -27.59 17.79
C PRO C 360 -17.12 -28.64 18.07
N THR C 361 -17.07 -29.72 17.33
CA THR C 361 -18.01 -30.79 17.52
C THR C 361 -17.26 -32.07 17.87
N VAL C 362 -17.87 -32.90 18.67
CA VAL C 362 -17.28 -34.20 18.91
C VAL C 362 -18.27 -35.28 18.48
N VAL C 363 -17.71 -36.37 17.98
CA VAL C 363 -18.51 -37.52 17.58
CA VAL C 363 -18.50 -37.52 17.58
C VAL C 363 -18.90 -38.28 18.84
N PRO C 364 -20.12 -38.78 18.95
CA PRO C 364 -20.49 -39.60 20.12
C PRO C 364 -19.57 -40.81 20.21
N GLY C 365 -19.21 -41.19 21.45
CA GLY C 365 -18.27 -42.27 21.62
C GLY C 365 -16.82 -41.89 21.39
N GLY C 366 -16.54 -40.61 21.14
CA GLY C 366 -15.20 -40.13 20.94
C GLY C 366 -14.43 -39.99 22.24
N ASP C 367 -13.19 -39.53 22.11
CA ASP C 367 -12.32 -39.41 23.25
C ASP C 367 -12.07 -37.97 23.66
N LEU C 368 -12.26 -37.03 22.73
CA LEU C 368 -12.15 -35.59 22.99
C LEU C 368 -13.30 -35.09 23.83
N ALA C 369 -12.98 -34.24 24.81
CA ALA C 369 -14.03 -33.59 25.59
C ALA C 369 -14.70 -32.54 24.70
N LYS C 370 -15.98 -32.27 24.94
CA LYS C 370 -16.57 -31.15 24.22
C LYS C 370 -16.12 -29.86 24.88
N VAL C 371 -15.50 -29.00 24.09
CA VAL C 371 -14.97 -27.73 24.60
C VAL C 371 -15.70 -26.58 23.91
N GLN C 372 -15.58 -25.41 24.54
CA GLN C 372 -16.29 -24.24 24.06
C GLN C 372 -15.55 -23.47 22.97
N ARG C 373 -14.24 -23.59 22.91
CA ARG C 373 -13.43 -22.85 21.95
C ARG C 373 -12.18 -23.67 21.66
N ALA C 374 -11.72 -23.62 20.42
CA ALA C 374 -10.52 -24.32 19.98
C ALA C 374 -9.76 -23.51 18.94
N VAL C 375 -8.50 -23.85 18.74
CA VAL C 375 -7.64 -23.14 17.81
C VAL C 375 -6.77 -24.13 17.08
N CYS C 376 -6.63 -23.91 15.77
CA CYS C 376 -5.65 -24.62 14.94
C CYS C 376 -4.64 -23.60 14.42
N MET C 377 -3.36 -23.80 14.73
CA MET C 377 -2.32 -22.94 14.18
C MET C 377 -1.67 -23.61 12.97
N LEU C 378 -1.49 -22.82 11.90
CA LEU C 378 -0.74 -23.26 10.73
C LEU C 378 0.45 -22.33 10.61
N SER C 379 1.64 -22.87 10.71
CA SER C 379 2.84 -22.05 10.58
C SER C 379 3.71 -22.62 9.47
N ASN C 380 4.45 -21.76 8.81
CA ASN C 380 5.47 -22.22 7.88
C ASN C 380 6.82 -22.00 8.57
N THR C 381 7.39 -23.05 9.11
CA THR C 381 8.66 -22.94 9.81
C THR C 381 9.70 -23.86 9.17
N THR C 382 10.94 -23.41 9.21
CA THR C 382 11.99 -24.22 8.62
C THR C 382 12.22 -25.48 9.44
N ALA C 383 11.69 -25.52 10.67
CA ALA C 383 11.90 -26.68 11.52
C ALA C 383 11.25 -27.93 10.96
N ILE C 384 10.28 -27.79 10.06
CA ILE C 384 9.63 -28.98 9.54
C ILE C 384 10.61 -29.78 8.70
N ALA C 385 11.70 -29.16 8.26
CA ALA C 385 12.70 -29.90 7.51
C ALA C 385 13.26 -31.05 8.30
N GLU C 386 13.25 -30.95 9.64
CA GLU C 386 13.67 -32.07 10.48
CA GLU C 386 13.69 -32.07 10.45
C GLU C 386 12.98 -33.37 10.07
N ALA C 387 11.67 -33.28 9.75
CA ALA C 387 10.92 -34.44 9.32
C ALA C 387 11.48 -35.05 8.04
N TRP C 388 11.86 -34.21 7.07
CA TRP C 388 12.47 -34.75 5.87
C TRP C 388 13.79 -35.43 6.19
N ALA C 389 14.58 -34.83 7.09
CA ALA C 389 15.88 -35.40 7.37
C ALA C 389 15.76 -36.81 7.93
N ARG C 390 14.87 -37.02 8.91
CA ARG C 390 14.74 -38.37 9.46
C ARG C 390 14.33 -39.36 8.38
N LEU C 391 13.41 -38.98 7.51
CA LEU C 391 12.99 -39.90 6.46
C LEU C 391 14.14 -40.19 5.54
N ASP C 392 14.86 -39.15 5.13
CA ASP C 392 15.95 -39.38 4.19
C ASP C 392 17.00 -40.28 4.80
N HIS C 393 17.18 -40.21 6.12
CA HIS C 393 18.18 -41.08 6.71
C HIS C 393 17.78 -42.55 6.61
N LYS C 394 16.51 -42.87 6.88
CA LYS C 394 16.10 -44.27 6.75
C LYS C 394 16.24 -44.74 5.31
N PHE C 395 15.87 -43.88 4.36
CA PHE C 395 16.06 -44.23 2.96
C PHE C 395 17.54 -44.54 2.69
N ASP C 396 18.44 -43.67 3.15
CA ASP C 396 19.85 -43.89 2.83
C ASP C 396 20.33 -45.21 3.43
N LEU C 397 19.92 -45.51 4.67
CA LEU C 397 20.40 -46.76 5.25
C LEU C 397 20.04 -47.93 4.38
N MET C 398 18.78 -48.01 3.94
CA MET C 398 18.44 -49.15 3.10
C MET C 398 19.03 -49.05 1.69
N TYR C 399 19.00 -47.87 1.09
CA TYR C 399 19.40 -47.77 -0.31
C TYR C 399 20.89 -48.00 -0.53
N ALA C 400 21.73 -47.75 0.47
CA ALA C 400 23.15 -48.04 0.31
C ALA C 400 23.39 -49.50 0.02
N LYS C 401 22.52 -50.37 0.52
CA LYS C 401 22.62 -51.81 0.30
C LYS C 401 21.66 -52.31 -0.75
N ARG C 402 20.79 -51.45 -1.30
CA ARG C 402 19.77 -51.82 -2.28
C ARG C 402 18.77 -52.84 -1.74
N ALA C 403 18.55 -52.83 -0.42
CA ALA C 403 17.61 -53.73 0.22
C ALA C 403 16.19 -53.46 -0.26
N PHE C 404 15.48 -54.53 -0.61
CA PHE C 404 14.10 -54.52 -1.07
C PHE C 404 13.92 -53.86 -2.43
N VAL C 405 14.98 -53.28 -3.02
CA VAL C 405 14.86 -52.59 -4.29
C VAL C 405 14.37 -53.49 -5.43
N HIS C 406 14.73 -54.78 -5.40
CA HIS C 406 14.31 -55.69 -6.45
C HIS C 406 12.79 -55.78 -6.57
N TRP C 407 12.04 -55.49 -5.49
CA TRP C 407 10.58 -55.54 -5.60
C TRP C 407 10.07 -54.45 -6.52
N TYR C 408 10.81 -53.34 -6.62
CA TYR C 408 10.41 -52.21 -7.44
C TYR C 408 10.92 -52.40 -8.85
N VAL C 409 12.17 -52.83 -8.98
CA VAL C 409 12.73 -53.12 -10.30
C VAL C 409 11.92 -54.18 -11.02
N GLY C 410 11.51 -55.24 -10.30
CA GLY C 410 10.71 -56.29 -10.89
C GLY C 410 9.39 -55.80 -11.47
N GLU C 411 8.87 -54.70 -10.94
CA GLU C 411 7.64 -54.12 -11.42
C GLU C 411 7.83 -53.02 -12.47
N GLY C 412 9.05 -52.84 -12.97
CA GLY C 412 9.34 -51.94 -14.07
C GLY C 412 10.11 -50.68 -13.69
N MET C 413 10.32 -50.42 -12.41
CA MET C 413 11.06 -49.23 -12.06
C MET C 413 12.57 -49.44 -12.26
N GLU C 414 13.31 -48.33 -12.28
CA GLU C 414 14.76 -48.34 -12.42
C GLU C 414 15.41 -47.65 -11.24
N GLU C 415 16.65 -48.02 -10.94
CA GLU C 415 17.35 -47.39 -9.83
C GLU C 415 17.50 -45.89 -10.03
N GLY C 416 17.54 -45.45 -11.29
CA GLY C 416 17.63 -44.04 -11.58
C GLY C 416 16.49 -43.27 -10.94
N GLU C 417 15.29 -43.85 -10.90
CA GLU C 417 14.20 -43.10 -10.29
CA GLU C 417 14.16 -43.18 -10.29
C GLU C 417 14.38 -42.99 -8.79
N PHE C 418 15.04 -43.96 -8.17
CA PHE C 418 15.33 -43.86 -6.74
C PHE C 418 16.31 -42.72 -6.46
N SER C 419 17.44 -42.70 -7.18
CA SER C 419 18.42 -41.66 -6.91
C SER C 419 17.91 -40.30 -7.33
N GLU C 420 17.07 -40.24 -8.36
CA GLU C 420 16.43 -38.99 -8.72
C GLU C 420 15.62 -38.46 -7.55
N ALA C 421 14.71 -39.28 -7.03
CA ALA C 421 13.89 -38.86 -5.90
C ALA C 421 14.74 -38.43 -4.71
N ARG C 422 15.79 -39.18 -4.41
CA ARG C 422 16.61 -38.82 -3.25
C ARG C 422 17.36 -37.50 -3.47
N GLU C 423 17.82 -37.23 -4.70
CA GLU C 423 18.48 -35.95 -4.92
C GLU C 423 17.49 -34.80 -4.81
N ASP C 424 16.26 -35.04 -5.24
CA ASP C 424 15.27 -33.99 -5.08
C ASP C 424 15.01 -33.71 -3.61
N MET C 425 15.03 -34.75 -2.78
CA MET C 425 14.88 -34.55 -1.34
C MET C 425 16.07 -33.77 -0.77
N ALA C 426 17.26 -34.08 -1.25
CA ALA C 426 18.47 -33.36 -0.80
C ALA C 426 18.35 -31.88 -1.13
N ALA C 427 17.82 -31.59 -2.32
CA ALA C 427 17.64 -30.21 -2.73
C ALA C 427 16.58 -29.53 -1.86
N LEU C 428 15.54 -30.27 -1.47
CA LEU C 428 14.50 -29.70 -0.63
C LEU C 428 15.07 -29.32 0.74
N GLU C 429 15.86 -30.21 1.31
CA GLU C 429 16.52 -29.87 2.58
C GLU C 429 17.43 -28.65 2.45
N LYS C 430 18.14 -28.55 1.33
CA LYS C 430 19.01 -27.41 1.14
C LYS C 430 18.16 -26.15 0.96
N ASP C 431 17.00 -26.27 0.33
CA ASP C 431 16.07 -25.15 0.19
C ASP C 431 15.61 -24.65 1.55
N TYR C 432 15.28 -25.58 2.43
CA TYR C 432 14.83 -25.17 3.74
C TYR C 432 15.96 -24.45 4.47
N GLU C 433 17.21 -24.83 4.19
CA GLU C 433 18.34 -24.08 4.75
C GLU C 433 18.45 -22.66 4.20
N GLU C 434 18.37 -22.52 2.89
CA GLU C 434 18.55 -21.22 2.27
C GLU C 434 17.50 -20.21 2.69
N VAL C 435 16.23 -20.61 2.77
CA VAL C 435 15.24 -19.61 3.14
C VAL C 435 15.46 -19.10 4.56
N GLY C 436 16.12 -19.87 5.41
CA GLY C 436 16.36 -19.45 6.79
C GLY C 436 17.52 -18.48 6.97
N VAL C 437 18.43 -18.36 6.00
CA VAL C 437 19.61 -17.50 6.13
C VAL C 437 19.28 -16.03 5.95
N ASP C 438 19.84 -15.21 6.83
CA ASP C 438 19.61 -13.76 6.82
C ASP C 438 20.12 -13.11 5.53
N SER C 439 19.47 -12.00 5.17
CA SER C 439 19.73 -11.33 3.91
C SER C 439 21.07 -10.62 3.94
N VAL C 440 21.42 -10.02 2.81
CA VAL C 440 22.68 -9.32 2.63
C VAL C 440 22.44 -7.82 2.54
N MET D 1 -12.21 -62.65 -3.76
CA MET D 1 -11.38 -62.80 -2.57
C MET D 1 -9.93 -62.87 -2.99
N ARG D 2 -9.04 -63.28 -2.09
CA ARG D 2 -7.62 -63.37 -2.39
C ARG D 2 -7.15 -64.82 -2.10
N GLU D 3 -7.49 -65.71 -3.04
CA GLU D 3 -7.36 -67.15 -2.88
C GLU D 3 -5.91 -67.65 -2.96
N ILE D 4 -5.64 -68.71 -2.21
CA ILE D 4 -4.38 -69.44 -2.24
C ILE D 4 -4.66 -70.87 -2.71
N VAL D 5 -3.81 -71.39 -3.59
CA VAL D 5 -3.92 -72.79 -4.03
C VAL D 5 -2.86 -73.60 -3.29
N HIS D 6 -3.31 -74.63 -2.57
CA HIS D 6 -2.45 -75.48 -1.77
C HIS D 6 -2.14 -76.76 -2.54
N ILE D 7 -0.86 -77.17 -2.49
CA ILE D 7 -0.43 -78.40 -3.15
C ILE D 7 0.44 -79.18 -2.17
N GLN D 8 0.17 -80.48 -2.01
CA GLN D 8 0.99 -81.36 -1.19
C GLN D 8 1.48 -82.55 -1.99
N ALA D 9 2.81 -82.76 -1.98
CA ALA D 9 3.46 -83.79 -2.78
C ALA D 9 4.31 -84.74 -1.92
N GLY D 10 4.20 -86.04 -2.21
CA GLY D 10 4.98 -87.03 -1.50
C GLY D 10 4.41 -87.40 -0.14
N GLN D 11 5.12 -88.30 0.54
CA GLN D 11 4.68 -88.78 1.84
C GLN D 11 4.68 -87.66 2.88
N CYS D 12 5.83 -87.05 3.10
CA CYS D 12 5.91 -85.96 4.07
C CYS D 12 4.96 -84.83 3.71
N GLY D 13 4.93 -84.47 2.42
CA GLY D 13 4.06 -83.39 2.00
C GLY D 13 2.62 -83.67 2.31
N ASN D 14 2.17 -84.89 2.08
CA ASN D 14 0.77 -85.19 2.34
C ASN D 14 0.47 -85.38 3.81
N GLN D 15 1.45 -85.79 4.61
CA GLN D 15 1.19 -85.95 6.03
C GLN D 15 1.06 -84.60 6.70
N ILE D 16 2.06 -83.73 6.52
CA ILE D 16 1.95 -82.43 7.15
C ILE D 16 0.84 -81.61 6.51
N GLY D 17 0.59 -81.78 5.19
CA GLY D 17 -0.55 -81.12 4.57
C GLY D 17 -1.88 -81.50 5.19
N ALA D 18 -2.06 -82.80 5.44
CA ALA D 18 -3.32 -83.25 6.00
C ALA D 18 -3.51 -82.68 7.39
N LYS D 19 -2.46 -82.72 8.23
CA LYS D 19 -2.64 -82.14 9.56
C LYS D 19 -2.93 -80.64 9.47
N PHE D 20 -2.26 -79.92 8.55
CA PHE D 20 -2.56 -78.50 8.36
C PHE D 20 -4.05 -78.29 8.11
N TRP D 21 -4.62 -79.08 7.20
CA TRP D 21 -6.04 -78.89 6.92
C TRP D 21 -6.91 -79.26 8.12
N GLU D 22 -6.53 -80.28 8.87
CA GLU D 22 -7.28 -80.61 10.08
C GLU D 22 -7.28 -79.47 11.10
N VAL D 23 -6.11 -78.85 11.32
CA VAL D 23 -5.99 -77.81 12.35
C VAL D 23 -6.70 -76.53 11.93
N ILE D 24 -6.54 -76.11 10.67
CA ILE D 24 -7.22 -74.87 10.32
C ILE D 24 -8.72 -75.13 10.13
N SER D 25 -9.13 -76.33 9.73
CA SER D 25 -10.56 -76.60 9.66
C SER D 25 -11.18 -76.49 11.04
N ASP D 26 -10.48 -77.00 12.07
CA ASP D 26 -10.99 -76.83 13.42
C ASP D 26 -11.08 -75.35 13.79
N GLU D 27 -10.02 -74.58 13.48
CA GLU D 27 -10.01 -73.15 13.82
C GLU D 27 -11.11 -72.36 13.12
N HIS D 28 -11.49 -72.73 11.90
CA HIS D 28 -12.52 -72.03 11.15
C HIS D 28 -13.90 -72.64 11.30
N GLY D 29 -14.04 -73.69 12.13
CA GLY D 29 -15.35 -74.24 12.38
C GLY D 29 -15.93 -75.09 11.28
N ILE D 30 -15.09 -75.67 10.44
CA ILE D 30 -15.53 -76.58 9.38
C ILE D 30 -15.48 -78.02 9.90
N ASP D 31 -16.59 -78.75 9.82
CA ASP D 31 -16.57 -80.14 10.29
C ASP D 31 -15.99 -81.02 9.18
N PRO D 32 -15.63 -82.27 9.50
CA PRO D 32 -15.09 -83.16 8.47
C PRO D 32 -15.95 -83.28 7.22
N THR D 33 -17.27 -83.00 7.32
CA THR D 33 -18.16 -83.10 6.16
C THR D 33 -18.12 -81.84 5.30
N GLY D 34 -17.54 -80.75 5.81
CA GLY D 34 -17.39 -79.52 5.08
C GLY D 34 -18.42 -78.48 5.46
N SER D 35 -19.27 -78.79 6.43
CA SER D 35 -20.28 -77.86 6.90
C SER D 35 -19.69 -76.95 7.98
N TYR D 36 -20.17 -75.72 8.04
CA TYR D 36 -19.76 -74.79 9.07
C TYR D 36 -20.58 -74.92 10.34
N HIS D 37 -19.91 -74.91 11.49
CA HIS D 37 -20.60 -75.03 12.77
C HIS D 37 -19.93 -74.19 13.85
N GLY D 38 -19.14 -73.19 13.47
CA GLY D 38 -18.53 -72.34 14.46
C GLY D 38 -19.51 -71.31 14.98
N ASP D 39 -18.99 -70.40 15.79
CA ASP D 39 -19.80 -69.34 16.38
C ASP D 39 -19.37 -67.96 15.90
N SER D 40 -18.10 -67.61 16.04
CA SER D 40 -17.61 -66.26 15.71
C SER D 40 -17.65 -66.00 14.21
N ASP D 41 -18.05 -64.79 13.79
CA ASP D 41 -18.05 -64.48 12.36
C ASP D 41 -16.64 -64.31 11.80
N LEU D 42 -15.65 -64.11 12.67
CA LEU D 42 -14.28 -63.96 12.18
C LEU D 42 -13.83 -65.23 11.49
N GLN D 43 -14.47 -66.34 11.81
CA GLN D 43 -14.10 -67.60 11.22
C GLN D 43 -14.38 -67.61 9.72
N LEU D 44 -15.45 -66.92 9.27
CA LEU D 44 -15.83 -66.94 7.86
C LEU D 44 -15.39 -65.71 7.07
N GLU D 45 -14.91 -64.66 7.75
CA GLU D 45 -14.57 -63.43 7.05
C GLU D 45 -13.59 -63.68 5.91
N ARG D 46 -12.57 -64.51 6.12
CA ARG D 46 -11.58 -64.78 5.08
C ARG D 46 -11.47 -66.27 4.75
N ILE D 47 -12.59 -66.97 4.93
CA ILE D 47 -12.62 -68.41 4.72
C ILE D 47 -12.24 -68.72 3.28
N ASN D 48 -12.48 -67.77 2.38
CA ASN D 48 -12.25 -67.96 0.96
C ASN D 48 -10.78 -68.11 0.60
N VAL D 49 -9.88 -67.74 1.52
CA VAL D 49 -8.47 -67.78 1.17
C VAL D 49 -8.04 -69.22 0.90
N TYR D 50 -8.54 -70.15 1.71
CA TYR D 50 -8.16 -71.54 1.60
C TYR D 50 -9.30 -72.46 1.20
N TYR D 51 -10.55 -71.99 1.19
CA TYR D 51 -11.70 -72.85 0.92
C TYR D 51 -12.57 -72.33 -0.21
N ASN D 52 -13.01 -73.23 -1.10
CA ASN D 52 -14.04 -72.95 -2.08
C ASN D 52 -15.39 -73.14 -1.39
N GLU D 53 -16.39 -72.37 -1.82
CA GLU D 53 -17.73 -72.51 -1.29
C GLU D 53 -18.59 -73.26 -2.30
N ALA D 54 -18.93 -74.51 -1.99
CA ALA D 54 -19.78 -75.28 -2.88
C ALA D 54 -21.24 -75.15 -2.44
N THR D 55 -22.10 -75.87 -3.15
CA THR D 55 -23.54 -75.84 -2.88
C THR D 55 -23.82 -76.57 -1.57
N GLY D 56 -24.89 -76.17 -0.88
CA GLY D 56 -25.16 -76.80 0.39
C GLY D 56 -24.37 -76.26 1.56
N ASN D 57 -23.84 -75.06 1.44
CA ASN D 57 -22.99 -74.44 2.45
C ASN D 57 -21.77 -75.31 2.77
N LYS D 58 -21.25 -76.03 1.79
CA LYS D 58 -20.06 -76.79 2.11
C LYS D 58 -18.83 -75.96 1.76
N TYR D 59 -17.74 -76.25 2.44
CA TYR D 59 -16.47 -75.57 2.25
C TYR D 59 -15.52 -76.69 1.87
N VAL D 60 -14.82 -76.53 0.75
CA VAL D 60 -13.93 -77.54 0.23
C VAL D 60 -12.52 -76.97 0.19
N PRO D 61 -11.53 -77.64 0.78
CA PRO D 61 -10.15 -77.13 0.69
C PRO D 61 -9.71 -76.96 -0.76
N ARG D 62 -9.24 -75.78 -1.09
CA ARG D 62 -8.65 -75.56 -2.41
C ARG D 62 -7.27 -76.24 -2.42
N ALA D 63 -7.27 -77.58 -2.37
CA ALA D 63 -6.08 -78.39 -2.17
C ALA D 63 -5.94 -79.45 -3.26
N ILE D 64 -4.69 -79.73 -3.63
CA ILE D 64 -4.34 -80.72 -4.64
C ILE D 64 -3.36 -81.70 -4.05
N LEU D 65 -3.74 -82.97 -4.02
CA LEU D 65 -2.96 -84.03 -3.38
C LEU D 65 -2.25 -84.83 -4.46
N VAL D 66 -0.93 -84.92 -4.36
CA VAL D 66 -0.09 -85.52 -5.40
C VAL D 66 0.91 -86.49 -4.78
N ASP D 67 1.05 -87.67 -5.37
CA ASP D 67 2.09 -88.61 -5.00
C ASP D 67 2.32 -89.56 -6.15
N LEU D 68 3.49 -90.21 -6.12
CA LEU D 68 3.90 -91.21 -7.11
C LEU D 68 3.59 -92.63 -6.63
N GLU D 69 2.91 -92.78 -5.50
CA GLU D 69 2.52 -94.11 -5.04
C GLU D 69 1.14 -94.02 -4.41
N PRO D 70 0.26 -95.03 -4.64
CA PRO D 70 -1.12 -94.93 -4.17
C PRO D 70 -1.24 -94.91 -2.64
N GLY D 71 -0.17 -95.33 -1.97
CA GLY D 71 -0.16 -95.26 -0.51
C GLY D 71 -0.37 -93.82 -0.09
N THR D 72 -0.53 -93.57 1.21
CA THR D 72 -0.80 -92.20 1.69
C THR D 72 -2.18 -91.76 1.16
N MET D 73 -2.30 -91.56 -0.15
CA MET D 73 -3.63 -91.23 -0.74
C MET D 73 -4.71 -91.91 0.08
N ASP D 74 -4.59 -93.23 0.27
CA ASP D 74 -5.64 -93.98 1.00
C ASP D 74 -5.64 -93.55 2.47
N SER D 75 -4.48 -93.54 3.12
CA SER D 75 -4.41 -93.09 4.50
C SER D 75 -5.01 -91.70 4.64
N VAL D 76 -4.73 -90.81 3.69
CA VAL D 76 -5.31 -89.48 3.76
C VAL D 76 -6.82 -89.59 3.61
N ARG D 77 -7.24 -90.29 2.55
CA ARG D 77 -8.68 -90.45 2.28
C ARG D 77 -9.38 -91.15 3.44
N SER D 78 -8.73 -92.11 4.08
CA SER D 78 -9.26 -92.78 5.27
C SER D 78 -8.69 -92.15 6.54
N GLY D 79 -8.79 -90.83 6.64
CA GLY D 79 -8.31 -90.12 7.79
C GLY D 79 -9.40 -89.24 8.36
N PRO D 80 -9.05 -88.41 9.33
CA PRO D 80 -10.07 -87.54 9.95
C PRO D 80 -10.87 -86.73 8.95
N PHE D 81 -10.20 -86.04 8.04
CA PHE D 81 -10.84 -85.15 7.09
C PHE D 81 -10.73 -85.63 5.64
N GLY D 82 -10.55 -86.94 5.44
CA GLY D 82 -10.39 -87.46 4.09
C GLY D 82 -11.58 -87.22 3.19
N GLN D 83 -12.78 -87.20 3.76
CA GLN D 83 -13.95 -87.02 2.89
C GLN D 83 -14.20 -85.55 2.60
N ILE D 84 -13.34 -84.66 3.08
CA ILE D 84 -13.51 -83.23 2.83
C ILE D 84 -12.80 -82.82 1.55
N PHE D 85 -11.79 -83.57 1.12
CA PHE D 85 -11.04 -83.17 -0.05
C PHE D 85 -11.82 -83.55 -1.31
N ARG D 86 -11.69 -82.71 -2.31
CA ARG D 86 -12.33 -82.92 -3.60
C ARG D 86 -11.77 -84.15 -4.30
N PRO D 87 -12.61 -85.15 -4.58
CA PRO D 87 -12.12 -86.40 -5.20
C PRO D 87 -11.27 -86.21 -6.45
N ASP D 88 -11.58 -85.24 -7.32
CA ASP D 88 -10.79 -85.08 -8.52
C ASP D 88 -9.41 -84.52 -8.28
N ASN D 89 -9.18 -83.90 -7.13
CA ASN D 89 -7.88 -83.32 -6.80
C ASN D 89 -6.85 -84.33 -6.31
N PHE D 90 -7.18 -85.62 -6.27
CA PHE D 90 -6.19 -86.66 -5.99
C PHE D 90 -5.55 -87.08 -7.31
N VAL D 91 -4.23 -86.90 -7.43
CA VAL D 91 -3.48 -87.28 -8.63
C VAL D 91 -2.30 -88.13 -8.20
N PHE D 92 -2.35 -89.43 -8.46
CA PHE D 92 -1.31 -90.34 -8.00
C PHE D 92 -0.89 -91.31 -9.09
N GLY D 93 0.37 -91.75 -9.01
CA GLY D 93 0.89 -92.74 -9.93
C GLY D 93 1.00 -94.09 -9.27
N GLN D 94 1.95 -94.91 -9.74
CA GLN D 94 2.09 -96.24 -9.14
C GLN D 94 3.55 -96.65 -8.99
N SER D 95 4.38 -96.28 -9.95
CA SER D 95 5.77 -96.73 -9.99
C SER D 95 6.54 -96.36 -8.73
N GLY D 96 6.12 -95.32 -8.01
CA GLY D 96 6.88 -94.80 -6.89
C GLY D 96 8.10 -94.04 -7.39
N ALA D 97 8.84 -93.46 -6.44
CA ALA D 97 10.05 -92.70 -6.72
C ALA D 97 11.29 -93.24 -6.04
N GLY D 98 11.12 -94.11 -5.04
CA GLY D 98 12.24 -94.73 -4.35
C GLY D 98 13.25 -93.76 -3.78
N ASN D 99 12.78 -92.64 -3.23
CA ASN D 99 13.71 -91.66 -2.66
C ASN D 99 14.78 -91.22 -3.66
N ASN D 100 14.44 -91.20 -4.95
CA ASN D 100 15.40 -90.83 -5.99
C ASN D 100 14.91 -89.51 -6.60
N TRP D 101 15.66 -88.44 -6.39
CA TRP D 101 15.25 -87.13 -6.88
C TRP D 101 15.04 -87.13 -8.39
N ALA D 102 15.95 -87.77 -9.14
CA ALA D 102 15.79 -87.81 -10.59
C ALA D 102 14.47 -88.49 -11.00
N LYS D 103 14.08 -89.56 -10.29
CA LYS D 103 12.83 -90.22 -10.62
C LYS D 103 11.65 -89.27 -10.47
N GLY D 104 11.71 -88.39 -9.47
CA GLY D 104 10.69 -87.39 -9.25
C GLY D 104 10.73 -86.20 -10.20
N HIS D 105 11.92 -85.67 -10.46
CA HIS D 105 12.05 -84.46 -11.25
C HIS D 105 12.06 -84.72 -12.76
N TYR D 106 12.77 -85.74 -13.22
CA TYR D 106 12.96 -85.86 -14.69
C TYR D 106 12.16 -86.98 -15.36
N THR D 107 11.93 -88.11 -14.68
CA THR D 107 11.31 -89.27 -15.38
C THR D 107 9.85 -89.48 -14.99
N GLU D 108 9.59 -90.38 -14.05
CA GLU D 108 8.19 -90.74 -13.71
C GLU D 108 7.38 -89.50 -13.32
N GLY D 109 7.97 -88.59 -12.56
CA GLY D 109 7.27 -87.36 -12.17
C GLY D 109 6.88 -86.57 -13.39
N ALA D 110 7.81 -86.45 -14.34
CA ALA D 110 7.52 -85.72 -15.57
C ALA D 110 6.33 -86.35 -16.28
N GLU D 111 6.19 -87.67 -16.13
CA GLU D 111 5.11 -88.39 -16.75
C GLU D 111 3.77 -88.02 -16.13
N LEU D 112 3.77 -87.56 -14.89
CA LEU D 112 2.53 -87.27 -14.15
C LEU D 112 2.22 -85.76 -14.03
N VAL D 113 3.21 -84.91 -14.33
CA VAL D 113 3.10 -83.49 -14.04
C VAL D 113 1.95 -82.85 -14.82
N ASP D 114 1.70 -83.30 -16.07
CA ASP D 114 0.63 -82.67 -16.86
C ASP D 114 -0.76 -82.91 -16.24
N SER D 115 -1.02 -84.14 -15.78
CA SER D 115 -2.24 -84.42 -15.03
C SER D 115 -2.35 -83.49 -13.83
N VAL D 116 -1.23 -83.23 -13.15
CA VAL D 116 -1.34 -82.28 -12.04
C VAL D 116 -1.65 -80.87 -12.54
N LEU D 117 -0.99 -80.42 -13.61
CA LEU D 117 -1.25 -79.06 -14.09
C LEU D 117 -2.71 -78.84 -14.48
N ASP D 118 -3.39 -79.85 -15.00
CA ASP D 118 -4.80 -79.64 -15.35
C ASP D 118 -5.64 -79.32 -14.13
N VAL D 119 -5.36 -79.99 -13.02
CA VAL D 119 -6.07 -79.72 -11.77
C VAL D 119 -5.68 -78.36 -11.22
N VAL D 120 -4.39 -78.02 -11.30
CA VAL D 120 -3.99 -76.68 -10.87
C VAL D 120 -4.75 -75.62 -11.64
N ARG D 121 -4.80 -75.76 -12.97
CA ARG D 121 -5.50 -74.81 -13.82
C ARG D 121 -6.98 -74.75 -13.49
N LYS D 122 -7.60 -75.91 -13.23
CA LYS D 122 -9.02 -75.96 -12.94
C LYS D 122 -9.32 -75.23 -11.64
N GLU D 123 -8.47 -75.40 -10.63
CA GLU D 123 -8.64 -74.67 -9.37
C GLU D 123 -8.38 -73.18 -9.53
N SER D 124 -7.34 -72.81 -10.30
CA SER D 124 -7.01 -71.40 -10.47
C SER D 124 -8.08 -70.65 -11.28
N GLU D 125 -8.62 -71.26 -12.33
CA GLU D 125 -9.58 -70.58 -13.19
C GLU D 125 -10.81 -70.15 -12.43
N SER D 126 -11.11 -70.76 -11.28
CA SER D 126 -12.29 -70.42 -10.52
C SER D 126 -11.99 -69.51 -9.35
N CYS D 127 -10.76 -68.99 -9.26
CA CYS D 127 -10.38 -68.06 -8.22
C CYS D 127 -10.77 -66.68 -8.67
N ASP D 128 -11.51 -65.99 -7.80
CA ASP D 128 -11.91 -64.63 -8.07
C ASP D 128 -10.68 -63.76 -8.29
N CYS D 129 -9.67 -63.93 -7.44
CA CYS D 129 -8.39 -63.26 -7.60
C CYS D 129 -7.28 -64.03 -6.90
N LEU D 130 -6.73 -65.01 -7.60
CA LEU D 130 -5.63 -65.84 -7.11
C LEU D 130 -4.41 -65.02 -6.67
N GLN D 131 -3.91 -65.30 -5.47
CA GLN D 131 -2.72 -64.61 -5.00
C GLN D 131 -1.44 -65.44 -5.12
N GLY D 132 -1.54 -66.76 -5.07
CA GLY D 132 -0.35 -67.57 -5.22
C GLY D 132 -0.62 -68.99 -4.76
N PHE D 133 0.47 -69.72 -4.60
CA PHE D 133 0.43 -71.14 -4.29
C PHE D 133 1.28 -71.41 -3.06
N GLN D 134 0.89 -72.44 -2.29
CA GLN D 134 1.72 -72.99 -1.24
C GLN D 134 1.87 -74.50 -1.44
N LEU D 135 3.11 -74.96 -1.31
CA LEU D 135 3.46 -76.36 -1.48
C LEU D 135 4.03 -76.88 -0.16
N THR D 136 3.53 -78.03 0.28
CA THR D 136 4.15 -78.75 1.39
C THR D 136 4.82 -80.01 0.85
N HIS D 137 6.05 -80.25 1.27
CA HIS D 137 6.87 -81.31 0.71
C HIS D 137 8.10 -81.45 1.60
N SER D 138 8.81 -82.53 1.40
CA SER D 138 10.10 -82.76 2.00
C SER D 138 11.20 -82.61 0.97
N LEU D 139 12.42 -82.33 1.44
CA LEU D 139 13.52 -82.19 0.52
C LEU D 139 14.34 -83.48 0.43
N GLY D 140 14.05 -84.47 1.30
CA GLY D 140 14.81 -85.68 1.43
C GLY D 140 14.47 -86.85 0.52
N GLY D 141 13.23 -86.95 0.07
CA GLY D 141 12.79 -88.07 -0.75
C GLY D 141 12.88 -87.81 -2.24
N GLY D 142 11.96 -88.45 -2.98
CA GLY D 142 11.98 -88.34 -4.44
C GLY D 142 10.81 -87.54 -5.01
N THR D 143 9.60 -87.88 -4.58
CA THR D 143 8.40 -87.22 -5.10
C THR D 143 8.33 -85.79 -4.63
N GLY D 144 8.28 -85.57 -3.32
CA GLY D 144 8.16 -84.22 -2.83
C GLY D 144 9.34 -83.37 -3.29
N SER D 145 10.58 -83.76 -3.01
CA SER D 145 11.71 -82.92 -3.39
CA SER D 145 11.74 -82.94 -3.40
C SER D 145 11.88 -82.82 -4.91
N GLY D 146 11.78 -83.94 -5.64
CA GLY D 146 11.97 -83.92 -7.08
C GLY D 146 10.77 -83.44 -7.90
N MET D 147 9.64 -84.14 -7.75
CA MET D 147 8.49 -83.73 -8.52
C MET D 147 7.89 -82.42 -7.97
N GLY D 148 8.11 -82.11 -6.68
CA GLY D 148 7.63 -80.86 -6.12
C GLY D 148 8.31 -79.67 -6.76
N THR D 149 9.63 -79.73 -6.84
CA THR D 149 10.33 -78.61 -7.46
C THR D 149 10.05 -78.58 -8.96
N LEU D 150 9.63 -79.71 -9.54
CA LEU D 150 9.23 -79.66 -10.93
C LEU D 150 7.87 -78.97 -11.07
N LEU D 151 6.92 -79.33 -10.20
CA LEU D 151 5.63 -78.67 -10.19
C LEU D 151 5.80 -77.17 -10.04
N ILE D 152 6.74 -76.77 -9.19
CA ILE D 152 6.99 -75.36 -8.97
C ILE D 152 7.41 -74.69 -10.28
N SER D 153 8.37 -75.29 -11.00
CA SER D 153 8.81 -74.69 -12.26
CA SER D 153 8.80 -74.68 -12.25
C SER D 153 7.64 -74.56 -13.24
N LYS D 154 6.87 -75.64 -13.42
CA LYS D 154 5.75 -75.61 -14.37
C LYS D 154 4.70 -74.58 -13.98
N ILE D 155 4.42 -74.42 -12.70
CA ILE D 155 3.41 -73.44 -12.29
C ILE D 155 3.94 -72.02 -12.47
N ARG D 156 5.24 -71.83 -12.21
CA ARG D 156 5.91 -70.55 -12.35
C ARG D 156 5.95 -70.08 -13.80
N GLU D 157 5.84 -71.01 -14.75
CA GLU D 157 5.86 -70.63 -16.17
C GLU D 157 4.50 -70.11 -16.62
N GLU D 158 3.41 -70.65 -16.06
CA GLU D 158 2.04 -70.24 -16.38
C GLU D 158 1.49 -69.14 -15.47
N TYR D 159 2.12 -68.87 -14.34
CA TYR D 159 1.69 -67.81 -13.43
C TYR D 159 2.92 -67.11 -12.89
N PRO D 160 3.66 -66.43 -13.77
CA PRO D 160 4.94 -65.85 -13.37
C PRO D 160 4.85 -64.71 -12.37
N ASP D 161 3.70 -64.06 -12.22
CA ASP D 161 3.57 -62.91 -11.32
C ASP D 161 2.84 -63.26 -10.05
N ARG D 162 2.65 -64.53 -9.78
CA ARG D 162 2.03 -65.02 -8.56
C ARG D 162 3.10 -65.47 -7.58
N ILE D 163 2.76 -65.43 -6.30
CA ILE D 163 3.70 -65.81 -5.24
C ILE D 163 3.80 -67.33 -5.15
N MET D 164 5.02 -67.85 -5.10
CA MET D 164 5.25 -69.27 -4.90
C MET D 164 5.79 -69.46 -3.50
N ASN D 165 5.03 -70.11 -2.64
CA ASN D 165 5.36 -70.31 -1.24
C ASN D 165 5.51 -71.80 -0.94
N THR D 166 6.57 -72.19 -0.24
CA THR D 166 6.76 -73.60 0.15
C THR D 166 7.01 -73.74 1.65
N PHE D 167 6.51 -74.85 2.20
CA PHE D 167 6.87 -75.35 3.53
C PHE D 167 7.75 -76.57 3.28
N SER D 168 9.08 -76.40 3.42
CA SER D 168 10.04 -77.43 3.02
C SER D 168 10.73 -78.08 4.21
N VAL D 169 10.45 -79.38 4.43
CA VAL D 169 11.02 -80.12 5.54
C VAL D 169 12.43 -80.61 5.16
N MET D 170 13.42 -80.15 5.91
CA MET D 170 14.85 -80.39 5.74
C MET D 170 15.25 -81.74 6.34
N PRO D 171 16.12 -82.48 5.66
CA PRO D 171 16.56 -83.82 6.12
C PRO D 171 17.56 -83.82 7.29
N SER D 172 17.37 -84.78 8.19
CA SER D 172 18.27 -85.00 9.30
C SER D 172 18.49 -86.48 9.58
N PRO D 173 19.74 -86.89 9.80
CA PRO D 173 20.00 -88.30 10.12
C PRO D 173 19.37 -88.78 11.43
N LYS D 174 18.97 -87.87 12.32
CA LYS D 174 18.35 -88.29 13.57
C LYS D 174 16.93 -88.79 13.37
N VAL D 175 16.33 -88.57 12.19
CA VAL D 175 14.96 -88.97 11.90
C VAL D 175 14.89 -89.91 10.70
N SER D 176 15.73 -89.71 9.68
CA SER D 176 15.72 -90.60 8.53
C SER D 176 17.15 -90.99 8.17
N ASP D 177 17.39 -92.28 8.16
CA ASP D 177 18.68 -92.88 7.89
C ASP D 177 18.87 -93.27 6.44
N THR D 178 17.98 -92.82 5.55
CA THR D 178 18.15 -93.02 4.10
C THR D 178 19.35 -92.21 3.61
N VAL D 179 20.25 -92.86 2.92
CA VAL D 179 21.59 -92.29 2.79
C VAL D 179 21.65 -91.15 1.76
N VAL D 180 20.83 -91.20 0.70
CA VAL D 180 21.00 -90.22 -0.37
C VAL D 180 20.21 -88.95 -0.10
N GLU D 181 19.74 -88.80 1.13
CA GLU D 181 18.91 -87.62 1.48
C GLU D 181 19.75 -86.35 1.29
N PRO D 182 21.00 -86.29 1.77
CA PRO D 182 21.85 -85.12 1.54
C PRO D 182 21.91 -84.71 0.06
N TYR D 183 21.81 -85.66 -0.85
CA TYR D 183 21.90 -85.35 -2.31
C TYR D 183 20.60 -84.71 -2.75
N ASN D 184 19.48 -85.35 -2.41
CA ASN D 184 18.16 -84.86 -2.78
C ASN D 184 17.96 -83.45 -2.27
N ALA D 185 18.41 -83.18 -1.04
CA ALA D 185 18.21 -81.85 -0.49
C ALA D 185 18.97 -80.81 -1.30
N THR D 186 20.22 -81.12 -1.64
CA THR D 186 21.02 -80.14 -2.36
C THR D 186 20.42 -79.89 -3.72
N LEU D 187 19.89 -80.93 -4.37
CA LEU D 187 19.25 -80.67 -5.66
C LEU D 187 18.02 -79.79 -5.50
N SER D 188 17.29 -79.96 -4.39
CA SER D 188 16.09 -79.16 -4.14
C SER D 188 16.39 -77.71 -3.77
N VAL D 189 17.33 -77.48 -2.83
CA VAL D 189 17.64 -76.09 -2.48
C VAL D 189 18.06 -75.29 -3.70
N HIS D 190 18.75 -75.95 -4.64
CA HIS D 190 19.13 -75.30 -5.90
C HIS D 190 17.90 -74.80 -6.64
N GLN D 191 16.81 -75.56 -6.59
CA GLN D 191 15.58 -75.13 -7.24
C GLN D 191 14.90 -74.06 -6.42
N LEU D 192 14.76 -74.29 -5.12
CA LEU D 192 14.04 -73.33 -4.25
C LEU D 192 14.69 -71.95 -4.32
N VAL D 193 16.01 -71.88 -4.25
CA VAL D 193 16.73 -70.57 -4.23
C VAL D 193 16.34 -69.76 -5.46
N GLU D 194 15.88 -70.41 -6.52
CA GLU D 194 15.65 -69.67 -7.78
C GLU D 194 14.20 -69.62 -8.20
N ASN D 195 13.33 -70.47 -7.65
CA ASN D 195 11.98 -70.46 -8.20
C ASN D 195 10.87 -70.25 -7.20
N THR D 196 11.19 -70.04 -5.93
CA THR D 196 10.19 -69.72 -4.93
C THR D 196 10.42 -68.32 -4.40
N ASP D 197 9.33 -67.68 -4.00
CA ASP D 197 9.35 -66.34 -3.43
C ASP D 197 9.52 -66.35 -1.91
N GLU D 198 9.07 -67.40 -1.22
CA GLU D 198 9.29 -67.49 0.21
C GLU D 198 9.21 -68.96 0.61
N THR D 199 10.18 -69.40 1.42
CA THR D 199 10.27 -70.80 1.85
C THR D 199 10.47 -70.89 3.37
N TYR D 200 9.51 -71.50 4.06
CA TYR D 200 9.64 -71.82 5.47
C TYR D 200 10.50 -73.08 5.63
N CYS D 201 11.65 -72.96 6.26
CA CYS D 201 12.54 -74.10 6.46
C CYS D 201 12.14 -74.86 7.71
N ILE D 202 11.41 -75.97 7.52
CA ILE D 202 11.00 -76.82 8.63
C ILE D 202 12.07 -77.91 8.75
N ASP D 203 12.85 -77.87 9.82
CA ASP D 203 14.01 -78.74 9.99
C ASP D 203 13.69 -79.93 10.88
N ASN D 204 13.77 -81.13 10.30
CA ASN D 204 13.55 -82.34 11.10
C ASN D 204 14.55 -82.48 12.21
N GLU D 205 15.77 -81.94 12.05
CA GLU D 205 16.73 -82.00 13.14
C GLU D 205 16.26 -81.16 14.32
N ALA D 206 15.78 -79.94 14.03
CA ALA D 206 15.32 -79.07 15.09
C ALA D 206 14.04 -79.63 15.73
N LEU D 207 13.13 -80.17 14.92
CA LEU D 207 11.92 -80.76 15.48
C LEU D 207 12.28 -81.92 16.42
N TYR D 208 13.29 -82.70 16.03
CA TYR D 208 13.74 -83.79 16.86
C TYR D 208 14.35 -83.28 18.15
N ASP D 209 15.20 -82.26 18.07
CA ASP D 209 15.84 -81.73 19.27
C ASP D 209 14.84 -81.06 20.21
N ILE D 210 13.79 -80.44 19.68
CA ILE D 210 12.79 -79.84 20.54
C ILE D 210 12.07 -80.94 21.32
N CYS D 211 11.72 -82.03 20.62
CA CYS D 211 11.05 -83.13 21.31
C CYS D 211 11.96 -83.79 22.32
N PHE D 212 13.22 -84.01 21.98
CA PHE D 212 14.10 -84.71 22.92
C PHE D 212 14.52 -83.82 24.09
N ARG D 213 15.04 -82.62 23.82
CA ARG D 213 15.60 -81.83 24.91
C ARG D 213 14.57 -80.99 25.64
N THR D 214 13.61 -80.41 24.91
CA THR D 214 12.67 -79.51 25.58
C THR D 214 11.45 -80.25 26.08
N LEU D 215 10.83 -81.09 25.25
CA LEU D 215 9.63 -81.76 25.72
C LEU D 215 9.97 -83.01 26.49
N LYS D 216 11.25 -83.37 26.49
CA LYS D 216 11.80 -84.54 27.15
C LYS D 216 11.06 -85.79 26.73
N LEU D 217 11.10 -86.09 25.44
CA LEU D 217 10.42 -87.27 24.95
C LEU D 217 11.46 -88.29 24.55
N THR D 218 11.37 -89.47 25.16
CA THR D 218 12.28 -90.58 24.94
C THR D 218 12.39 -90.86 23.45
N THR D 219 11.32 -91.33 22.82
CA THR D 219 11.35 -91.69 21.39
CA THR D 219 11.35 -91.69 21.39
C THR D 219 10.33 -90.86 20.62
N PRO D 220 10.77 -89.77 19.97
CA PRO D 220 9.84 -88.90 19.26
C PRO D 220 9.28 -89.57 18.01
N THR D 221 7.96 -89.52 17.84
CA THR D 221 7.33 -90.12 16.67
C THR D 221 7.07 -89.04 15.64
N TYR D 222 6.71 -89.48 14.42
CA TYR D 222 6.35 -88.51 13.39
C TYR D 222 5.12 -87.70 13.80
N GLY D 223 4.24 -88.29 14.61
CA GLY D 223 3.11 -87.54 15.13
C GLY D 223 3.53 -86.35 15.97
N ASP D 224 4.59 -86.52 16.77
CA ASP D 224 5.10 -85.41 17.57
C ASP D 224 5.68 -84.34 16.66
N LEU D 225 6.57 -84.75 15.75
CA LEU D 225 7.18 -83.80 14.84
C LEU D 225 6.09 -83.07 14.05
N ASN D 226 5.05 -83.79 13.64
CA ASN D 226 4.01 -83.17 12.84
C ASN D 226 3.09 -82.29 13.68
N HIS D 227 3.01 -82.51 14.99
CA HIS D 227 2.21 -81.58 15.79
C HIS D 227 2.93 -80.25 15.92
N LEU D 228 4.27 -80.29 15.99
CA LEU D 228 5.03 -79.04 15.98
C LEU D 228 4.87 -78.35 14.64
N VAL D 229 4.93 -79.12 13.55
CA VAL D 229 4.80 -78.52 12.22
C VAL D 229 3.43 -77.87 12.06
N SER D 230 2.38 -78.59 12.45
CA SER D 230 1.02 -78.08 12.32
C SER D 230 0.80 -76.83 13.17
N ALA D 231 1.42 -76.73 14.36
CA ALA D 231 1.25 -75.54 15.20
C ALA D 231 1.92 -74.36 14.54
N THR D 232 3.06 -74.61 13.89
CA THR D 232 3.77 -73.52 13.24
C THR D 232 3.05 -73.09 11.99
N MET D 233 2.62 -74.05 11.18
CA MET D 233 1.88 -73.71 9.97
C MET D 233 0.58 -72.97 10.30
N SER D 234 -0.10 -73.35 11.40
CA SER D 234 -1.26 -72.57 11.82
C SER D 234 -0.86 -71.13 12.11
N GLY D 235 0.22 -70.95 12.89
CA GLY D 235 0.66 -69.61 13.24
C GLY D 235 1.04 -68.76 12.04
N VAL D 236 1.91 -69.28 11.17
CA VAL D 236 2.48 -68.47 10.10
C VAL D 236 1.46 -68.12 9.05
N THR D 237 0.27 -68.74 9.10
CA THR D 237 -0.82 -68.42 8.18
C THR D 237 -2.00 -67.75 8.88
N THR D 238 -1.85 -67.40 10.16
CA THR D 238 -2.91 -66.69 10.88
CA THR D 238 -2.92 -66.70 10.87
C THR D 238 -3.24 -65.36 10.20
N CYS D 239 -2.21 -64.59 9.83
CA CYS D 239 -2.48 -63.28 9.25
CA CYS D 239 -2.46 -63.29 9.24
C CYS D 239 -3.13 -63.38 7.87
N LEU D 240 -3.01 -64.53 7.20
CA LEU D 240 -3.67 -64.76 5.93
C LEU D 240 -5.15 -65.13 6.10
N ARG D 241 -5.50 -65.76 7.22
CA ARG D 241 -6.82 -66.36 7.44
C ARG D 241 -7.78 -65.54 8.29
N PHE D 242 -7.32 -64.54 9.03
CA PHE D 242 -8.19 -63.74 9.87
C PHE D 242 -8.00 -62.27 9.53
N PRO D 243 -9.03 -61.46 9.71
CA PRO D 243 -8.90 -60.03 9.40
C PRO D 243 -7.76 -59.39 10.15
N GLY D 244 -6.90 -58.68 9.42
CA GLY D 244 -5.75 -58.07 10.04
C GLY D 244 -5.08 -57.09 9.11
N GLN D 245 -4.12 -56.35 9.68
CA GLN D 245 -3.43 -55.26 8.99
C GLN D 245 -2.11 -55.68 8.37
N LEU D 246 -1.32 -56.44 9.12
CA LEU D 246 0.06 -56.74 8.81
C LEU D 246 0.18 -58.09 8.13
N ASN D 247 1.00 -58.13 7.07
CA ASN D 247 1.29 -59.35 6.32
C ASN D 247 0.01 -60.07 5.90
N ALA D 248 -1.00 -59.28 5.49
CA ALA D 248 -2.30 -59.90 5.25
C ALA D 248 -2.36 -60.71 3.97
N ASP D 249 -1.36 -60.66 3.10
CA ASP D 249 -1.30 -61.53 1.93
C ASP D 249 0.14 -61.95 1.68
N LEU D 250 0.31 -62.93 0.79
CA LEU D 250 1.63 -63.48 0.51
C LEU D 250 2.59 -62.42 -0.01
N ARG D 251 2.10 -61.52 -0.87
CA ARG D 251 2.97 -60.51 -1.46
C ARG D 251 3.43 -59.48 -0.41
N LYS D 252 2.54 -58.99 0.44
CA LYS D 252 2.99 -58.07 1.48
C LYS D 252 3.97 -58.75 2.44
N LEU D 253 3.74 -60.01 2.78
CA LEU D 253 4.70 -60.70 3.62
C LEU D 253 6.06 -60.75 2.94
N ALA D 254 6.09 -61.15 1.67
CA ALA D 254 7.37 -61.22 0.95
C ALA D 254 8.03 -59.86 0.85
N VAL D 255 7.27 -58.80 0.54
CA VAL D 255 7.83 -57.47 0.44
C VAL D 255 8.42 -57.01 1.78
N ASN D 256 7.87 -57.48 2.90
CA ASN D 256 8.41 -57.12 4.22
C ASN D 256 9.54 -58.02 4.68
N MET D 257 9.63 -59.24 4.16
CA MET D 257 10.53 -60.25 4.70
C MET D 257 11.73 -60.55 3.82
N VAL D 258 11.69 -60.23 2.53
CA VAL D 258 12.75 -60.61 1.61
C VAL D 258 13.46 -59.37 1.07
N PRO D 259 14.56 -58.98 1.69
CA PRO D 259 15.27 -57.77 1.24
C PRO D 259 16.07 -58.01 -0.03
N PHE D 260 16.46 -59.27 -0.29
CA PHE D 260 17.19 -59.64 -1.54
C PHE D 260 16.64 -60.95 -2.12
N PRO D 261 16.39 -61.01 -3.42
CA PRO D 261 15.60 -62.15 -3.95
C PRO D 261 16.04 -63.53 -3.50
N ARG D 262 17.33 -63.83 -3.45
CA ARG D 262 17.75 -65.17 -3.06
C ARG D 262 17.57 -65.46 -1.58
N LEU D 263 17.64 -64.46 -0.72
CA LEU D 263 17.57 -64.70 0.72
C LEU D 263 16.11 -64.68 1.17
N HIS D 264 15.40 -65.75 0.79
CA HIS D 264 13.97 -65.89 1.07
C HIS D 264 13.66 -67.18 1.84
N PHE D 265 14.60 -67.64 2.67
CA PHE D 265 14.44 -68.86 3.48
C PHE D 265 14.18 -68.50 4.94
N PHE D 266 12.99 -68.79 5.46
CA PHE D 266 12.60 -68.31 6.78
C PHE D 266 12.83 -69.37 7.86
N MET D 267 13.10 -68.88 9.06
CA MET D 267 13.34 -69.65 10.26
C MET D 267 12.16 -69.46 11.21
N PRO D 268 11.24 -70.43 11.28
CA PRO D 268 10.05 -70.27 12.12
C PRO D 268 10.31 -70.75 13.53
N GLY D 269 9.45 -70.31 14.45
CA GLY D 269 9.51 -70.72 15.84
C GLY D 269 8.14 -70.58 16.45
N PHE D 270 7.88 -71.39 17.47
CA PHE D 270 6.59 -71.39 18.14
C PHE D 270 6.74 -71.26 19.65
N ALA D 271 5.74 -70.63 20.28
CA ALA D 271 5.69 -70.56 21.73
C ALA D 271 4.22 -70.65 22.14
N PRO D 272 3.91 -71.32 23.26
CA PRO D 272 4.85 -71.94 24.22
C PRO D 272 5.17 -73.41 23.89
N LEU D 273 6.38 -73.87 24.20
CA LEU D 273 6.79 -75.27 24.15
C LEU D 273 7.28 -75.60 25.55
N THR D 274 6.47 -76.34 26.29
CA THR D 274 6.72 -76.64 27.69
C THR D 274 6.66 -78.14 27.94
N SER D 275 7.69 -78.68 28.59
CA SER D 275 7.66 -80.08 29.00
C SER D 275 6.40 -80.36 29.83
N ARG D 276 5.88 -81.59 29.69
CA ARG D 276 4.63 -81.96 30.38
C ARG D 276 4.66 -81.63 31.87
N GLY D 277 5.74 -81.98 32.55
CA GLY D 277 5.82 -81.72 33.98
C GLY D 277 5.86 -80.25 34.34
N SER D 278 6.55 -79.43 33.54
CA SER D 278 6.66 -78.01 33.90
C SER D 278 5.45 -77.15 33.55
N GLN D 279 4.57 -77.61 32.69
CA GLN D 279 3.44 -76.75 32.26
C GLN D 279 2.65 -76.28 33.49
N GLN D 280 2.42 -77.16 34.46
CA GLN D 280 1.57 -76.82 35.62
C GLN D 280 2.20 -75.72 36.46
N TYR D 281 3.52 -75.56 36.41
CA TYR D 281 4.17 -74.59 37.31
C TYR D 281 4.89 -73.53 36.47
N ARG D 282 4.46 -73.37 35.22
CA ARG D 282 5.04 -72.33 34.37
C ARG D 282 3.97 -71.35 33.94
N ALA D 283 4.05 -70.09 34.39
CA ALA D 283 3.02 -69.14 34.00
C ALA D 283 3.07 -68.90 32.49
N LEU D 284 1.91 -68.70 31.88
CA LEU D 284 1.76 -68.39 30.45
C LEU D 284 1.54 -66.88 30.26
N THR D 285 2.63 -66.13 30.02
CA THR D 285 2.53 -64.67 29.95
C THR D 285 3.18 -64.12 28.69
N VAL D 286 2.83 -62.86 28.39
CA VAL D 286 3.45 -62.15 27.27
C VAL D 286 4.96 -62.07 27.40
N PRO D 287 5.53 -61.70 28.54
CA PRO D 287 7.00 -61.74 28.67
C PRO D 287 7.58 -63.11 28.49
N GLU D 288 6.82 -64.14 28.86
CA GLU D 288 7.29 -65.51 28.72
C GLU D 288 7.34 -65.89 27.25
N LEU D 289 6.28 -65.52 26.52
CA LEU D 289 6.20 -65.83 25.10
C LEU D 289 7.28 -65.10 24.33
N THR D 290 7.41 -63.79 24.57
CA THR D 290 8.41 -63.02 23.83
C THR D 290 9.83 -63.54 24.08
N GLN D 291 10.15 -63.83 25.34
CA GLN D 291 11.47 -64.33 25.67
C GLN D 291 11.73 -65.66 24.99
N GLN D 292 10.71 -66.53 24.95
CA GLN D 292 10.89 -67.86 24.42
C GLN D 292 10.89 -67.92 22.89
N MET D 293 10.15 -67.07 22.19
CA MET D 293 10.26 -67.24 20.74
C MET D 293 11.53 -66.64 20.17
N PHE D 294 12.31 -65.93 20.97
CA PHE D 294 13.61 -65.45 20.53
C PHE D 294 14.75 -66.37 20.97
N ASP D 295 14.44 -67.33 21.85
CA ASP D 295 15.41 -68.32 22.33
C ASP D 295 15.91 -69.22 21.19
N SER D 296 17.20 -69.49 21.17
CA SER D 296 17.77 -70.28 20.07
C SER D 296 17.22 -71.70 20.04
N LYS D 297 16.91 -72.27 21.18
CA LYS D 297 16.43 -73.64 21.24
C LYS D 297 14.99 -73.77 20.83
N ASN D 298 14.30 -72.68 20.54
CA ASN D 298 12.89 -72.77 20.24
C ASN D 298 12.65 -72.66 18.71
N MET D 299 13.70 -72.41 17.94
CA MET D 299 13.63 -72.29 16.48
C MET D 299 13.33 -73.63 15.84
N MET D 300 12.61 -73.60 14.72
CA MET D 300 12.23 -74.85 14.08
C MET D 300 13.21 -75.13 12.95
N ALA D 301 14.32 -74.41 12.93
CA ALA D 301 15.52 -74.64 12.12
C ALA D 301 16.71 -74.76 13.05
N ALA D 302 17.52 -75.79 12.88
CA ALA D 302 18.62 -76.06 13.81
C ALA D 302 19.70 -75.00 13.60
N CYS D 303 19.50 -73.83 14.22
CA CYS D 303 20.51 -72.79 14.15
C CYS D 303 20.35 -71.86 15.33
N ASP D 304 21.41 -71.12 15.57
CA ASP D 304 21.52 -70.16 16.64
C ASP D 304 21.42 -68.73 16.16
N PRO D 305 20.32 -68.03 16.42
CA PRO D 305 20.26 -66.66 15.90
C PRO D 305 21.36 -65.81 16.49
N ARG D 306 21.86 -66.17 17.68
CA ARG D 306 23.00 -65.47 18.28
C ARG D 306 24.26 -65.59 17.43
N HIS D 307 24.32 -66.58 16.53
CA HIS D 307 25.48 -66.72 15.65
C HIS D 307 25.40 -65.86 14.39
N GLY D 308 24.25 -65.26 14.11
CA GLY D 308 24.03 -64.46 12.91
C GLY D 308 23.36 -63.14 13.24
N ARG D 309 22.75 -62.50 12.28
CA ARG D 309 22.03 -61.25 12.45
C ARG D 309 20.67 -61.40 11.80
N TYR D 310 19.65 -60.74 12.34
CA TYR D 310 18.32 -60.78 11.75
C TYR D 310 18.19 -59.69 10.69
N LEU D 311 17.88 -60.11 9.45
CA LEU D 311 17.55 -59.15 8.41
C LEU D 311 16.16 -58.60 8.66
N THR D 312 15.20 -59.50 8.81
CA THR D 312 13.82 -59.10 9.08
C THR D 312 13.20 -60.11 10.03
N VAL D 313 12.20 -59.66 10.78
CA VAL D 313 11.46 -60.54 11.70
C VAL D 313 9.99 -60.16 11.70
N ALA D 314 9.12 -61.16 11.60
CA ALA D 314 7.68 -61.04 11.79
C ALA D 314 7.29 -61.85 13.01
N ALA D 315 6.55 -61.24 13.94
CA ALA D 315 6.10 -61.94 15.15
C ALA D 315 4.59 -61.81 15.18
N ILE D 316 3.91 -62.91 15.54
CA ILE D 316 2.45 -62.94 15.58
C ILE D 316 2.02 -63.50 16.92
N PHE D 317 1.23 -62.73 17.66
CA PHE D 317 0.68 -63.14 18.95
C PHE D 317 -0.80 -63.46 18.76
N ARG D 318 -1.28 -64.52 19.42
CA ARG D 318 -2.66 -64.98 19.29
C ARG D 318 -3.27 -65.16 20.67
N GLY D 319 -4.49 -64.67 20.83
CA GLY D 319 -5.25 -64.79 22.05
C GLY D 319 -5.49 -63.43 22.70
N ARG D 320 -6.21 -63.49 23.82
CA ARG D 320 -6.57 -62.30 24.59
C ARG D 320 -5.36 -61.81 25.36
N MET D 321 -4.89 -60.61 25.04
CA MET D 321 -3.73 -60.05 25.70
C MET D 321 -3.75 -58.55 25.54
N SER D 322 -2.80 -57.89 26.21
CA SER D 322 -2.68 -56.44 26.22
C SER D 322 -1.76 -55.95 25.09
N MET D 323 -2.30 -55.13 24.18
CA MET D 323 -1.45 -54.63 23.11
C MET D 323 -0.28 -53.81 23.66
N LYS D 324 -0.52 -53.02 24.71
CA LYS D 324 0.54 -52.24 25.34
C LYS D 324 1.68 -53.14 25.81
N GLU D 325 1.33 -54.25 26.45
CA GLU D 325 2.33 -55.15 26.96
C GLU D 325 3.12 -55.79 25.82
N VAL D 326 2.43 -56.22 24.77
CA VAL D 326 3.13 -56.78 23.62
C VAL D 326 4.11 -55.75 23.04
N ASP D 327 3.67 -54.50 22.85
CA ASP D 327 4.56 -53.46 22.35
C ASP D 327 5.78 -53.30 23.24
N GLU D 328 5.55 -53.23 24.55
CA GLU D 328 6.66 -53.03 25.47
C GLU D 328 7.64 -54.20 25.44
N GLN D 329 7.11 -55.44 25.45
CA GLN D 329 7.97 -56.62 25.43
C GLN D 329 8.78 -56.72 24.13
N MET D 330 8.14 -56.46 22.98
CA MET D 330 8.85 -56.57 21.71
C MET D 330 9.95 -55.52 21.60
N LEU D 331 9.70 -54.31 22.14
CA LEU D 331 10.78 -53.33 22.13
C LEU D 331 11.88 -53.72 23.10
N ASN D 332 11.50 -54.17 24.28
CA ASN D 332 12.47 -54.63 25.27
C ASN D 332 13.44 -55.65 24.63
N VAL D 333 12.88 -56.69 24.00
CA VAL D 333 13.72 -57.74 23.41
C VAL D 333 14.60 -57.17 22.29
N GLN D 334 14.12 -56.20 21.52
CA GLN D 334 15.02 -55.62 20.51
C GLN D 334 16.14 -54.83 21.16
N ASN D 335 15.84 -54.10 22.23
CA ASN D 335 16.85 -53.29 22.90
C ASN D 335 17.92 -54.19 23.52
N LYS D 336 17.53 -55.31 24.11
CA LYS D 336 18.47 -56.16 24.81
C LYS D 336 19.22 -57.08 23.86
N ASN D 337 18.88 -57.09 22.57
CA ASN D 337 19.56 -57.91 21.58
C ASN D 337 19.87 -57.12 20.32
N SER D 338 20.15 -55.82 20.49
CA SER D 338 20.28 -54.92 19.35
C SER D 338 21.39 -55.35 18.41
N SER D 339 22.52 -55.79 18.95
CA SER D 339 23.64 -56.16 18.11
C SER D 339 23.31 -57.32 17.16
N TYR D 340 22.21 -58.02 17.37
CA TYR D 340 21.80 -59.20 16.59
C TYR D 340 20.87 -58.83 15.44
N PHE D 341 20.65 -57.53 15.22
CA PHE D 341 19.80 -56.98 14.15
C PHE D 341 20.57 -55.98 13.33
N VAL D 342 20.63 -56.23 12.01
CA VAL D 342 21.39 -55.38 11.11
C VAL D 342 20.86 -53.96 11.24
N GLU D 343 21.77 -53.00 11.37
CA GLU D 343 21.42 -51.61 11.65
C GLU D 343 20.94 -50.85 10.41
N TRP D 344 21.25 -51.34 9.21
CA TRP D 344 20.89 -50.72 7.93
C TRP D 344 19.47 -51.06 7.45
N ILE D 345 18.67 -51.76 8.24
CA ILE D 345 17.24 -51.89 7.93
C ILE D 345 16.41 -51.43 9.12
N PRO D 346 16.07 -50.15 9.16
CA PRO D 346 15.36 -49.62 10.32
C PRO D 346 13.97 -50.21 10.46
N ASN D 347 13.55 -50.42 11.70
CA ASN D 347 12.20 -50.87 11.99
C ASN D 347 11.90 -52.19 11.29
N ASN D 348 12.84 -53.12 11.40
CA ASN D 348 12.79 -54.39 10.69
C ASN D 348 12.06 -55.48 11.48
N VAL D 349 11.52 -55.19 12.67
CA VAL D 349 10.73 -56.20 13.40
C VAL D 349 9.27 -55.76 13.38
N LYS D 350 8.38 -56.57 12.81
CA LYS D 350 6.98 -56.20 12.72
C LYS D 350 6.14 -57.17 13.56
N THR D 351 5.07 -56.65 14.18
CA THR D 351 4.26 -57.41 15.13
C THR D 351 2.77 -57.37 14.86
N ALA D 352 2.14 -58.53 14.76
CA ALA D 352 0.70 -58.64 14.62
C ALA D 352 0.11 -59.36 15.84
N VAL D 353 -1.14 -59.06 16.15
CA VAL D 353 -1.88 -59.67 17.25
C VAL D 353 -3.26 -60.05 16.71
N CYS D 354 -3.61 -61.32 16.84
CA CYS D 354 -4.90 -61.87 16.45
C CYS D 354 -5.63 -62.36 17.69
N ASP D 355 -6.91 -61.99 17.82
CA ASP D 355 -7.67 -62.30 19.01
C ASP D 355 -8.02 -63.77 19.18
N ILE D 356 -8.02 -64.57 18.11
CA ILE D 356 -8.43 -65.97 18.18
C ILE D 356 -7.21 -66.85 18.48
N PRO D 357 -7.14 -67.47 19.66
CA PRO D 357 -6.01 -68.34 19.98
C PRO D 357 -6.15 -69.69 19.30
N PRO D 358 -5.06 -70.43 19.14
CA PRO D 358 -5.11 -71.80 18.61
C PRO D 358 -5.79 -72.76 19.58
N ARG D 359 -6.13 -73.93 19.07
CA ARG D 359 -6.82 -74.95 19.88
C ARG D 359 -6.00 -75.33 21.10
N GLY D 360 -6.62 -75.21 22.27
CA GLY D 360 -6.02 -75.68 23.51
C GLY D 360 -5.06 -74.75 24.20
N LEU D 361 -4.95 -73.52 23.74
CA LEU D 361 -4.03 -72.58 24.34
C LEU D 361 -4.73 -71.26 24.62
N LYS D 362 -4.50 -70.69 25.80
CA LYS D 362 -5.05 -69.36 26.09
C LYS D 362 -4.39 -68.31 25.20
N MET D 363 -3.10 -68.49 24.94
CA MET D 363 -2.34 -67.60 24.08
C MET D 363 -1.11 -68.29 23.51
N SER D 364 -0.68 -67.80 22.36
CA SER D 364 0.49 -68.34 21.68
C SER D 364 1.21 -67.24 20.91
N ALA D 365 2.40 -67.57 20.40
CA ALA D 365 3.22 -66.66 19.61
C ALA D 365 3.98 -67.44 18.54
N THR D 366 4.03 -66.89 17.32
CA THR D 366 4.78 -67.48 16.20
C THR D 366 5.79 -66.49 15.65
N PHE D 367 7.00 -66.98 15.45
CA PHE D 367 8.17 -66.21 15.03
C PHE D 367 8.53 -66.60 13.60
N ILE D 368 8.71 -65.62 12.72
CA ILE D 368 9.21 -65.84 11.37
C ILE D 368 10.43 -64.94 11.23
N GLY D 369 11.62 -65.51 11.19
CA GLY D 369 12.86 -64.73 11.14
C GLY D 369 13.61 -64.99 9.85
N ASN D 370 14.12 -63.93 9.24
CA ASN D 370 15.05 -64.01 8.11
C ASN D 370 16.39 -63.57 8.69
N SER D 371 17.13 -64.56 9.20
CA SER D 371 18.40 -64.40 9.88
C SER D 371 19.54 -64.99 9.04
N THR D 372 20.73 -64.36 9.11
CA THR D 372 21.89 -64.91 8.39
C THR D 372 22.39 -66.20 8.99
N ALA D 373 21.97 -66.51 10.22
CA ALA D 373 22.46 -67.73 10.84
C ALA D 373 21.89 -68.98 10.20
N ILE D 374 20.89 -68.84 9.32
CA ILE D 374 20.39 -70.00 8.60
CA ILE D 374 20.40 -70.02 8.63
C ILE D 374 21.50 -70.64 7.78
N GLN D 375 22.57 -69.87 7.47
CA GLN D 375 23.68 -70.52 6.80
C GLN D 375 24.09 -71.82 7.48
N GLU D 376 23.87 -71.93 8.80
CA GLU D 376 24.24 -73.17 9.48
C GLU D 376 23.46 -74.36 8.91
N LEU D 377 22.16 -74.18 8.67
CA LEU D 377 21.39 -75.23 8.03
C LEU D 377 21.97 -75.63 6.68
N PHE D 378 22.36 -74.64 5.88
CA PHE D 378 22.84 -75.00 4.56
C PHE D 378 24.24 -75.54 4.63
N LYS D 379 24.97 -75.20 5.69
CA LYS D 379 26.28 -75.79 5.84
C LYS D 379 26.15 -77.26 6.23
N ARG D 380 25.21 -77.57 7.12
CA ARG D 380 25.05 -78.96 7.54
C ARG D 380 24.75 -79.84 6.33
N ILE D 381 23.81 -79.41 5.48
CA ILE D 381 23.49 -80.21 4.31
C ILE D 381 24.66 -80.23 3.34
N SER D 382 25.46 -79.16 3.33
CA SER D 382 26.61 -79.14 2.44
C SER D 382 27.69 -80.09 2.93
N GLU D 383 27.86 -80.21 4.25
CA GLU D 383 28.87 -81.11 4.77
C GLU D 383 28.57 -82.55 4.40
N GLN D 384 27.32 -82.96 4.59
CA GLN D 384 26.91 -84.31 4.30
C GLN D 384 26.95 -84.58 2.81
N PHE D 385 26.85 -83.52 1.99
CA PHE D 385 26.91 -83.74 0.55
C PHE D 385 28.35 -83.95 0.12
N THR D 386 29.29 -83.20 0.71
CA THR D 386 30.66 -83.31 0.24
C THR D 386 31.33 -84.57 0.73
N ALA D 387 30.77 -85.18 1.76
CA ALA D 387 31.34 -86.42 2.26
C ALA D 387 30.73 -87.60 1.55
N MET D 388 29.74 -87.37 0.70
CA MET D 388 29.13 -88.42 -0.08
C MET D 388 29.34 -88.24 -1.57
N PHE D 389 30.03 -87.19 -1.97
CA PHE D 389 30.23 -86.88 -3.38
C PHE D 389 31.69 -86.98 -3.77
N ARG D 390 32.59 -86.86 -2.79
CA ARG D 390 34.01 -87.00 -3.07
C ARG D 390 34.29 -88.44 -3.53
N ARG D 391 33.65 -89.41 -2.89
CA ARG D 391 33.76 -90.81 -3.25
C ARG D 391 32.65 -91.27 -4.20
N LYS D 392 31.81 -90.36 -4.69
CA LYS D 392 30.79 -90.69 -5.69
C LYS D 392 29.82 -91.78 -5.23
N ALA D 393 29.45 -91.79 -3.96
CA ALA D 393 28.56 -92.85 -3.52
C ALA D 393 27.21 -92.61 -4.18
N PHE D 394 26.57 -93.69 -4.63
CA PHE D 394 25.19 -93.64 -5.17
C PHE D 394 25.05 -92.82 -6.46
N LEU D 395 26.08 -92.12 -6.89
CA LEU D 395 25.90 -91.24 -8.08
C LEU D 395 25.12 -92.02 -9.15
N HIS D 396 25.50 -93.27 -9.41
CA HIS D 396 24.86 -94.07 -10.50
C HIS D 396 23.35 -93.98 -10.36
N TRP D 397 22.87 -94.11 -9.13
CA TRP D 397 21.43 -94.04 -8.88
C TRP D 397 20.75 -92.91 -9.65
N TYR D 398 21.49 -91.81 -9.91
CA TYR D 398 20.99 -90.61 -10.56
C TYR D 398 21.44 -90.52 -12.01
N THR D 399 22.67 -90.95 -12.28
CA THR D 399 23.16 -90.97 -13.65
C THR D 399 22.35 -92.00 -14.44
N GLY D 400 21.80 -93.01 -13.76
CA GLY D 400 21.00 -94.01 -14.42
C GLY D 400 19.71 -93.45 -14.95
N GLU D 401 19.34 -92.24 -14.53
CA GLU D 401 18.16 -91.58 -15.04
C GLU D 401 18.48 -90.55 -16.10
N GLY D 402 19.77 -90.26 -16.31
CA GLY D 402 20.23 -89.38 -17.38
C GLY D 402 21.06 -88.21 -16.90
N MET D 403 21.16 -88.01 -15.60
CA MET D 403 21.85 -86.87 -15.03
C MET D 403 23.37 -86.95 -15.20
N ASP D 404 23.97 -85.86 -15.68
CA ASP D 404 25.40 -85.65 -15.73
C ASP D 404 25.91 -85.30 -14.32
N GLU D 405 27.24 -85.40 -14.15
CA GLU D 405 27.83 -85.16 -12.85
C GLU D 405 27.87 -83.68 -12.51
N MET D 406 27.84 -82.81 -13.53
CA MET D 406 27.96 -81.40 -13.26
C MET D 406 26.71 -80.87 -12.62
N GLU D 407 25.57 -81.51 -12.85
CA GLU D 407 24.39 -81.00 -12.20
C GLU D 407 24.56 -81.11 -10.69
N PHE D 408 25.25 -82.14 -10.21
CA PHE D 408 25.54 -82.20 -8.79
C PHE D 408 26.53 -81.09 -8.42
N THR D 409 27.48 -80.80 -9.31
CA THR D 409 28.46 -79.77 -8.95
C THR D 409 27.82 -78.39 -8.90
N GLU D 410 26.92 -78.07 -9.84
CA GLU D 410 26.26 -76.77 -9.85
C GLU D 410 25.32 -76.62 -8.66
N ALA D 411 24.54 -77.66 -8.36
CA ALA D 411 23.66 -77.54 -7.20
C ALA D 411 24.46 -77.35 -5.92
N GLU D 412 25.72 -77.84 -5.89
CA GLU D 412 26.54 -77.61 -4.70
C GLU D 412 27.19 -76.24 -4.68
N SER D 413 27.73 -75.78 -5.80
CA SER D 413 28.33 -74.45 -5.84
C SER D 413 27.28 -73.37 -5.58
N ASN D 414 26.05 -73.57 -6.06
CA ASN D 414 25.02 -72.58 -5.84
C ASN D 414 24.69 -72.47 -4.35
N MET D 415 24.71 -73.59 -3.65
CA MET D 415 24.46 -73.57 -2.21
C MET D 415 25.61 -72.94 -1.44
N ASN D 416 26.86 -73.13 -1.93
CA ASN D 416 27.97 -72.44 -1.28
C ASN D 416 27.88 -70.95 -1.49
N ASP D 417 27.39 -70.54 -2.64
CA ASP D 417 27.19 -69.13 -2.90
C ASP D 417 26.11 -68.57 -1.98
N LEU D 418 25.01 -69.31 -1.81
CA LEU D 418 23.96 -68.87 -0.91
C LEU D 418 24.53 -68.61 0.48
N VAL D 419 25.39 -69.52 0.95
CA VAL D 419 26.02 -69.33 2.24
C VAL D 419 26.87 -68.06 2.24
N SER D 420 27.69 -67.87 1.19
CA SER D 420 28.53 -66.67 1.12
C SER D 420 27.70 -65.40 1.14
N GLU D 421 26.53 -65.40 0.50
CA GLU D 421 25.67 -64.22 0.51
C GLU D 421 25.16 -63.94 1.91
N TYR D 422 24.72 -64.99 2.60
CA TYR D 422 24.25 -64.76 3.96
C TYR D 422 25.38 -64.15 4.80
N GLN D 423 26.61 -64.62 4.58
CA GLN D 423 27.74 -64.08 5.32
C GLN D 423 28.05 -62.63 4.91
N GLN D 424 27.88 -62.33 3.61
CA GLN D 424 28.17 -60.99 3.12
C GLN D 424 27.30 -59.98 3.82
N TYR D 425 26.01 -60.27 3.93
CA TYR D 425 25.12 -59.33 4.59
C TYR D 425 25.20 -59.47 6.09
N GLN D 426 25.84 -60.53 6.57
CA GLN D 426 26.02 -60.66 8.00
C GLN D 426 27.12 -59.75 8.49
N ASP D 427 28.06 -59.41 7.62
CA ASP D 427 29.20 -58.60 8.03
C ASP D 427 29.06 -57.16 7.58
N ALA D 428 28.14 -56.87 6.67
CA ALA D 428 27.99 -55.51 6.18
C ALA D 428 27.60 -54.62 7.35
N THR D 429 28.23 -53.47 7.44
CA THR D 429 27.94 -52.46 8.45
C THR D 429 27.24 -51.28 7.78
N ALA D 430 26.73 -50.36 8.60
CA ALA D 430 26.19 -49.10 8.10
C ALA D 430 27.19 -47.95 8.18
N ASP D 431 28.16 -48.02 9.10
CA ASP D 431 29.16 -46.96 9.18
C ASP D 431 30.56 -47.55 9.25
N MET E 1 -1.72 80.64 -9.07
CA MET E 1 -3.11 80.29 -8.85
C MET E 1 -3.97 80.72 -10.06
N GLU E 2 -3.51 80.36 -11.26
CA GLU E 2 -4.15 80.77 -12.52
C GLU E 2 -5.34 79.89 -12.91
N VAL E 3 -6.53 80.47 -13.10
CA VAL E 3 -7.69 79.70 -13.59
C VAL E 3 -7.87 79.96 -15.08
N ILE E 4 -7.80 78.89 -15.86
CA ILE E 4 -7.92 78.93 -17.31
C ILE E 4 -9.03 78.00 -17.80
N GLU E 5 -9.46 78.26 -19.04
CA GLU E 5 -10.39 77.42 -19.82
C GLU E 5 -11.65 77.01 -19.06
N LEU E 6 -12.35 78.01 -18.53
CA LEU E 6 -13.62 77.78 -17.86
C LEU E 6 -14.76 77.54 -18.85
N ASN E 7 -15.43 76.39 -18.70
CA ASN E 7 -16.59 76.07 -19.57
C ASN E 7 -17.77 75.75 -18.65
N LYS E 8 -18.94 76.29 -18.97
CA LYS E 8 -20.11 76.10 -18.09
C LYS E 8 -21.27 75.49 -18.88
N CYS E 9 -22.02 74.58 -18.27
CA CYS E 9 -23.16 73.90 -18.94
C CYS E 9 -24.32 73.81 -17.96
N THR E 10 -25.34 73.03 -18.30
CA THR E 10 -26.47 72.83 -17.35
C THR E 10 -26.17 71.75 -16.28
N SER E 11 -25.32 70.81 -16.68
CA SER E 11 -24.95 69.74 -15.77
C SER E 11 -23.87 70.14 -14.78
N GLY E 12 -23.12 71.21 -15.06
CA GLY E 12 -22.05 71.63 -14.17
C GLY E 12 -21.04 72.48 -14.93
N GLN E 13 -19.80 72.49 -14.43
CA GLN E 13 -18.76 73.28 -15.08
C GLN E 13 -17.40 72.65 -14.86
N SER E 14 -16.42 73.18 -15.59
CA SER E 14 -15.05 72.69 -15.51
C SER E 14 -14.08 73.81 -15.84
N PHE E 15 -12.85 73.63 -15.37
CA PHE E 15 -11.81 74.63 -15.53
C PHE E 15 -10.50 73.97 -15.16
N GLU E 16 -9.42 74.69 -15.39
CA GLU E 16 -8.08 74.21 -15.06
C GLU E 16 -7.38 75.23 -14.17
N VAL E 17 -6.75 74.76 -13.09
CA VAL E 17 -5.99 75.66 -12.21
C VAL E 17 -4.51 75.28 -12.26
N ILE E 18 -3.70 76.19 -12.76
CA ILE E 18 -2.25 76.00 -12.91
C ILE E 18 -1.52 76.77 -11.83
N LEU E 19 -0.72 76.04 -11.03
CA LEU E 19 0.10 76.56 -9.94
C LEU E 19 1.50 76.94 -10.38
N LYS E 20 2.05 76.28 -11.40
CA LYS E 20 3.43 76.52 -11.83
C LYS E 20 3.69 75.88 -13.19
N PRO E 21 4.28 76.61 -14.14
CA PRO E 21 4.58 76.03 -15.47
C PRO E 21 5.65 74.95 -15.39
N PRO E 22 5.85 74.20 -16.50
CA PRO E 22 6.91 73.18 -16.56
C PRO E 22 8.32 73.76 -16.50
N SER E 23 9.33 72.91 -16.69
CA SER E 23 10.74 73.33 -16.62
C SER E 23 11.63 72.32 -17.34
N ASP E 24 -2.92 46.60 -34.43
CA ASP E 24 -1.50 46.72 -34.77
C ASP E 24 -0.93 45.43 -35.35
N PRO E 25 -1.12 44.30 -34.65
CA PRO E 25 -0.77 43.01 -35.26
C PRO E 25 -1.93 42.37 -35.98
N SER E 26 -1.67 41.89 -37.20
CA SER E 26 -2.73 41.41 -38.07
C SER E 26 -3.53 40.27 -37.44
N LEU E 27 -4.69 40.04 -38.05
CA LEU E 27 -5.53 38.92 -37.67
C LEU E 27 -4.75 37.63 -37.87
N GLU E 28 -3.87 37.61 -38.87
CA GLU E 28 -3.13 36.39 -39.15
C GLU E 28 -2.10 36.07 -38.08
N GLU E 29 -1.43 37.07 -37.49
CA GLU E 29 -0.54 36.73 -36.38
C GLU E 29 -1.29 36.14 -35.20
N ILE E 30 -2.45 36.71 -34.87
CA ILE E 30 -3.25 36.19 -33.77
C ILE E 30 -3.73 34.77 -34.08
N GLN E 31 -4.14 34.55 -35.32
CA GLN E 31 -4.55 33.23 -35.76
C GLN E 31 -3.39 32.24 -35.66
N LYS E 32 -2.20 32.67 -36.06
CA LYS E 32 -1.00 31.83 -36.01
C LYS E 32 -0.66 31.41 -34.58
N LYS E 33 -0.77 32.34 -33.63
CA LYS E 33 -0.45 31.99 -32.25
C LYS E 33 -1.46 31.01 -31.69
N LEU E 34 -2.75 31.26 -31.95
CA LEU E 34 -3.76 30.33 -31.45
C LEU E 34 -3.56 28.95 -32.06
N GLU E 35 -3.24 28.87 -33.35
CA GLU E 35 -3.05 27.56 -33.98
C GLU E 35 -1.78 26.86 -33.48
N ALA E 36 -0.72 27.61 -33.20
CA ALA E 36 0.48 26.99 -32.66
C ALA E 36 0.18 26.34 -31.31
N ALA E 37 -0.55 27.05 -30.45
CA ALA E 37 -0.92 26.46 -29.17
C ALA E 37 -1.79 25.22 -29.36
N GLU E 38 -2.77 25.28 -30.29
CA GLU E 38 -3.60 24.10 -30.52
C GLU E 38 -2.77 22.91 -31.01
N GLU E 39 -1.80 23.15 -31.91
CA GLU E 39 -0.96 22.07 -32.38
C GLU E 39 -0.17 21.45 -31.23
N ARG E 40 0.33 22.27 -30.31
CA ARG E 40 1.06 21.69 -29.18
C ARG E 40 0.14 20.85 -28.29
N ARG E 41 -1.09 21.32 -28.08
CA ARG E 41 -2.02 20.47 -27.33
C ARG E 41 -2.27 19.15 -28.04
N LYS E 42 -2.48 19.18 -29.36
CA LYS E 42 -2.74 17.93 -30.07
C LYS E 42 -1.53 17.00 -29.99
N TYR E 43 -0.32 17.56 -30.07
CA TYR E 43 0.88 16.74 -29.98
C TYR E 43 0.99 16.10 -28.59
N GLN E 44 0.70 16.87 -27.54
CA GLN E 44 0.79 16.31 -26.21
C GLN E 44 -0.24 15.19 -26.01
N GLU E 45 -1.44 15.37 -26.56
CA GLU E 45 -2.45 14.32 -26.47
C GLU E 45 -2.05 13.08 -27.28
N ALA E 46 -1.45 13.28 -28.45
CA ALA E 46 -1.03 12.13 -29.23
C ALA E 46 0.03 11.33 -28.48
N GLU E 47 0.95 12.02 -27.79
CA GLU E 47 1.95 11.27 -27.04
C GLU E 47 1.31 10.50 -25.90
N LEU E 48 0.31 11.09 -25.26
CA LEU E 48 -0.38 10.37 -24.18
C LEU E 48 -1.11 9.12 -24.70
N LEU E 49 -1.93 9.28 -25.75
CA LEU E 49 -2.64 8.12 -26.28
C LEU E 49 -1.71 7.06 -26.84
N LYS E 50 -0.57 7.47 -27.38
CA LYS E 50 0.38 6.49 -27.93
C LYS E 50 1.02 5.68 -26.79
N HIS E 51 1.36 6.35 -25.69
CA HIS E 51 1.94 5.65 -24.54
C HIS E 51 0.91 4.68 -23.95
N LEU E 52 -0.37 5.08 -23.92
CA LEU E 52 -1.41 4.19 -23.41
C LEU E 52 -1.57 2.99 -24.35
N ALA E 53 -1.41 3.19 -25.64
CA ALA E 53 -1.49 2.05 -26.55
C ALA E 53 -0.36 1.06 -26.27
N GLU E 54 0.82 1.55 -25.87
CA GLU E 54 1.89 0.65 -25.47
C GLU E 54 1.46 -0.15 -24.23
N LYS E 55 0.71 0.48 -23.34
CA LYS E 55 0.22 -0.24 -22.13
C LYS E 55 -0.73 -1.36 -22.57
N ARG E 56 -1.62 -1.10 -23.53
CA ARG E 56 -2.53 -2.15 -24.01
C ARG E 56 -1.75 -3.33 -24.62
N GLU E 57 -0.67 -3.05 -25.34
CA GLU E 57 0.07 -4.15 -25.93
C GLU E 57 0.79 -4.98 -24.86
N HIS E 58 1.26 -4.32 -23.80
CA HIS E 58 1.89 -5.07 -22.72
C HIS E 58 0.86 -5.91 -21.97
N GLU E 59 -0.37 -5.40 -21.88
CA GLU E 59 -1.44 -6.15 -21.23
C GLU E 59 -1.74 -7.43 -22.01
N ARG E 60 -1.75 -7.34 -23.35
CA ARG E 60 -1.91 -8.54 -24.17
C ARG E 60 -0.77 -9.52 -23.94
N GLU E 61 0.47 -9.02 -23.91
CA GLU E 61 1.59 -9.94 -23.72
C GLU E 61 1.52 -10.67 -22.42
N VAL E 62 1.16 -9.99 -21.34
CA VAL E 62 1.09 -10.64 -20.04
C VAL E 62 0.05 -11.75 -20.05
N ILE E 63 -1.18 -11.44 -20.46
CA ILE E 63 -2.12 -12.56 -20.38
C ILE E 63 -1.74 -13.71 -21.31
N GLN E 64 -1.18 -13.40 -22.49
CA GLN E 64 -0.78 -14.50 -23.36
CA GLN E 64 -0.78 -14.50 -23.37
C GLN E 64 0.35 -15.30 -22.75
N LYS E 65 1.21 -14.66 -21.98
CA LYS E 65 2.34 -15.38 -21.38
C LYS E 65 1.83 -16.30 -20.28
N ALA E 66 0.81 -15.85 -19.56
CA ALA E 66 0.21 -16.71 -18.54
C ALA E 66 -0.39 -17.96 -19.20
N ILE E 67 -1.11 -17.76 -20.29
CA ILE E 67 -1.66 -18.90 -21.02
C ILE E 67 -0.54 -19.83 -21.46
N GLU E 68 0.52 -19.25 -22.01
CA GLU E 68 1.63 -20.07 -22.47
C GLU E 68 2.23 -20.89 -21.34
N GLU E 69 2.29 -20.33 -20.13
CA GLU E 69 2.87 -21.08 -19.02
C GLU E 69 1.99 -22.22 -18.57
N ASN E 70 0.69 -21.98 -18.46
CA ASN E 70 -0.24 -23.08 -18.15
CA ASN E 70 -0.23 -23.07 -18.14
C ASN E 70 -0.15 -24.19 -19.18
N ASN E 71 -0.11 -23.83 -20.47
CA ASN E 71 -0.01 -24.86 -21.50
C ASN E 71 1.31 -25.62 -21.44
N ASN E 72 2.41 -24.94 -21.17
CA ASN E 72 3.67 -25.67 -21.07
C ASN E 72 3.69 -26.61 -19.88
N PHE E 73 3.05 -26.22 -18.79
CA PHE E 73 3.02 -27.11 -17.64
C PHE E 73 2.22 -28.38 -17.97
N ILE E 74 1.03 -28.21 -18.58
CA ILE E 74 0.25 -29.37 -18.99
C ILE E 74 1.02 -30.24 -19.98
N LYS E 75 1.69 -29.61 -20.97
CA LYS E 75 2.42 -30.38 -21.97
C LYS E 75 3.57 -31.18 -21.34
N MET E 76 4.34 -30.56 -20.45
CA MET E 76 5.44 -31.29 -19.79
C MET E 76 4.91 -32.44 -18.98
N ALA E 77 3.88 -32.21 -18.17
CA ALA E 77 3.34 -33.29 -17.36
C ALA E 77 2.82 -34.44 -18.22
N LYS E 78 2.11 -34.11 -19.29
CA LYS E 78 1.56 -35.15 -20.15
C LYS E 78 2.67 -35.99 -20.77
N GLU E 79 3.75 -35.35 -21.21
CA GLU E 79 4.83 -36.11 -21.85
C GLU E 79 5.67 -36.88 -20.83
N LYS E 80 5.97 -36.28 -19.67
CA LYS E 80 6.74 -36.99 -18.65
C LYS E 80 6.00 -38.24 -18.20
N LEU E 81 4.68 -38.12 -18.08
CA LEU E 81 3.89 -39.26 -17.66
C LEU E 81 3.91 -40.33 -18.73
N ALA E 82 3.72 -39.94 -20.01
CA ALA E 82 3.73 -40.92 -21.09
C ALA E 82 5.06 -41.67 -21.17
N GLN E 83 6.18 -40.96 -21.03
CA GLN E 83 7.49 -41.62 -21.03
C GLN E 83 7.61 -42.62 -19.88
N LYS E 84 7.17 -42.23 -18.69
CA LYS E 84 7.31 -43.12 -17.55
C LYS E 84 6.49 -44.39 -17.75
N MET E 85 5.23 -44.27 -18.18
CA MET E 85 4.42 -45.46 -18.38
CA MET E 85 4.42 -45.46 -18.37
C MET E 85 5.04 -46.37 -19.44
N GLU E 86 5.60 -45.78 -20.50
CA GLU E 86 6.12 -46.61 -21.57
C GLU E 86 7.40 -47.34 -21.14
N SER E 87 8.30 -46.66 -20.42
CA SER E 87 9.51 -47.31 -19.93
C SER E 87 9.18 -48.41 -18.92
N ASN E 88 8.21 -48.16 -18.02
CA ASN E 88 7.83 -49.17 -17.04
CA ASN E 88 7.85 -49.17 -17.04
C ASN E 88 7.27 -50.40 -17.72
N LYS E 89 6.38 -50.20 -18.71
CA LYS E 89 5.85 -51.33 -19.46
C LYS E 89 6.97 -52.17 -20.07
N GLU E 90 7.93 -51.51 -20.74
CA GLU E 90 9.03 -52.25 -21.36
C GLU E 90 9.85 -53.00 -20.33
N ASN E 91 10.21 -52.32 -19.24
CA ASN E 91 11.01 -52.93 -18.18
C ASN E 91 10.32 -54.15 -17.55
N ARG E 92 9.06 -54.00 -17.16
CA ARG E 92 8.40 -55.13 -16.51
C ARG E 92 8.21 -56.30 -17.46
N GLU E 93 7.90 -56.03 -18.73
CA GLU E 93 7.82 -57.14 -19.66
C GLU E 93 9.17 -57.84 -19.80
N ALA E 94 10.24 -57.06 -19.89
CA ALA E 94 11.57 -57.64 -20.05
C ALA E 94 11.94 -58.51 -18.86
N HIS E 95 11.62 -58.06 -17.65
CA HIS E 95 11.92 -58.91 -16.51
CA HIS E 95 11.84 -58.88 -16.45
C HIS E 95 11.10 -60.21 -16.55
N LEU E 96 9.80 -60.13 -16.87
CA LEU E 96 9.04 -61.37 -17.01
C LEU E 96 9.60 -62.27 -18.11
N ALA E 97 10.02 -61.66 -19.21
CA ALA E 97 10.58 -62.41 -20.33
C ALA E 97 11.83 -63.17 -19.90
N ALA E 98 12.72 -62.48 -19.18
CA ALA E 98 13.93 -63.16 -18.73
C ALA E 98 13.63 -64.34 -17.82
N MET E 99 12.64 -64.22 -16.92
CA MET E 99 12.32 -65.39 -16.10
C MET E 99 11.86 -66.54 -16.97
N LEU E 100 10.98 -66.24 -17.91
CA LEU E 100 10.40 -67.31 -18.71
C LEU E 100 11.42 -67.92 -19.65
N GLU E 101 12.50 -67.22 -19.96
CA GLU E 101 13.42 -67.89 -20.84
C GLU E 101 14.51 -68.60 -20.04
N ARG E 102 14.57 -68.35 -18.74
CA ARG E 102 15.37 -69.22 -17.89
C ARG E 102 14.63 -70.52 -17.62
N LEU E 103 13.32 -70.40 -17.42
CA LEU E 103 12.55 -71.61 -17.17
C LEU E 103 12.50 -72.47 -18.42
N GLN E 104 12.46 -71.86 -19.61
CA GLN E 104 12.50 -72.69 -20.81
C GLN E 104 13.84 -73.38 -20.98
N GLU E 105 14.96 -72.74 -20.60
CA GLU E 105 16.22 -73.47 -20.69
C GLU E 105 16.20 -74.68 -19.76
N LYS E 106 15.48 -74.61 -18.65
CA LYS E 106 15.43 -75.76 -17.76
C LYS E 106 14.55 -76.85 -18.38
N ASP E 107 13.57 -76.45 -19.20
CA ASP E 107 12.72 -77.45 -19.84
C ASP E 107 13.47 -78.15 -20.98
N LYS E 108 14.38 -77.44 -21.63
CA LYS E 108 15.21 -78.10 -22.64
C LYS E 108 16.21 -79.05 -22.00
N HIS E 109 16.72 -78.68 -20.81
CA HIS E 109 17.65 -79.59 -20.13
C HIS E 109 16.93 -80.87 -19.71
N ALA E 110 15.67 -80.75 -19.26
CA ALA E 110 14.93 -81.96 -18.88
C ALA E 110 14.66 -82.83 -20.10
N GLU E 111 14.55 -82.19 -21.28
CA GLU E 111 14.40 -82.94 -22.51
C GLU E 111 15.67 -83.75 -22.78
N GLU E 112 16.81 -83.07 -22.64
CA GLU E 112 18.12 -83.69 -22.84
C GLU E 112 18.37 -84.83 -21.86
N VAL E 113 17.88 -84.70 -20.63
CA VAL E 113 18.05 -85.75 -19.62
C VAL E 113 17.24 -86.99 -20.01
N ARG E 114 15.99 -86.78 -20.47
CA ARG E 114 15.15 -87.92 -20.83
C ARG E 114 15.60 -88.58 -22.12
N LYS E 115 16.37 -87.90 -22.96
CA LYS E 115 16.89 -88.57 -24.16
C LYS E 115 18.29 -89.12 -23.95
N ASN E 116 18.99 -88.64 -22.92
CA ASN E 116 20.29 -89.18 -22.51
C ASN E 116 20.13 -90.49 -21.75
N LYS E 117 18.96 -90.73 -21.13
CA LYS E 117 18.69 -92.03 -20.51
C LYS E 117 18.42 -93.13 -21.52
N GLU E 118 17.96 -92.75 -22.71
CA GLU E 118 17.67 -93.63 -23.82
C GLU E 118 18.87 -93.84 -24.74
N LEU E 119 20.06 -93.57 -24.25
CA LEU E 119 21.27 -94.00 -24.93
C LEU E 119 22.06 -94.93 -24.02
N LYS E 120 21.88 -94.81 -22.71
CA LYS E 120 22.51 -95.66 -21.73
C LYS E 120 21.68 -96.91 -21.54
N GLU E 121 20.41 -96.86 -22.00
CA GLU E 121 19.48 -97.99 -21.96
C GLU E 121 19.68 -98.99 -23.11
N GLU E 122 20.57 -98.74 -24.06
CA GLU E 122 20.80 -99.67 -25.15
C GLU E 122 21.96 -100.63 -24.85
N ALA E 123 22.43 -100.67 -23.60
CA ALA E 123 23.51 -101.54 -23.19
C ALA E 123 23.06 -102.99 -23.09
N MET F 1 2.62 35.03 19.85
CA MET F 1 4.05 35.02 19.59
C MET F 1 4.35 35.96 18.45
N TYR F 2 5.28 36.88 18.66
CA TYR F 2 5.59 37.78 17.55
C TYR F 2 6.74 37.23 16.72
N THR F 3 6.84 37.75 15.50
CA THR F 3 7.86 37.32 14.57
C THR F 3 8.60 38.53 14.04
N PHE F 4 9.86 38.32 13.68
CA PHE F 4 10.65 39.39 13.08
C PHE F 4 11.64 38.80 12.09
N VAL F 5 12.20 39.68 11.26
CA VAL F 5 13.23 39.32 10.30
C VAL F 5 14.39 40.28 10.45
N VAL F 6 15.59 39.78 10.18
CA VAL F 6 16.81 40.57 10.19
C VAL F 6 17.33 40.64 8.76
N ARG F 7 17.44 41.84 8.21
CA ARG F 7 17.90 41.98 6.82
C ARG F 7 19.18 42.79 6.73
N ASP F 8 19.83 43.04 7.86
CA ASP F 8 21.11 43.73 7.84
C ASP F 8 22.01 43.15 8.93
N GLU F 9 22.87 42.21 8.57
CA GLU F 9 23.74 41.59 9.58
C GLU F 9 24.77 42.60 10.06
N ASN F 10 25.21 43.48 9.18
CA ASN F 10 26.29 44.38 9.56
C ASN F 10 25.84 45.44 10.57
N SER F 11 24.58 45.40 11.01
CA SER F 11 24.07 46.36 11.99
C SER F 11 24.40 45.86 13.40
N SER F 12 25.31 46.54 14.07
CA SER F 12 25.69 46.20 15.45
C SER F 12 24.57 46.56 16.43
N VAL F 13 23.89 47.66 16.15
CA VAL F 13 22.81 48.15 16.99
C VAL F 13 21.66 47.17 17.00
N TYR F 14 21.19 46.81 15.82
CA TYR F 14 20.03 45.94 15.74
C TYR F 14 20.43 44.48 15.89
N ALA F 15 21.74 44.20 15.92
CA ALA F 15 22.15 42.88 16.33
C ALA F 15 21.93 42.73 17.82
N GLU F 16 22.17 43.80 18.57
CA GLU F 16 21.88 43.72 19.99
C GLU F 16 20.38 43.74 20.23
N VAL F 17 19.64 44.55 19.46
CA VAL F 17 18.18 44.55 19.60
C VAL F 17 17.59 43.17 19.29
N SER F 18 18.07 42.52 18.23
CA SER F 18 17.57 41.19 17.91
C SER F 18 17.87 40.20 19.03
N ARG F 19 19.10 40.22 19.56
CA ARG F 19 19.40 39.30 20.65
C ARG F 19 18.51 39.57 21.86
N LEU F 20 18.22 40.83 22.16
CA LEU F 20 17.34 41.17 23.29
C LEU F 20 15.92 40.64 23.06
N LEU F 21 15.40 40.85 21.86
CA LEU F 21 14.06 40.40 21.53
C LEU F 21 13.98 38.90 21.70
N LEU F 22 14.99 38.21 21.18
CA LEU F 22 15.05 36.76 21.26
C LEU F 22 15.04 36.33 22.72
N ALA F 23 15.77 37.06 23.57
CA ALA F 23 15.89 36.73 24.98
C ALA F 23 14.59 37.00 25.75
N THR F 24 13.59 37.65 25.13
CA THR F 24 12.32 37.84 25.84
C THR F 24 11.50 36.55 25.84
N GLY F 25 11.74 35.68 24.85
CA GLY F 25 11.03 34.43 24.71
C GLY F 25 9.74 34.55 23.95
N GLN F 26 9.28 35.77 23.71
CA GLN F 26 8.03 36.05 23.01
C GLN F 26 8.23 36.48 21.57
N TRP F 27 9.45 36.36 21.04
CA TRP F 27 9.77 36.71 19.66
C TRP F 27 10.52 35.57 18.96
N LYS F 28 10.15 35.28 17.71
CA LYS F 28 10.81 34.28 16.89
C LYS F 28 11.42 34.92 15.65
N ARG F 29 12.67 34.56 15.36
CA ARG F 29 13.35 35.09 14.19
C ARG F 29 13.08 34.15 13.02
N LEU F 30 12.77 34.73 11.88
CA LEU F 30 12.34 33.99 10.70
C LEU F 30 13.41 34.14 9.60
N ARG F 31 13.27 33.38 8.51
CA ARG F 31 14.20 33.60 7.39
C ARG F 31 13.98 35.00 6.83
N LYS F 32 15.05 35.56 6.25
CA LYS F 32 15.03 36.96 5.80
C LYS F 32 13.97 37.22 4.74
N ASP F 33 13.53 36.20 4.01
CA ASP F 33 12.57 36.37 2.93
C ASP F 33 11.19 35.80 3.26
N ASN F 34 10.96 35.42 4.51
CA ASN F 34 9.63 35.05 5.01
C ASN F 34 8.73 36.26 5.21
N PRO F 35 7.66 36.42 4.44
CA PRO F 35 6.84 37.63 4.53
C PRO F 35 5.94 37.67 5.75
N ARG F 36 5.79 36.56 6.48
CA ARG F 36 4.85 36.51 7.59
C ARG F 36 5.53 36.99 8.87
N PHE F 37 5.99 38.24 8.85
CA PHE F 37 6.68 38.80 10.01
C PHE F 37 5.89 39.95 10.64
N ASN F 38 6.12 40.17 11.93
CA ASN F 38 5.60 41.34 12.62
C ASN F 38 6.61 42.47 12.56
N LEU F 39 7.90 42.15 12.64
CA LEU F 39 8.92 43.19 12.69
C LEU F 39 9.98 42.97 11.62
N MET F 40 10.34 44.05 10.93
CA MET F 40 11.42 44.01 9.96
C MET F 40 12.54 44.92 10.43
N LEU F 41 13.72 44.35 10.64
CA LEU F 41 14.98 45.09 10.84
C LEU F 41 15.63 45.10 9.45
N GLY F 42 15.34 46.17 8.68
CA GLY F 42 15.60 46.17 7.25
C GLY F 42 17.02 46.59 6.87
N GLU F 43 17.32 46.41 5.58
CA GLU F 43 18.62 46.76 5.03
C GLU F 43 18.83 48.27 4.98
N ARG F 44 20.10 48.67 4.87
CA ARG F 44 20.42 50.09 4.90
C ARG F 44 20.10 50.79 3.60
N ASN F 45 20.03 50.05 2.49
CA ASN F 45 19.73 50.62 1.20
C ASN F 45 18.74 49.78 0.41
N ARG F 46 17.89 50.48 -0.35
CA ARG F 46 16.88 49.84 -1.18
C ARG F 46 15.97 48.88 -0.40
N LEU F 47 15.54 49.31 0.78
CA LEU F 47 14.58 48.55 1.57
C LEU F 47 13.25 48.53 0.82
N PRO F 48 12.64 47.33 0.57
CA PRO F 48 11.38 47.27 -0.22
C PRO F 48 10.18 47.75 0.56
N PHE F 49 10.07 49.07 0.81
CA PHE F 49 8.94 49.60 1.58
C PHE F 49 7.59 49.32 0.94
N GLY F 50 7.50 49.32 -0.39
CA GLY F 50 6.20 49.11 -1.02
C GLY F 50 5.61 47.75 -0.80
N ARG F 51 6.40 46.81 -0.32
CA ARG F 51 5.97 45.45 -0.10
C ARG F 51 5.53 45.20 1.35
N LEU F 52 5.72 46.17 2.22
CA LEU F 52 5.34 46.05 3.62
C LEU F 52 3.86 46.42 3.77
N GLY F 53 3.23 45.87 4.81
CA GLY F 53 1.86 46.19 5.17
C GLY F 53 0.77 45.65 4.27
N HIS F 54 1.03 44.57 3.53
CA HIS F 54 0.04 43.95 2.64
C HIS F 54 -0.22 42.48 2.98
N GLU F 55 -0.01 42.09 4.22
CA GLU F 55 -0.26 40.73 4.66
C GLU F 55 -1.43 40.72 5.61
N PRO F 56 -2.59 40.22 5.20
CA PRO F 56 -3.75 40.21 6.09
C PRO F 56 -3.47 39.55 7.43
N GLY F 57 -3.98 40.19 8.49
CA GLY F 57 -3.81 39.71 9.83
C GLY F 57 -2.47 39.98 10.46
N LEU F 58 -1.64 40.82 9.87
CA LEU F 58 -0.33 41.08 10.43
C LEU F 58 -0.08 42.56 10.50
N VAL F 59 0.13 43.04 11.72
CA VAL F 59 0.64 44.39 11.90
C VAL F 59 2.14 44.35 11.67
N GLN F 60 2.61 45.21 10.78
CA GLN F 60 4.01 45.21 10.38
C GLN F 60 4.65 46.56 10.73
N LEU F 61 5.91 46.48 11.17
CA LEU F 61 6.67 47.68 11.59
C LEU F 61 8.09 47.53 11.05
N VAL F 62 8.70 48.64 10.60
CA VAL F 62 10.08 48.59 10.06
C VAL F 62 10.97 49.53 10.88
N ASN F 63 12.28 49.27 10.89
CA ASN F 63 13.24 50.06 11.71
C ASN F 63 13.78 51.23 10.89
N TYR F 64 13.09 51.62 9.84
CA TYR F 64 13.53 52.78 9.02
C TYR F 64 12.31 53.57 8.54
N TYR F 65 12.47 54.89 8.42
CA TYR F 65 11.36 55.75 7.91
C TYR F 65 11.57 56.00 6.43
N ARG F 66 10.63 55.56 5.61
CA ARG F 66 10.83 55.77 4.19
C ARG F 66 10.86 57.27 3.93
N GLY F 67 11.88 57.71 3.19
CA GLY F 67 12.03 59.12 2.88
C GLY F 67 12.86 59.90 3.88
N ALA F 68 13.27 59.28 4.99
CA ALA F 68 14.07 59.98 5.98
C ALA F 68 15.48 60.29 5.50
N ASP F 69 15.84 59.79 4.32
CA ASP F 69 17.16 60.02 3.75
C ASP F 69 17.33 61.46 3.29
N LYS F 70 16.26 62.24 3.25
CA LYS F 70 16.38 63.63 2.84
C LYS F 70 17.06 64.46 3.91
N LEU F 71 17.26 63.89 5.10
CA LEU F 71 18.00 64.50 6.19
C LEU F 71 19.39 63.93 6.33
N CYS F 72 19.61 62.74 5.79
CA CYS F 72 20.81 61.96 6.03
C CYS F 72 21.81 62.06 4.88
N ARG F 73 21.35 62.39 3.68
CA ARG F 73 22.28 62.71 2.60
C ARG F 73 22.75 64.15 2.81
N LYS F 74 24.07 64.37 2.68
CA LYS F 74 24.61 65.72 2.89
C LYS F 74 23.97 66.74 1.97
N ALA F 75 23.83 66.39 0.70
CA ALA F 75 23.31 67.33 -0.28
C ALA F 75 21.82 67.51 -0.13
N SER F 76 21.11 66.44 0.22
CA SER F 76 19.70 66.58 0.51
CA SER F 76 19.69 66.57 0.51
C SER F 76 19.47 67.41 1.76
N LEU F 77 20.36 67.29 2.75
CA LEU F 77 20.22 68.10 3.95
C LEU F 77 20.37 69.57 3.61
N VAL F 78 21.34 69.90 2.76
CA VAL F 78 21.52 71.29 2.33
C VAL F 78 20.29 71.75 1.56
N LYS F 79 19.82 70.92 0.63
CA LYS F 79 18.64 71.22 -0.18
C LYS F 79 17.45 71.51 0.72
N LEU F 80 17.25 70.68 1.75
CA LEU F 80 16.09 70.85 2.61
C LEU F 80 16.20 72.11 3.46
N ILE F 81 17.38 72.37 4.04
CA ILE F 81 17.52 73.58 4.82
C ILE F 81 17.29 74.81 3.95
N LYS F 82 17.88 74.83 2.75
CA LYS F 82 17.76 76.02 1.92
C LYS F 82 16.35 76.20 1.38
N THR F 83 15.67 75.12 0.99
CA THR F 83 14.40 75.36 0.33
C THR F 83 13.24 75.12 1.25
N SER F 84 13.49 75.11 2.55
CA SER F 84 12.42 74.90 3.48
C SER F 84 12.11 76.24 4.11
N PRO F 85 10.86 76.66 4.21
CA PRO F 85 10.61 77.89 4.93
C PRO F 85 10.60 77.79 6.45
N GLU F 86 10.42 76.59 7.00
CA GLU F 86 10.50 76.43 8.46
C GLU F 86 11.96 76.65 8.86
N LEU F 87 12.88 75.96 8.19
CA LEU F 87 14.33 76.13 8.46
C LEU F 87 14.85 77.18 7.48
N SER F 88 14.85 78.44 7.87
CA SER F 88 15.22 79.52 6.93
C SER F 88 16.62 79.31 6.35
N GLU F 89 16.86 79.83 5.15
CA GLU F 89 18.23 79.77 4.58
C GLU F 89 19.11 80.61 5.51
N SER F 90 18.47 81.32 6.45
CA SER F 90 19.24 82.11 7.45
C SER F 90 19.40 81.25 8.72
N CYS F 91 18.88 80.02 8.71
CA CYS F 91 19.06 79.12 9.88
C CYS F 91 20.43 79.42 10.48
N THR F 92 20.46 79.83 11.74
CA THR F 92 21.73 80.28 12.37
C THR F 92 22.54 79.11 12.91
N TRP F 93 22.01 77.89 12.84
CA TRP F 93 22.71 76.79 13.46
C TRP F 93 23.19 75.80 12.40
N PHE F 94 23.22 76.20 11.13
CA PHE F 94 23.71 75.29 10.11
C PHE F 94 24.79 76.03 9.31
N PRO F 95 26.01 75.50 9.24
CA PRO F 95 27.09 76.17 8.51
C PRO F 95 26.73 76.49 7.07
N GLU F 96 27.20 77.64 6.60
CA GLU F 96 26.90 78.04 5.23
C GLU F 96 27.40 76.94 4.31
N SER F 97 26.52 76.45 3.45
CA SER F 97 26.86 75.29 2.63
C SER F 97 26.36 75.48 1.22
N TYR F 98 27.11 74.92 0.27
CA TYR F 98 26.73 74.99 -1.13
C TYR F 98 26.88 73.63 -1.79
N VAL F 99 25.91 73.23 -2.62
CA VAL F 99 25.96 71.96 -3.34
C VAL F 99 26.74 72.14 -4.64
N ILE F 100 27.77 71.32 -4.81
CA ILE F 100 28.69 71.34 -5.95
C ILE F 100 28.70 70.02 -6.69
N TYR F 101 28.06 70.00 -7.84
CA TYR F 101 28.12 68.91 -8.77
C TYR F 101 29.44 68.99 -9.52
N PRO F 102 30.09 67.86 -9.78
CA PRO F 102 31.33 67.89 -10.55
C PRO F 102 31.04 68.27 -12.00
N THR F 103 32.06 68.79 -12.68
CA THR F 103 31.85 69.23 -14.05
C THR F 103 32.02 68.10 -15.06
N ASN F 104 32.57 66.98 -14.63
CA ASN F 104 32.67 65.80 -15.48
C ASN F 104 31.49 64.87 -15.16
N LEU F 105 30.30 65.43 -15.37
CA LEU F 105 29.03 64.71 -15.23
C LEU F 105 27.90 65.43 -15.96
N THR F 106 20.36 73.64 -10.24
CA THR F 106 21.11 72.41 -10.43
C THR F 106 22.34 72.39 -9.53
N ASP F 107 23.22 73.40 -9.72
CA ASP F 107 24.51 73.46 -9.05
C ASP F 107 24.71 74.88 -8.52
N GLU F 108 25.53 75.00 -7.47
CA GLU F 108 25.81 76.28 -6.86
C GLU F 108 27.29 76.68 -7.04
N ARG F 109 27.75 76.82 -8.30
CA ARG F 109 29.13 77.24 -8.50
C ARG F 109 29.27 78.75 -8.35
N GLU F 110 28.42 79.52 -9.05
CA GLU F 110 28.43 80.96 -8.93
C GLU F 110 27.56 81.41 -7.77
N VAL F 111 27.50 80.62 -6.72
CA VAL F 111 26.85 81.04 -5.48
C VAL F 111 27.88 80.86 -4.39
N PHE F 112 28.81 79.92 -4.61
CA PHE F 112 29.91 79.71 -3.69
C PHE F 112 31.05 80.66 -4.03
N LEU F 113 31.12 81.07 -5.29
CA LEU F 113 32.12 82.00 -5.77
C LEU F 113 31.61 83.44 -5.74
N ALA F 114 30.29 83.63 -5.78
CA ALA F 114 29.78 84.99 -5.72
C ALA F 114 29.85 85.49 -4.29
N ALA F 115 29.61 84.60 -3.32
CA ALA F 115 29.73 85.01 -1.93
C ALA F 115 31.14 84.77 -1.40
N TYR F 116 32.02 84.16 -2.21
CA TYR F 116 33.40 83.95 -1.79
C TYR F 116 34.21 85.24 -1.85
N ASN F 117 33.90 86.13 -2.80
CA ASN F 117 34.56 87.43 -2.83
C ASN F 117 34.10 88.27 -1.66
N ARG F 118 32.91 87.97 -1.14
CA ARG F 118 32.31 88.74 -0.06
C ARG F 118 33.17 88.65 1.19
N ARG F 119 33.92 87.55 1.34
CA ARG F 119 34.78 87.36 2.50
C ARG F 119 36.23 87.28 2.08
N ARG F 120 36.50 87.23 0.77
CA ARG F 120 37.86 87.28 0.24
C ARG F 120 38.48 88.60 0.63
N GLU F 121 37.87 89.68 0.17
CA GLU F 121 38.26 91.02 0.52
C GLU F 121 37.59 91.46 1.81
N GLY F 122 36.60 90.71 2.28
CA GLY F 122 35.93 91.04 3.53
C GLY F 122 36.77 90.82 4.78
N ARG F 123 37.96 90.18 4.69
CA ARG F 123 38.82 90.02 5.87
C ARG F 123 38.13 89.33 7.04
N GLU F 124 37.29 88.32 6.76
CA GLU F 124 36.68 87.52 7.81
C GLU F 124 37.22 86.10 7.91
N GLY F 125 37.84 85.59 6.84
CA GLY F 125 38.41 84.27 6.76
C GLY F 125 37.61 83.34 5.88
N ASN F 126 38.23 82.93 4.78
CA ASN F 126 37.61 82.03 3.82
C ASN F 126 38.08 80.59 3.96
N VAL F 127 37.93 79.97 5.12
CA VAL F 127 38.35 78.58 5.25
C VAL F 127 37.10 77.75 5.00
N TRP F 128 37.18 76.82 4.06
CA TRP F 128 36.05 75.97 3.73
C TRP F 128 36.47 74.51 3.77
N ILE F 129 35.48 73.63 3.84
CA ILE F 129 35.75 72.21 3.83
C ILE F 129 34.94 71.69 2.65
N ALA F 130 35.22 70.45 2.26
CA ALA F 130 34.56 69.83 1.12
C ALA F 130 34.24 68.39 1.46
N LYS F 131 32.96 68.07 1.68
CA LYS F 131 32.67 66.69 2.05
C LYS F 131 31.91 66.04 0.90
N SER F 132 32.10 64.73 0.79
CA SER F 132 31.50 63.89 -0.25
C SER F 132 30.27 63.16 0.23
N SER F 133 29.47 62.75 -0.76
CA SER F 133 28.31 61.91 -0.50
C SER F 133 28.73 60.56 0.05
N ALA F 134 29.91 60.08 -0.37
CA ALA F 134 30.35 58.73 0.07
C ALA F 134 31.88 58.67 0.16
N GLY F 135 32.39 58.06 1.24
CA GLY F 135 33.85 57.95 1.43
C GLY F 135 34.22 56.71 2.22
N ALA F 136 35.39 56.72 2.87
CA ALA F 136 35.83 55.57 3.71
C ALA F 136 35.61 55.89 5.19
N LYS F 137 34.38 55.72 5.69
CA LYS F 137 34.08 56.11 7.09
C LYS F 137 34.84 57.41 7.38
N GLY F 138 34.96 58.28 6.38
CA GLY F 138 35.74 59.52 6.54
C GLY F 138 36.84 59.60 5.50
N GLU F 139 36.49 59.90 4.24
CA GLU F 139 37.50 60.02 3.17
C GLU F 139 36.93 60.89 2.04
N GLY F 140 37.62 61.98 1.69
CA GLY F 140 37.16 62.77 0.59
C GLY F 140 37.06 64.20 1.09
N ILE F 141 37.90 64.60 2.05
CA ILE F 141 37.80 65.93 2.64
C ILE F 141 39.09 66.70 2.48
N LEU F 142 38.95 67.95 2.02
CA LEU F 142 40.04 68.89 1.80
C LEU F 142 39.66 70.20 2.48
N ILE F 143 40.43 70.63 3.45
CA ILE F 143 40.15 71.87 4.13
C ILE F 143 41.13 72.87 3.55
N SER F 144 40.62 73.94 2.95
CA SER F 144 41.52 74.94 2.38
C SER F 144 40.89 76.31 2.29
N SER F 145 41.75 77.32 2.12
CA SER F 145 41.32 78.70 1.95
C SER F 145 41.26 79.10 0.48
N GLU F 146 42.01 78.43 -0.40
CA GLU F 146 41.98 78.68 -1.83
C GLU F 146 40.63 78.29 -2.43
N ALA F 147 39.85 79.28 -2.90
CA ALA F 147 38.53 78.96 -3.44
C ALA F 147 38.64 78.06 -4.65
N SER F 148 39.71 78.19 -5.44
CA SER F 148 39.90 77.41 -6.66
C SER F 148 40.62 76.10 -6.43
N GLU F 149 41.02 75.82 -5.20
CA GLU F 149 41.66 74.51 -4.92
C GLU F 149 40.54 73.52 -4.59
N LEU F 150 39.43 74.05 -4.07
CA LEU F 150 38.32 73.22 -3.66
C LEU F 150 37.28 73.09 -4.76
N LEU F 151 37.16 74.12 -5.61
CA LEU F 151 36.24 74.08 -6.74
C LEU F 151 36.82 73.23 -7.85
N ASP F 152 37.94 72.57 -7.55
CA ASP F 152 38.62 71.70 -8.48
C ASP F 152 38.95 70.35 -7.88
N PHE F 153 38.86 70.20 -6.55
CA PHE F 153 39.08 68.89 -5.95
C PHE F 153 37.81 68.07 -6.17
N ILE F 154 36.66 68.75 -6.29
CA ILE F 154 35.40 68.04 -6.50
C ILE F 154 35.29 67.61 -7.96
N ASP F 155 35.94 68.34 -8.87
CA ASP F 155 35.98 67.89 -10.25
C ASP F 155 37.10 66.88 -10.43
N GLU F 156 37.56 66.36 -9.29
CA GLU F 156 38.60 65.35 -9.18
C GLU F 156 38.05 64.01 -8.74
N GLN F 157 36.82 64.00 -8.20
CA GLN F 157 36.11 62.80 -7.77
C GLN F 157 34.93 62.59 -8.69
N GLY F 158 34.35 61.40 -8.59
CA GLY F 158 33.25 61.02 -9.46
C GLY F 158 31.94 61.08 -8.71
N GLN F 159 31.71 62.14 -7.95
CA GLN F 159 30.44 62.26 -7.24
C GLN F 159 30.20 63.72 -6.86
N VAL F 160 29.02 63.95 -6.24
CA VAL F 160 28.57 65.26 -5.79
C VAL F 160 29.13 65.57 -4.41
N HIS F 161 29.62 66.81 -4.23
CA HIS F 161 30.19 67.28 -2.98
C HIS F 161 29.42 68.47 -2.44
N VAL F 162 29.56 68.69 -1.14
CA VAL F 162 28.98 69.85 -0.48
C VAL F 162 30.12 70.67 0.09
N ILE F 163 30.21 71.95 -0.27
CA ILE F 163 31.25 72.80 0.30
C ILE F 163 30.69 73.52 1.52
N GLN F 164 31.17 73.15 2.71
CA GLN F 164 30.64 73.66 3.98
C GLN F 164 31.63 74.59 4.67
N LYS F 165 31.14 75.69 5.23
CA LYS F 165 31.98 76.65 5.96
C LYS F 165 32.62 76.02 7.20
N TYR F 166 33.95 76.04 7.26
CA TYR F 166 34.65 75.43 8.38
C TYR F 166 34.58 76.36 9.58
N LEU F 167 34.30 75.78 10.76
CA LEU F 167 34.26 76.57 11.99
C LEU F 167 35.69 76.78 12.44
N GLU F 168 36.25 77.94 12.08
CA GLU F 168 37.65 78.20 12.42
C GLU F 168 37.90 78.38 13.91
N LYS F 169 36.88 78.68 14.70
CA LYS F 169 37.05 78.87 16.14
C LYS F 169 36.23 77.90 16.98
N PRO F 170 36.62 76.63 17.02
CA PRO F 170 35.89 75.63 17.84
C PRO F 170 36.27 75.67 19.31
N LEU F 171 35.34 75.20 20.15
CA LEU F 171 35.65 75.12 21.57
C LEU F 171 36.72 74.06 21.85
N LEU F 172 37.75 74.45 22.59
CA LEU F 172 38.89 73.62 22.92
C LEU F 172 38.73 73.04 24.32
N LEU F 173 39.14 71.80 24.50
CA LEU F 173 39.07 71.15 25.80
C LEU F 173 40.49 71.13 26.36
N GLU F 174 40.63 71.48 27.63
CA GLU F 174 41.93 71.56 28.29
C GLU F 174 41.91 70.71 29.54
N PRO F 175 43.06 70.16 29.92
CA PRO F 175 44.32 70.30 29.20
C PRO F 175 44.46 69.42 27.97
N GLY F 176 44.80 70.03 26.84
CA GLY F 176 45.01 69.33 25.60
C GLY F 176 44.90 70.22 24.39
N HIS F 177 44.12 71.29 24.49
CA HIS F 177 43.92 72.21 23.38
C HIS F 177 43.36 71.42 22.19
N ARG F 178 42.20 70.79 22.40
CA ARG F 178 41.67 69.84 21.44
C ARG F 178 40.29 70.23 20.91
N LYS F 179 39.88 69.49 19.88
CA LYS F 179 38.64 69.72 19.16
C LYS F 179 37.79 68.46 19.15
N PHE F 180 36.51 68.61 19.55
CA PHE F 180 35.61 67.47 19.68
C PHE F 180 34.31 67.75 18.95
N ASP F 181 33.61 66.67 18.56
CA ASP F 181 32.25 66.74 18.03
C ASP F 181 31.33 65.97 18.98
N ILE F 182 30.06 66.38 19.06
CA ILE F 182 29.10 65.73 19.96
C ILE F 182 28.15 64.86 19.15
N ARG F 183 27.93 63.63 19.61
CA ARG F 183 27.00 62.69 18.99
C ARG F 183 25.82 62.48 19.93
N SER F 184 24.62 62.81 19.43
CA SER F 184 23.37 62.54 20.12
C SER F 184 22.51 61.54 19.35
N TRP F 185 21.90 60.60 20.09
CA TRP F 185 21.02 59.59 19.50
C TRP F 185 19.57 59.98 19.74
N VAL F 186 18.76 59.89 18.67
CA VAL F 186 17.35 60.27 18.66
C VAL F 186 16.53 59.09 18.17
N LEU F 187 15.44 58.78 18.86
CA LEU F 187 14.53 57.71 18.49
C LEU F 187 13.17 58.28 18.11
N VAL F 188 12.72 58.04 16.88
CA VAL F 188 11.39 58.46 16.45
C VAL F 188 10.53 57.22 16.32
N ASP F 189 9.43 57.15 17.09
CA ASP F 189 8.59 55.96 17.09
C ASP F 189 7.50 56.13 16.01
N HIS F 190 6.55 55.19 15.93
CA HIS F 190 5.50 55.23 14.92
C HIS F 190 4.56 56.41 15.14
N LEU F 191 4.39 56.84 16.38
CA LEU F 191 3.53 58.00 16.70
C LEU F 191 4.24 59.30 16.47
N TYR F 192 5.45 59.24 15.92
CA TYR F 192 6.30 60.40 15.69
C TYR F 192 6.62 61.13 16.98
N ASN F 193 6.80 60.38 18.06
CA ASN F 193 7.36 60.96 19.27
C ASN F 193 8.87 61.03 19.10
N ILE F 194 9.48 62.18 19.43
CA ILE F 194 10.94 62.36 19.34
C ILE F 194 11.55 62.08 20.71
N TYR F 195 12.37 61.04 20.82
CA TYR F 195 12.97 60.63 22.10
C TYR F 195 14.47 60.81 22.05
N LEU F 196 14.99 61.82 22.74
CA LEU F 196 16.42 62.03 22.80
C LEU F 196 17.02 61.18 23.93
N TYR F 197 18.00 60.35 23.57
CA TYR F 197 18.76 59.56 24.54
C TYR F 197 19.52 60.46 25.52
N ARG F 198 19.36 60.18 26.82
CA ARG F 198 19.96 60.99 27.88
C ARG F 198 21.48 61.00 27.79
N GLU F 199 22.07 59.99 27.19
CA GLU F 199 23.52 59.82 27.11
C GLU F 199 24.06 60.15 25.73
N GLY F 200 24.79 61.26 25.64
CA GLY F 200 25.50 61.63 24.44
C GLY F 200 26.97 61.29 24.60
N VAL F 201 27.73 61.50 23.51
CA VAL F 201 29.17 61.19 23.53
CA VAL F 201 29.17 61.19 23.51
C VAL F 201 29.95 62.31 22.83
N LEU F 202 31.21 62.45 23.21
CA LEU F 202 32.09 63.43 22.59
C LEU F 202 33.25 62.70 21.94
N ARG F 203 33.36 62.83 20.62
CA ARG F 203 34.50 62.31 19.87
C ARG F 203 35.56 63.40 19.94
N THR F 204 36.56 63.20 20.80
CA THR F 204 37.56 64.24 21.04
C THR F 204 38.75 64.01 20.12
N SER F 205 39.47 65.09 19.84
CA SER F 205 40.70 65.01 19.05
C SER F 205 41.89 64.69 19.95
N SER F 206 42.64 63.67 19.59
CA SER F 206 43.76 63.22 20.39
C SER F 206 45.04 63.99 20.08
N GLU F 207 44.94 65.10 19.35
CA GLU F 207 46.12 65.91 19.07
C GLU F 207 45.70 67.37 19.14
N PRO F 208 46.59 68.24 19.61
CA PRO F 208 46.27 69.67 19.70
C PRO F 208 45.78 70.26 18.39
N TYR F 209 44.73 71.08 18.49
CA TYR F 209 44.17 71.74 17.31
C TYR F 209 45.19 72.72 16.76
N ASN F 210 45.37 72.69 15.44
CA ASN F 210 46.40 73.57 14.81
C ASN F 210 45.70 74.63 13.96
N SER F 211 45.56 75.83 14.51
CA SER F 211 44.88 76.93 13.79
C SER F 211 45.29 76.94 12.31
N ALA F 212 46.57 76.67 12.00
CA ALA F 212 47.01 76.81 10.59
C ALA F 212 47.33 75.44 9.98
N ASN F 213 48.34 74.75 10.51
CA ASN F 213 48.73 73.45 9.89
C ASN F 213 47.46 72.61 9.75
N PHE F 214 47.04 72.34 8.52
CA PHE F 214 45.76 71.60 8.33
C PHE F 214 46.03 70.22 7.74
N GLN F 215 46.93 70.11 6.76
CA GLN F 215 47.11 68.80 6.14
C GLN F 215 47.24 67.71 7.18
N ASP F 216 47.61 68.03 8.41
CA ASP F 216 47.58 67.02 9.44
C ASP F 216 46.18 67.16 10.00
N LYS F 217 45.27 66.37 9.42
CA LYS F 217 43.87 66.48 9.77
C LYS F 217 43.49 65.51 10.87
N THR F 218 44.44 65.21 11.77
CA THR F 218 44.21 64.26 12.84
C THR F 218 43.59 64.97 14.03
N CYS F 219 43.85 66.28 14.08
CA CYS F 219 43.29 67.15 15.14
C CYS F 219 42.05 67.78 14.51
N HIS F 220 42.06 67.91 13.19
CA HIS F 220 40.84 68.36 12.48
C HIS F 220 40.03 67.09 12.22
N LEU F 221 38.85 67.21 11.64
CA LEU F 221 38.08 66.00 11.28
C LEU F 221 38.15 64.97 12.41
N THR F 222 37.50 65.25 13.56
CA THR F 222 37.44 64.24 14.64
C THR F 222 36.64 63.04 14.12
N ASN F 223 36.84 61.85 14.69
CA ASN F 223 36.15 60.63 14.22
C ASN F 223 36.68 59.44 15.03
N HIS F 224 35.81 58.54 15.49
CA HIS F 224 36.38 57.46 16.29
C HIS F 224 37.35 56.67 15.41
N CYS F 225 37.04 56.54 14.12
CA CYS F 225 38.01 55.89 13.22
C CYS F 225 39.10 56.91 12.90
N ILE F 226 40.12 56.51 12.14
CA ILE F 226 41.17 57.49 11.71
C ILE F 226 41.96 57.98 12.93
N GLN F 227 41.28 58.69 13.83
CA GLN F 227 41.97 59.24 15.03
C GLN F 227 42.77 58.10 15.67
N LYS F 228 42.22 56.88 15.68
CA LYS F 228 43.00 55.74 16.20
C LYS F 228 43.93 55.24 15.10
N GLU F 229 43.46 55.24 13.85
CA GLU F 229 44.29 54.79 12.70
C GLU F 229 45.54 55.67 12.63
N TYR F 230 45.47 56.82 11.97
CA TYR F 230 46.64 57.73 11.96
C TYR F 230 46.71 58.47 13.30
N SER F 231 46.78 57.72 14.40
CA SER F 231 46.88 58.34 15.74
C SER F 231 48.21 59.08 15.88
N LYS F 232 48.39 59.84 16.96
CA LYS F 232 49.62 60.66 17.10
C LYS F 232 49.97 60.86 18.57
N ASN F 233 50.88 61.79 18.87
CA ASN F 233 51.35 61.98 20.27
C ASN F 233 50.40 62.90 21.05
N TYR F 234 50.13 62.55 22.31
CA TYR F 234 49.27 63.41 23.16
C TYR F 234 49.60 63.13 24.64
N GLY F 235 48.61 63.34 25.52
CA GLY F 235 48.84 63.12 26.96
C GLY F 235 47.74 62.30 27.61
N ARG F 236 47.58 62.43 28.92
CA ARG F 236 46.56 61.64 29.67
C ARG F 236 45.16 62.13 29.30
N TYR F 237 44.55 61.54 28.27
CA TYR F 237 43.22 62.01 27.81
C TYR F 237 42.12 61.08 28.30
N GLU F 238 41.32 60.52 27.39
CA GLU F 238 40.20 59.65 27.73
C GLU F 238 40.26 58.42 26.84
N GLU F 239 39.65 57.32 27.30
CA GLU F 239 39.72 56.09 26.54
C GLU F 239 38.91 56.21 25.26
N GLY F 240 39.56 55.87 24.15
CA GLY F 240 38.99 55.85 22.82
C GLY F 240 38.50 57.23 22.44
N ASN F 241 39.15 58.27 22.96
CA ASN F 241 38.82 59.67 22.69
C ASN F 241 37.32 59.92 22.86
N GLU F 242 36.71 59.23 23.82
CA GLU F 242 35.28 59.33 24.08
C GLU F 242 35.05 59.92 25.46
N MET F 243 34.59 61.16 25.51
CA MET F 243 34.20 61.79 26.76
C MET F 243 32.68 61.81 26.90
N PHE F 244 32.19 61.42 28.07
CA PHE F 244 30.76 61.27 28.29
C PHE F 244 30.20 62.49 29.04
N PHE F 245 28.88 62.60 29.00
CA PHE F 245 28.19 63.81 29.43
C PHE F 245 28.45 64.20 30.88
N GLU F 246 28.52 63.24 31.80
CA GLU F 246 28.78 63.60 33.19
C GLU F 246 30.12 64.33 33.34
N GLU F 247 31.16 63.89 32.61
CA GLU F 247 32.43 64.56 32.77
C GLU F 247 32.44 65.89 32.07
N PHE F 248 31.86 65.95 30.87
CA PHE F 248 31.84 67.21 30.16
C PHE F 248 31.01 68.24 30.90
N ASN F 249 30.00 67.80 31.64
CA ASN F 249 29.22 68.72 32.46
C ASN F 249 30.09 69.25 33.59
N GLN F 250 30.95 68.39 34.14
CA GLN F 250 31.81 68.82 35.23
C GLN F 250 32.86 69.81 34.72
N TYR F 251 33.44 69.51 33.57
CA TYR F 251 34.43 70.40 32.98
C TYR F 251 33.81 71.76 32.66
N LEU F 252 32.54 71.77 32.24
CA LEU F 252 31.87 73.04 31.98
CA LEU F 252 31.88 73.04 31.98
C LEU F 252 31.64 73.80 33.28
N MET F 253 31.26 73.10 34.36
CA MET F 253 31.04 73.85 35.60
C MET F 253 32.35 74.42 36.17
N ASP F 254 33.47 73.77 35.92
CA ASP F 254 34.77 74.18 36.43
C ASP F 254 35.44 75.23 35.55
N ALA F 255 35.46 75.03 34.24
CA ALA F 255 36.27 75.92 33.43
C ALA F 255 35.48 77.01 32.71
N LEU F 256 34.17 76.88 32.58
CA LEU F 256 33.35 77.92 31.97
CA LEU F 256 33.38 77.96 31.99
C LEU F 256 32.26 78.45 32.90
N ASN F 257 32.09 77.86 34.08
CA ASN F 257 31.08 78.32 35.02
C ASN F 257 29.66 78.20 34.48
N THR F 258 29.43 77.37 33.47
CA THR F 258 28.09 77.09 32.98
CA THR F 258 28.10 77.08 32.96
C THR F 258 27.81 75.58 33.11
N THR F 259 26.65 75.17 32.65
CA THR F 259 26.32 73.77 32.79
C THR F 259 26.09 73.15 31.41
N LEU F 260 25.85 71.83 31.38
CA LEU F 260 25.61 71.17 30.10
C LEU F 260 24.20 71.41 29.58
N GLU F 261 23.21 71.50 30.47
CA GLU F 261 21.85 71.66 29.98
C GLU F 261 21.60 73.04 29.39
N ASN F 262 22.25 74.08 29.91
CA ASN F 262 21.92 75.46 29.55
C ASN F 262 22.67 75.90 28.30
N SER F 263 23.99 75.69 28.33
CA SER F 263 24.88 76.18 27.28
C SER F 263 24.79 75.37 26.00
N ILE F 264 24.57 74.05 26.09
CA ILE F 264 24.61 73.17 24.92
C ILE F 264 23.27 72.47 24.65
N LEU F 265 22.69 71.82 25.68
CA LEU F 265 21.61 70.85 25.45
CA LEU F 265 21.62 70.84 25.43
C LEU F 265 20.32 71.50 24.97
N LEU F 266 20.05 72.74 25.37
CA LEU F 266 18.87 73.44 24.86
C LEU F 266 18.96 73.61 23.36
N GLN F 267 20.10 74.10 22.87
CA GLN F 267 20.26 74.30 21.44
C GLN F 267 20.24 72.98 20.67
N ILE F 268 20.66 71.90 21.31
CA ILE F 268 20.65 70.64 20.59
C ILE F 268 19.21 70.14 20.49
N LYS F 269 18.45 70.23 21.60
CA LYS F 269 17.05 69.82 21.52
C LYS F 269 16.26 70.67 20.52
N HIS F 270 16.58 71.96 20.40
CA HIS F 270 15.88 72.80 19.44
C HIS F 270 16.22 72.40 18.00
N ILE F 271 17.47 72.04 17.76
CA ILE F 271 17.91 71.66 16.43
C ILE F 271 17.23 70.34 16.02
N ILE F 272 17.27 69.34 16.91
CA ILE F 272 16.63 68.05 16.62
C ILE F 272 15.14 68.23 16.35
N ARG F 273 14.44 69.01 17.19
CA ARG F 273 13.02 69.26 16.94
C ARG F 273 12.78 69.88 15.58
N SER F 274 13.58 70.89 15.23
CA SER F 274 13.34 71.62 13.99
C SER F 274 13.51 70.70 12.80
N CYS F 275 14.55 69.86 12.80
CA CYS F 275 14.74 68.98 11.66
C CYS F 275 13.62 67.94 11.55
N LEU F 276 13.29 67.28 12.67
CA LEU F 276 12.33 66.19 12.57
C LEU F 276 10.90 66.70 12.39
N MET F 277 10.57 67.87 12.94
CA MET F 277 9.24 68.40 12.72
C MET F 277 9.13 68.99 11.33
N CYS F 278 10.24 69.40 10.72
CA CYS F 278 10.11 69.90 9.36
C CYS F 278 9.67 68.81 8.40
N ILE F 279 10.23 67.60 8.52
N ILE F 279 10.20 67.59 8.57
CA ILE F 279 9.84 66.54 7.59
CA ILE F 279 9.92 66.48 7.67
C ILE F 279 8.69 65.65 8.06
C ILE F 279 8.72 65.64 8.09
N GLU F 280 8.21 65.80 9.31
CA GLU F 280 7.03 65.05 9.75
C GLU F 280 5.97 64.81 8.69
N PRO F 281 5.41 65.82 8.00
CA PRO F 281 4.30 65.53 7.10
C PRO F 281 4.70 64.66 5.92
N ALA F 282 5.98 64.61 5.57
CA ALA F 282 6.43 63.85 4.42
C ALA F 282 6.71 62.38 4.71
N ILE F 283 7.15 62.03 5.92
CA ILE F 283 7.58 60.67 6.23
C ILE F 283 6.72 60.00 7.30
N SER F 284 5.82 60.72 7.93
CA SER F 284 4.99 60.13 8.98
C SER F 284 4.19 58.93 8.48
N THR F 285 4.10 57.90 9.31
CA THR F 285 3.27 56.75 8.98
C THR F 285 2.01 56.77 9.84
N LYS F 286 1.55 57.98 10.16
CA LYS F 286 0.36 58.18 10.96
C LYS F 286 -0.77 57.27 10.49
N HIS F 287 -1.21 57.42 9.25
CA HIS F 287 -2.29 56.57 8.77
C HIS F 287 -1.88 55.66 7.62
N LEU F 288 -0.62 55.21 7.63
CA LEU F 288 -0.17 54.27 6.60
C LEU F 288 -0.58 52.85 6.97
N HIS F 289 -0.44 51.94 6.01
CA HIS F 289 -0.80 50.55 6.19
C HIS F 289 0.31 49.77 6.90
N TYR F 290 1.48 50.37 7.06
CA TYR F 290 2.55 49.81 7.88
C TYR F 290 3.11 50.97 8.71
N GLN F 291 3.89 50.65 9.74
CA GLN F 291 4.46 51.66 10.61
C GLN F 291 5.98 51.68 10.53
N SER F 292 6.55 52.81 10.90
CA SER F 292 7.99 53.03 10.90
C SER F 292 8.45 53.67 12.19
N PHE F 293 9.65 53.27 12.61
CA PHE F 293 10.42 54.01 13.61
C PHE F 293 11.85 54.06 13.12
N GLN F 294 12.66 54.94 13.70
CA GLN F 294 14.05 54.99 13.28
C GLN F 294 14.94 55.66 14.35
N LEU F 295 16.14 55.12 14.47
CA LEU F 295 17.18 55.66 15.33
C LEU F 295 18.05 56.55 14.45
N PHE F 296 18.22 57.80 14.87
CA PHE F 296 19.00 58.80 14.18
C PHE F 296 20.22 59.16 15.01
N GLY F 297 21.28 59.61 14.32
CA GLY F 297 22.51 60.07 14.92
C GLY F 297 22.89 61.48 14.49
N PHE F 298 22.55 62.46 15.33
CA PHE F 298 22.86 63.86 15.06
C PHE F 298 24.27 64.23 15.52
N ASP F 299 25.07 64.80 14.61
CA ASP F 299 26.44 65.25 14.92
C ASP F 299 26.50 66.77 15.07
N PHE F 300 27.00 67.24 16.22
CA PHE F 300 27.08 68.65 16.58
C PHE F 300 28.52 69.15 16.71
N MET F 301 28.68 70.47 16.61
CA MET F 301 29.94 71.17 16.81
C MET F 301 29.69 72.41 17.65
N VAL F 302 30.28 72.51 18.83
CA VAL F 302 30.10 73.71 19.65
C VAL F 302 31.30 74.60 19.39
N ASP F 303 31.15 75.91 19.65
CA ASP F 303 32.31 76.76 19.41
C ASP F 303 32.70 77.58 20.62
N GLU F 304 33.57 78.58 20.41
CA GLU F 304 34.10 79.35 21.52
C GLU F 304 33.01 80.10 22.24
N GLU F 305 31.98 80.54 21.52
CA GLU F 305 30.88 81.27 22.12
C GLU F 305 29.75 80.36 22.57
N LEU F 306 30.03 79.09 22.77
CA LEU F 306 29.03 78.13 23.21
C LEU F 306 27.78 78.06 22.30
N LYS F 307 27.98 78.24 20.99
CA LYS F 307 26.94 78.10 19.98
C LYS F 307 27.01 76.68 19.39
N VAL F 308 25.87 75.99 19.31
CA VAL F 308 25.83 74.63 18.79
C VAL F 308 25.57 74.66 17.29
N TRP F 309 26.37 73.93 16.51
CA TRP F 309 26.14 73.89 15.08
C TRP F 309 25.89 72.43 14.68
N LEU F 310 25.24 72.22 13.54
CA LEU F 310 24.87 70.89 13.05
C LEU F 310 25.75 70.51 11.87
N ILE F 311 26.44 69.37 11.98
CA ILE F 311 27.30 68.86 10.90
C ILE F 311 26.47 68.01 9.95
N GLU F 312 26.12 66.79 10.38
CA GLU F 312 25.35 65.84 9.56
C GLU F 312 24.34 65.11 10.43
N VAL F 313 23.39 64.44 9.77
CA VAL F 313 22.43 63.54 10.42
C VAL F 313 22.64 62.13 9.87
N ASN F 314 22.99 61.19 10.74
CA ASN F 314 23.25 59.79 10.36
C ASN F 314 22.02 58.88 10.53
N GLY F 315 21.58 58.28 9.42
CA GLY F 315 20.40 57.42 9.36
C GLY F 315 20.62 56.00 9.87
N ALA F 316 21.86 55.56 9.93
CA ALA F 316 22.24 54.25 10.44
C ALA F 316 23.41 54.38 11.41
N PRO F 317 23.15 54.86 12.62
CA PRO F 317 24.24 55.14 13.55
C PRO F 317 24.68 53.90 14.32
N ALA F 318 25.93 53.94 14.73
CA ALA F 318 26.41 52.96 15.67
C ALA F 318 26.43 53.65 17.03
N CYS F 319 26.26 52.85 18.07
CA CYS F 319 26.17 53.42 19.40
C CYS F 319 27.54 53.38 20.05
N ALA F 320 27.67 54.07 21.17
CA ALA F 320 28.91 53.94 21.92
C ALA F 320 28.97 52.56 22.54
N GLN F 321 30.19 52.10 22.71
CA GLN F 321 30.46 50.74 23.14
C GLN F 321 29.84 50.46 24.50
N LYS F 322 29.95 51.41 25.42
CA LYS F 322 29.51 51.24 26.79
C LYS F 322 28.02 51.48 26.96
N LEU F 323 27.37 52.04 25.95
CA LEU F 323 25.95 52.38 25.99
C LEU F 323 25.11 51.37 25.21
N TYR F 324 25.75 50.57 24.36
CA TYR F 324 24.99 49.65 23.48
C TYR F 324 23.92 48.91 24.28
N ALA F 325 24.26 48.45 25.47
CA ALA F 325 23.29 47.67 26.26
C ALA F 325 22.08 48.56 26.52
N GLU F 326 22.32 49.78 26.97
CA GLU F 326 21.20 50.74 27.14
C GLU F 326 20.83 51.20 25.72
N LEU F 327 19.96 52.18 25.58
CA LEU F 327 19.49 52.55 24.21
C LEU F 327 18.80 51.33 23.61
N CYS F 328 19.57 50.31 23.26
CA CYS F 328 18.99 49.07 22.69
C CYS F 328 17.84 48.59 23.58
N GLN F 329 18.03 48.48 24.90
CA GLN F 329 16.89 48.06 25.70
C GLN F 329 15.77 49.11 25.63
N GLY F 330 16.14 50.39 25.58
CA GLY F 330 15.15 51.43 25.46
C GLY F 330 14.44 51.36 24.12
N ILE F 331 15.19 51.04 23.06
CA ILE F 331 14.60 50.88 21.74
C ILE F 331 13.55 49.79 21.78
N VAL F 332 13.90 48.65 22.38
CA VAL F 332 12.92 47.56 22.51
C VAL F 332 11.70 48.01 23.30
N ASP F 333 11.89 48.80 24.36
CA ASP F 333 10.77 49.19 25.24
C ASP F 333 9.81 50.16 24.55
N VAL F 334 10.34 51.29 24.08
CA VAL F 334 9.49 52.37 23.60
CA VAL F 334 9.47 52.36 23.61
C VAL F 334 9.16 52.29 22.12
N ALA F 335 9.98 51.59 21.32
CA ALA F 335 9.79 51.54 19.87
C ALA F 335 9.15 50.25 19.38
N ILE F 336 9.43 49.13 20.01
CA ILE F 336 8.98 47.83 19.54
C ILE F 336 7.87 47.28 20.42
N SER F 337 8.09 47.24 21.73
CA SER F 337 7.10 46.73 22.66
C SER F 337 5.85 47.60 22.71
N SER F 338 5.96 48.88 22.36
CA SER F 338 4.78 49.75 22.35
C SER F 338 3.79 49.34 21.27
N VAL F 339 4.23 48.66 20.21
CA VAL F 339 3.35 48.16 19.17
C VAL F 339 2.97 46.70 19.41
N PHE F 340 3.92 45.89 19.89
CA PHE F 340 3.72 44.46 20.13
C PHE F 340 4.06 44.25 21.60
N PRO F 341 3.09 44.39 22.50
CA PRO F 341 3.38 44.28 23.94
C PRO F 341 3.82 42.87 24.29
N LEU F 342 4.42 42.75 25.48
CA LEU F 342 4.86 41.46 26.02
C LEU F 342 4.08 41.01 27.25
N ALA F 343 2.84 41.42 27.42
CA ALA F 343 2.07 40.97 28.59
C ALA F 343 2.82 41.17 29.91
N PRO F 344 8.06 53.06 35.35
CA PRO F 344 7.80 54.49 35.50
C PRO F 344 9.04 55.39 35.31
N THR F 345 10.13 54.85 34.78
CA THR F 345 11.33 55.63 34.47
C THR F 345 11.95 55.12 33.17
N SER F 346 12.70 56.00 32.51
CA SER F 346 13.23 55.68 31.20
C SER F 346 14.45 56.55 30.93
N ILE F 347 15.16 56.18 29.88
CA ILE F 347 16.44 56.78 29.58
C ILE F 347 16.33 57.80 28.45
N PHE F 348 15.12 58.27 28.16
CA PHE F 348 14.89 59.21 27.07
C PHE F 348 14.34 60.52 27.61
N ILE F 349 14.37 61.52 26.75
CA ILE F 349 13.83 62.83 27.01
C ILE F 349 12.87 63.13 25.87
N LYS F 350 11.58 63.14 26.17
CA LYS F 350 10.58 63.37 25.13
C LYS F 350 10.67 64.81 24.65
N LEU F 351 11.00 65.01 23.39
CA LEU F 351 10.95 66.35 22.78
C LEU F 351 9.59 66.56 22.10
PG GTP G . -12.45 31.68 -14.49
O1G GTP G . -12.74 31.09 -15.85
O2G GTP G . -13.64 31.45 -13.56
O3G GTP G . -11.15 31.12 -13.97
O3B GTP G . -12.17 33.24 -14.72
PB GTP G . -13.01 34.44 -14.07
O1B GTP G . -14.47 34.08 -13.98
O2B GTP G . -12.72 35.60 -14.99
O3A GTP G . -12.34 34.58 -12.60
PA GTP G . -12.76 35.68 -11.49
O1A GTP G . -13.58 34.96 -10.43
O2A GTP G . -13.50 36.86 -12.09
O5' GTP G . -11.32 36.13 -10.92
C5' GTP G . -10.89 35.91 -9.60
C4' GTP G . -10.43 37.21 -8.98
O4' GTP G . -11.49 38.12 -9.07
C3' GTP G . -10.10 37.11 -7.50
O3' GTP G . -9.08 38.05 -7.25
C2' GTP G . -11.40 37.51 -6.83
O2' GTP G . -11.17 38.09 -5.57
C1' GTP G . -11.91 38.55 -7.80
N9 GTP G . -13.37 38.64 -7.94
C8 GTP G . -14.23 37.71 -8.43
N7 GTP G . -15.46 38.25 -8.44
C5 GTP G . -15.38 39.53 -7.96
C6 GTP G . -16.32 40.55 -7.73
O6 GTP G . -17.53 40.42 -7.97
N1 GTP G . -15.89 41.76 -7.22
C2 GTP G . -14.56 41.96 -6.94
N2 GTP G . -14.17 43.13 -6.45
N3 GTP G . -13.65 40.96 -7.16
C4 GTP G . -14.05 39.77 -7.66
MG MG H . -16.27 32.26 -13.95
CA CA I . -34.76 59.76 -26.37
CA CA J . -17.92 -4.14 -25.65
CA CA K . -14.77 -15.11 -16.18
C13 EP L . -16.74 15.29 19.53
S1 EP L . -17.30 16.66 20.39
C15 EP L . -18.85 16.48 19.64
C16 EP L . -19.97 17.42 19.91
N20 EP L . -18.93 15.47 18.82
C12 EP L . -17.72 14.79 18.73
C10 EP L . -17.64 13.70 17.80
C5 EP L . -17.43 13.62 16.48
C6 EP L . -17.26 14.81 15.57
C3 EP L . -17.45 12.25 15.78
C21 EP L . -16.55 12.21 14.55
C24 EP L . -17.27 11.89 13.25
O26 EP L . -16.44 11.91 12.06
C27 EP L . -17.03 10.66 12.49
C32 EP L . -16.05 9.58 12.93
C35 EP L . -16.39 8.94 14.26
C38 EP L . -16.17 7.42 14.27
C41 EP L . -17.13 6.59 15.15
C43 EP L . -17.88 5.57 14.31
C47 EP L . -16.41 5.91 16.31
O49 EP L . -16.01 4.60 15.90
C51 EP L . -17.20 5.78 17.62
C53 EP L . -17.17 4.38 18.18
C57 EP L . -16.56 6.71 18.65
O58 EP L . -15.51 6.42 19.19
C59 EP L . -17.26 8.02 19.00
C64 EP L . -16.70 8.52 20.33
C60 EP L . -18.77 7.79 19.14
C68 EP L . -16.99 9.06 17.87
O70 EP L . -18.01 10.06 17.92
C72 EP L . -15.63 9.74 17.86
C75 EP L . -15.82 11.03 17.09
O2 EP L . -17.08 11.11 16.61
O76 EP L . -14.98 11.88 16.94
H13 EP L . -15.72 14.94 19.64
H161 EP L . -19.80 17.95 20.85
H162 EP L . -20.05 18.15 19.11
H163 EP L . -20.92 16.89 19.98
H10 EP L . -17.76 12.76 18.30
H61 EP L . -17.89 14.79 14.69
H62 EP L . -17.46 15.76 16.05
H63 EP L . -16.24 14.91 15.18
H3 EP L . -18.49 12.04 15.52
H211 EP L . -15.76 11.48 14.71
H212 EP L . -16.05 13.18 14.44
H24 EP L . -18.23 12.39 13.16
H27 EP L . -17.81 10.28 11.82
H321 EP L . -16.00 8.82 12.15
H322 EP L . -15.05 9.99 12.96
H351 EP L . -15.79 9.41 15.05
H352 EP L . -17.42 9.17 14.53
H381 EP L . -15.14 7.20 14.58
H382 EP L . -16.21 7.04 13.25
H41 EP L . -17.86 7.28 15.57
H431 EP L . -17.23 5.04 13.61
H432 EP L . -18.68 6.01 13.70
H433 EP L . -18.36 4.80 14.92
H47 EP L . -15.52 6.51 16.51
H49 EP L . -15.39 4.71 15.13
H51 EP L . -18.23 6.06 17.43
H531 EP L . -17.75 4.30 19.10
H532 EP L . -16.15 4.06 18.41
H533 EP L . -17.58 3.65 17.47
H641 EP L . -15.61 8.54 20.34
H642 EP L . -17.04 9.53 20.58
H643 EP L . -17.01 7.88 21.16
H601 EP L . -18.98 6.89 19.72
H602 EP L . -19.27 8.62 19.64
H603 EP L . -19.26 7.66 18.18
H68 EP L . -17.04 8.51 16.93
H70 EP L . -18.26 10.19 18.88
H721 EP L . -14.89 9.10 17.38
H722 EP L . -15.27 9.92 18.87
O4 LOC M . -10.65 29.26 -2.43
C12 LOC M . -10.55 29.78 -3.53
C13 LOC M . -10.55 31.28 -3.72
N1 LOC M . -10.40 29.06 -4.65
C11 LOC M . -10.27 27.60 -4.63
C14 LOC M . -8.93 27.11 -4.08
C15 LOC M . -7.85 27.94 -4.19
C10 LOC M . -10.55 27.04 -6.02
C9 LOC M . -10.33 25.52 -6.09
C8 LOC M . -10.81 24.80 -4.86
C7 LOC M . -11.90 23.96 -4.96
C5 LOC M . -12.37 23.32 -3.84
C3 LOC M . -11.81 23.54 -2.62
C1 LOC M . -10.68 24.29 -2.53
O1 LOC M . -10.00 24.32 -1.34
C2 LOC M . -10.55 25.44 -0.69
O2 LOC M . -12.54 23.21 -1.52
C4 LOC M . -11.85 22.32 -0.70
O3 LOC M . -13.33 22.36 -3.83
C6 LOC M . -14.41 22.56 -4.69
C22 LOC M . -10.17 24.96 -3.63
C21 LOC M . -8.94 25.78 -3.52
C20 LOC M . -7.88 25.17 -2.92
C19 LOC M . -6.55 25.56 -2.67
C17 LOC M . -5.91 26.70 -2.99
C16 LOC M . -6.45 27.86 -3.76
O5 LOC M . -5.70 28.79 -4.06
O6 LOC M . -4.63 26.96 -2.59
C18 LOC M . -3.68 25.86 -2.45
H13 LOC M . -10.45 31.56 -4.77
H13A LOC M . -11.47 31.73 -3.35
H13B LOC M . -9.73 31.75 -3.18
HN1 LOC M . -10.40 29.53 -5.55
H11 LOC M . -11.04 27.23 -3.98
H15 LOC M . -8.04 28.87 -4.71
H10 LOC M . -11.56 27.29 -6.33
H10A LOC M . -9.91 27.54 -6.76
H9 LOC M . -9.28 25.29 -6.24
H9A LOC M . -10.83 25.11 -6.97
H7 LOC M . -12.39 23.78 -5.92
H2 LOC M . -9.94 25.53 0.21
H2A LOC M . -10.42 26.24 -1.41
H2B LOC M . -11.59 25.14 -0.51
H4 LOC M . -11.20 21.78 -1.38
H4A LOC M . -12.64 21.72 -0.25
H4B LOC M . -11.33 22.97 0.01
H6 LOC M . -13.95 22.54 -5.68
H6A LOC M . -14.78 23.54 -4.39
H6B LOC M . -15.07 21.74 -4.45
H20 LOC M . -8.06 24.16 -2.57
H19 LOC M . -6.03 24.78 -2.13
H18 LOC M . -3.68 25.19 -3.31
H18A LOC M . -3.89 25.23 -1.58
H18B LOC M . -2.65 26.19 -2.33
PB GDP N . -9.91 -6.35 -3.19
O1B GDP N . -11.35 -6.74 -2.92
O2B GDP N . -9.20 -7.35 -4.08
O3B GDP N . -9.83 -5.04 -3.94
O3A GDP N . -9.06 -6.30 -1.81
PA GDP N . -9.43 -5.52 -0.44
O1A GDP N . -10.03 -6.50 0.57
O2A GDP N . -10.33 -4.32 -0.68
O5' GDP N . -7.95 -5.03 0.00
C5' GDP N . -7.25 -5.43 1.17
C4' GDP N . -6.67 -4.16 1.79
O4' GDP N . -7.78 -3.30 1.95
C3' GDP N . -6.10 -4.41 3.17
O3' GDP N . -4.97 -3.57 3.39
C2' GDP N . -7.25 -4.06 4.12
O2' GDP N . -6.79 -3.51 5.36
C1' GDP N . -7.97 -3.01 3.33
N9 GDP N . -9.42 -3.02 3.53
C8 GDP N . -10.29 -3.95 3.13
N7 GDP N . -11.55 -3.58 3.48
C5 GDP N . -11.48 -2.39 4.09
C6 GDP N . -12.43 -1.43 4.70
O6 GDP N . -13.66 -1.69 4.72
N1 GDP N . -11.92 -0.31 5.24
C2 GDP N . -10.60 -0.04 5.22
N2 GDP N . -10.13 1.10 5.76
N3 GDP N . -9.68 -0.87 4.68
C4 GDP N . -10.07 -2.03 4.12
MG MG O . -10.00 -8.65 1.12
PG GTP P . -1.43 -50.81 -0.32
O1G GTP P . -2.15 -51.57 0.73
O2G GTP P . 0.03 -51.11 -0.33
O3G GTP P . -2.05 -50.94 -1.67
O3B GTP P . -1.56 -49.27 0.11
PB GTP P . -2.59 -48.48 1.04
O1B GTP P . -3.80 -49.31 1.23
O2B GTP P . -2.71 -47.09 0.53
O3A GTP P . -1.77 -48.45 2.42
PA GTP P . -2.03 -47.81 3.86
O1A GTP P . -2.28 -48.90 4.83
O2A GTP P . -3.04 -46.73 3.73
O5' GTP P . -0.60 -47.16 4.14
C5' GTP P . 0.20 -47.67 5.24
C4' GTP P . 0.60 -46.51 6.13
O4' GTP P . -0.59 -45.74 6.43
C3' GTP P . 1.18 -46.89 7.50
O3' GTP P . 2.11 -45.90 7.94
C2' GTP P . -0.06 -46.92 8.40
O2' GTP P . 0.24 -46.70 9.75
C1' GTP P . -0.87 -45.77 7.82
N9 GTP P . -2.30 -45.91 7.98
C8 GTP P . -3.11 -46.89 7.46
N7 GTP P . -4.36 -46.76 7.78
C5 GTP P . -4.39 -45.61 8.57
C6 GTP P . -5.48 -44.98 9.21
O6 GTP P . -6.68 -45.30 9.20
N1 GTP P . -5.07 -43.85 9.90
C2 GTP P . -3.78 -43.38 9.98
N2 GTP P . -3.59 -42.28 10.71
N3 GTP P . -2.75 -43.98 9.39
C4 GTP P . -3.13 -45.09 8.71
MG MG Q . -5.75 -51.04 1.28
CA CA R . -29.99 -26.11 -0.28
C13 EP S . 0.27 -74.95 28.04
S1 EP S . 0.77 -73.96 29.36
C15 EP S . 2.40 -74.07 28.78
C16 EP S . 3.52 -73.42 29.51
N20 EP S . 2.54 -74.78 27.70
C12 EP S . 1.32 -75.30 27.27
C10 EP S . 1.33 -76.12 26.09
C5 EP S . 2.27 -76.54 25.24
C6 EP S . 3.72 -76.15 25.31
C3 EP S . 1.84 -77.41 24.07
C21 EP S . 1.67 -76.58 22.80
C24 EP S . 0.91 -77.19 21.64
O26 EP S . 1.23 -76.62 20.35
C27 EP S . 1.40 -78.04 20.57
C32 EP S . 2.82 -78.57 20.50
C35 EP S . 2.99 -79.89 21.24
C38 EP S . 3.29 -81.07 20.33
C41 EP S . 2.94 -82.44 20.94
C43 EP S . 2.86 -83.52 19.84
C47 EP S . 3.93 -82.85 22.02
O49 EP S . 4.94 -83.63 21.41
C51 EP S . 3.30 -83.57 23.22
C53 EP S . 3.60 -85.07 23.21
C57 EP S . 3.89 -82.95 24.49
O58 EP S . 5.09 -82.87 24.65
C59 EP S . 2.93 -82.39 25.56
C64 EP S . 3.62 -82.27 26.92
C60 EP S . 1.72 -83.33 25.67
C68 EP S . 2.46 -81.00 25.03
O70 EP S . 1.04 -80.90 25.17
C72 EP S . 3.07 -79.74 25.66
C75 EP S . 3.68 -78.87 24.59
O2 EP S . 2.77 -78.46 23.70
O76 EP S . 4.84 -78.57 24.53
H13 EP S . -0.78 -75.23 27.91
H161 EP S . 3.14 -72.73 30.27
H162 EP S . 4.14 -74.16 30.01
H163 EP S . 4.15 -72.86 28.82
H10 EP S . 0.32 -76.47 25.87
H61 EP S . 4.28 -76.68 26.08
H62 EP S . 4.27 -76.31 24.38
H63 EP S . 3.88 -75.09 25.54
H3 EP S . 0.94 -77.94 24.38
H211 EP S . 2.67 -76.31 22.45
H212 EP S . 1.18 -75.63 23.08
H24 EP S . -0.15 -77.32 21.89
H27 EP S . 0.71 -78.65 20.01
H321 EP S . 3.12 -78.70 19.46
H322 EP S . 3.52 -77.83 20.89
H351 EP S . 3.78 -79.77 21.98
H352 EP S . 2.10 -80.08 21.82
H381 EP S . 4.35 -81.07 20.05
H382 EP S . 2.77 -80.95 19.38
H41 EP S . 1.95 -82.36 21.38
H431 EP S . 3.63 -83.39 19.09
H432 EP S . 1.92 -83.51 19.33
H433 EP S . 2.99 -84.52 20.25
H47 EP S . 4.39 -81.95 22.43
H49 EP S . 5.73 -83.05 21.29
H51 EP S . 2.22 -83.47 23.21
H531 EP S . 3.08 -85.57 24.02
H532 EP S . 4.67 -85.25 23.35
H533 EP S . 3.29 -85.52 22.29
H641 EP S . 3.04 -81.68 27.63
H642 EP S . 3.77 -83.25 27.39
H643 EP S . 4.60 -81.81 26.85
H601 EP S . 2.04 -84.36 25.83
H602 EP S . 1.09 -83.05 26.51
H603 EP S . 1.11 -83.31 24.79
H68 EP S . 2.78 -80.97 24.00
H70 EP S . 0.65 -80.72 24.27
H721 EP S . 3.82 -80.03 26.39
H722 EP S . 2.31 -79.20 26.20
PB GDP T . 8.96 -88.79 -1.00
O1B GDP T . 7.54 -89.12 -0.59
O2B GDP T . 8.98 -87.44 -1.67
O3B GDP T . 9.56 -89.79 -1.96
O3A GDP T . 9.94 -88.67 0.28
PA GDP T . 9.51 -88.82 1.83
O1A GDP T . 9.63 -90.26 2.30
O2A GDP T . 8.13 -88.30 2.12
O5' GDP T . 10.67 -87.88 2.45
C5' GDP T . 11.90 -88.30 3.00
C4' GDP T . 12.15 -87.36 4.17
O4' GDP T . 10.87 -87.04 4.70
C3' GDP T . 12.92 -87.98 5.32
O3' GDP T . 13.99 -87.10 5.68
C2' GDP T . 11.94 -88.07 6.47
O2' GDP T . 12.62 -87.72 7.67
C1' GDP T . 10.90 -87.02 6.11
N9 GDP T . 9.52 -87.28 6.50
C8 GDP T . 8.71 -88.21 5.99
N7 GDP T . 7.47 -88.15 6.53
C5 GDP T . 7.47 -87.14 7.42
C6 GDP T . 6.51 -86.52 8.33
O6 GDP T . 5.34 -86.94 8.44
N1 GDP T . 6.92 -85.49 9.06
C2 GDP T . 8.17 -85.00 8.98
N2 GDP T . 8.45 -83.96 9.79
N3 GDP T . 9.12 -85.51 8.17
C4 GDP T . 8.83 -86.56 7.38
MG MG U . 9.36 -91.79 3.66
PG ACP V . 32.28 60.45 9.14
O1G ACP V . 33.13 61.46 9.85
O2G ACP V . 32.83 59.06 9.29
O3G ACP V . 30.84 60.54 9.56
PB ACP V . 31.28 62.25 6.94
O1B ACP V . 29.93 61.72 6.53
O2B ACP V . 32.01 63.09 5.94
C3B ACP V . 32.34 60.83 7.38
PA ACP V . 31.51 64.56 8.68
O1A ACP V . 32.81 64.91 8.04
O2A ACP V . 30.32 65.42 8.38
O3A ACP V . 31.13 63.06 8.30
O5' ACP V . 31.69 64.43 10.26
C5' ACP V . 32.02 65.63 10.99
C4' ACP V . 33.51 65.64 11.27
O4' ACP V . 34.18 66.50 10.32
C3' ACP V . 33.91 66.21 12.64
O3' ACP V . 35.15 65.66 13.07
C2' ACP V . 34.03 67.70 12.36
O2' ACP V . 35.01 68.31 13.18
C1' ACP V . 34.45 67.76 10.89
N9 ACP V . 33.72 68.78 10.14
C8 ACP V . 32.82 68.58 9.13
N7 ACP V . 32.33 69.69 8.65
C5 ACP V . 32.95 70.68 9.38
C6 ACP V . 32.84 72.09 9.34
N6 ACP V . 32.05 72.75 8.50
N1 ACP V . 33.60 72.79 10.22
C2 ACP V . 34.40 72.13 11.06
N3 ACP V . 34.57 70.82 11.19
C4 ACP V . 33.81 70.14 10.31
#